data_8KBZ
#
_entry.id   8KBZ
#
_entity_poly.entity_id   1
_entity_poly.type   'polypeptide(L)'
_entity_poly.pdbx_seq_one_letter_code
;MAQFDTEYQRLEASYSDSPPGEEDLLVHVAEGSKSPWHHIENLDLFFSRVYNLHQKNGFTCMLIGEIFELMQFLFVVAFT
TFLVSCVDYDILFANKMVNHSLHPTEPVKVTLPDAFLPAQVCSARIQENGSLITILVIAGVFWIHRLIKFIYNICCYWEI
HSFYLHALRIPMSALPYCTWQEVQARIVQTQKEHQICIHKRELTELDIYHRILRFQNYMVALVNKSLLPLRFRLPGLGEA
VFFTRGLKYNFELILFWGPGSLFLNEWSLKAEYKRGGQRLELAQRLSNRILWIGIANFLLCPLILIWQILYAFFSYAEVL
KREPGALGARCWSLYGRCYLRHFNELEHELQSRLNRGYKPASKYMNCFLSPLLTLLAKNGAFFAGSILAVLIALTIYDED
VLAVEHVLTTVTLLGVTVTVCRSFIPDQHMVFCPEQLLRVILAHIHYMPDHWQGNAHRSQTRDEFAQLFQYKAVFILEEL
LSPIVTPLILIFCLRPRALEIIDFFRNFTVEVVGVGDTCSFAQMDVRQHGHPQWLSAGQTEASVYQQAEDGKTELSLMHF
AITNPGWQPPRESTAFLGFLKEQVQRDGAAASLAQGGLLPENALFTSIQSLQSESEPLSLIANVVAGSSCRGPPLPRDLQ
GSRHRAEVASALRSFSPLQPGQAPTGRAHSTMTGSGVDARTASSGSSVWEGQLQSLVLSEYASTEMSLHALYMHQLHKQQ
AQAEPERHVWHRRESDESGESAPDEGGEGARAPQSIPRSASYPCAAPRPGAPETTALHGGFQRRYGGITDPGTVPRVPSH
FSRLPLGGWAEDGQSASRHPEPVPEEGSEDELPPQVHKV
;
_entity_poly.pdbx_strand_id   A,B,C
#
# COMPACT_ATOMS: atom_id res chain seq x y z
N PRO A 36 48.49 -6.90 -2.22
CA PRO A 36 48.78 -5.78 -3.13
C PRO A 36 50.02 -6.04 -3.93
N TRP A 37 50.39 -7.32 -4.02
CA TRP A 37 51.64 -7.73 -4.67
C TRP A 37 51.75 -7.55 -6.16
N HIS A 38 52.96 -7.53 -6.70
CA HIS A 38 53.15 -7.29 -8.14
C HIS A 38 52.68 -8.43 -9.06
N HIS A 39 51.40 -8.51 -9.44
CA HIS A 39 50.87 -9.61 -10.30
C HIS A 39 51.32 -11.04 -9.95
N ILE A 40 51.41 -11.39 -8.68
CA ILE A 40 51.90 -12.72 -8.22
C ILE A 40 51.17 -14.07 -8.52
N GLU A 41 49.84 -14.12 -8.49
CA GLU A 41 49.09 -15.39 -8.59
C GLU A 41 48.05 -15.32 -9.67
N ASN A 42 47.46 -16.44 -10.08
CA ASN A 42 46.60 -16.35 -11.24
C ASN A 42 45.54 -15.33 -10.96
N LEU A 43 45.34 -14.44 -11.94
CA LEU A 43 44.43 -13.31 -11.75
C LEU A 43 42.97 -13.60 -11.57
N ASP A 44 42.46 -14.53 -12.33
CA ASP A 44 41.05 -14.73 -12.28
C ASP A 44 40.66 -14.86 -10.84
N LEU A 45 41.46 -15.56 -10.07
CA LEU A 45 41.13 -15.82 -8.68
C LEU A 45 41.28 -14.60 -7.81
N PHE A 46 42.32 -13.82 -8.02
CA PHE A 46 42.55 -12.65 -7.17
C PHE A 46 41.39 -11.70 -7.30
N PHE A 47 41.00 -11.40 -8.53
CA PHE A 47 39.90 -10.50 -8.80
C PHE A 47 38.58 -11.04 -8.31
N SER A 48 38.38 -12.33 -8.44
CA SER A 48 37.14 -12.91 -8.00
C SER A 48 37.02 -12.78 -6.51
N ARG A 49 38.11 -13.02 -5.79
CA ARG A 49 38.16 -12.90 -4.35
C ARG A 49 37.92 -11.48 -3.92
N VAL A 50 38.48 -10.54 -4.67
CA VAL A 50 38.28 -9.14 -4.35
C VAL A 50 36.80 -8.82 -4.45
N TYR A 51 36.17 -9.28 -5.53
CA TYR A 51 34.75 -9.05 -5.73
C TYR A 51 33.90 -9.70 -4.66
N ASN A 52 34.26 -10.91 -4.27
CA ASN A 52 33.53 -11.59 -3.24
C ASN A 52 33.65 -10.87 -1.92
N LEU A 53 34.82 -10.33 -1.61
CA LEU A 53 35.02 -9.58 -0.39
C LEU A 53 34.19 -8.33 -0.44
N HIS A 54 34.06 -7.68 -1.59
CA HIS A 54 33.14 -6.55 -1.61
C HIS A 54 31.72 -6.99 -1.38
N GLN A 55 31.29 -8.12 -1.96
CA GLN A 55 29.90 -8.56 -1.81
C GLN A 55 29.47 -8.95 -0.40
N LYS A 56 30.18 -9.86 0.24
CA LYS A 56 29.99 -10.21 1.65
C LYS A 56 30.69 -9.11 2.41
N ASN A 57 29.94 -8.15 2.93
CA ASN A 57 30.47 -6.81 3.11
C ASN A 57 31.59 -6.84 4.14
N GLY A 58 32.80 -7.10 3.68
CA GLY A 58 33.94 -7.12 4.56
C GLY A 58 34.45 -8.47 5.02
N PHE A 59 35.71 -8.48 5.42
CA PHE A 59 36.35 -9.71 5.84
C PHE A 59 35.67 -10.34 7.03
N THR A 60 35.33 -9.55 8.04
CA THR A 60 34.71 -10.13 9.21
C THR A 60 33.38 -10.77 8.88
N CYS A 61 32.59 -10.06 8.08
CA CYS A 61 31.28 -10.55 7.72
C CYS A 61 31.40 -11.83 6.95
N MET A 62 32.31 -11.83 5.99
CA MET A 62 32.51 -12.99 5.17
C MET A 62 32.97 -14.19 5.97
N LEU A 63 33.86 -13.96 6.92
CA LEU A 63 34.37 -15.03 7.74
C LEU A 63 33.24 -15.62 8.53
N ILE A 64 32.42 -14.76 9.11
CA ILE A 64 31.29 -15.24 9.90
C ILE A 64 30.32 -16.00 9.03
N GLY A 65 30.07 -15.52 7.82
CA GLY A 65 29.14 -16.18 6.95
C GLY A 65 29.61 -17.57 6.65
N GLU A 66 30.89 -17.72 6.33
CA GLU A 66 31.43 -19.05 6.04
C GLU A 66 31.35 -19.96 7.25
N ILE A 67 31.63 -19.41 8.43
CA ILE A 67 31.56 -20.22 9.62
C ILE A 67 30.12 -20.70 9.86
N PHE A 68 29.15 -19.84 9.62
CA PHE A 68 27.74 -20.19 9.76
C PHE A 68 27.35 -21.26 8.77
N GLU A 69 27.89 -21.17 7.56
CA GLU A 69 27.67 -22.17 6.50
C GLU A 69 28.22 -23.51 6.92
N LEU A 70 29.36 -23.53 7.61
CA LEU A 70 29.93 -24.79 8.08
C LEU A 70 29.16 -25.40 9.26
N MET A 71 28.59 -24.55 10.10
CA MET A 71 27.84 -24.95 11.28
C MET A 71 26.44 -25.42 10.95
N GLN A 72 25.90 -24.94 9.84
CA GLN A 72 24.61 -25.43 9.38
C GLN A 72 24.70 -26.87 8.90
N PHE A 73 25.71 -27.17 8.07
CA PHE A 73 25.93 -28.56 7.66
C PHE A 73 26.09 -29.47 8.87
N LEU A 74 27.01 -29.11 9.77
CA LEU A 74 27.27 -29.97 10.93
C LEU A 74 26.04 -30.10 11.82
N PHE A 75 25.23 -29.05 11.91
CA PHE A 75 24.04 -29.10 12.74
C PHE A 75 22.97 -29.98 12.14
N VAL A 76 22.72 -29.87 10.84
CA VAL A 76 21.78 -30.76 10.18
C VAL A 76 22.19 -32.21 10.42
N VAL A 77 23.45 -32.53 10.17
CA VAL A 77 23.89 -33.93 10.27
C VAL A 77 23.84 -34.42 11.71
N ALA A 78 24.30 -33.61 12.67
CA ALA A 78 24.35 -34.06 14.05
C ALA A 78 22.97 -34.10 14.70
N PHE A 79 22.13 -33.11 14.41
CA PHE A 79 20.75 -33.13 14.89
C PHE A 79 20.01 -34.34 14.34
N THR A 80 20.21 -34.65 13.05
CA THR A 80 19.54 -35.79 12.46
C THR A 80 20.00 -37.10 13.08
N THR A 81 21.30 -37.27 13.27
CA THR A 81 21.82 -38.50 13.86
C THR A 81 21.50 -38.62 15.33
N PHE A 82 21.23 -37.50 16.00
CA PHE A 82 20.78 -37.52 17.38
C PHE A 82 19.31 -37.92 17.47
N LEU A 83 18.48 -37.38 16.56
CA LEU A 83 17.08 -37.74 16.49
C LEU A 83 16.90 -39.21 16.13
N VAL A 84 17.70 -39.71 15.20
CA VAL A 84 17.58 -41.09 14.78
C VAL A 84 18.02 -42.02 15.92
N SER A 85 19.13 -41.70 16.59
CA SER A 85 19.89 -42.70 17.32
C SER A 85 19.81 -42.62 18.83
N CYS A 86 19.67 -41.42 19.41
CA CYS A 86 19.83 -41.24 20.85
C CYS A 86 18.52 -41.03 21.59
N VAL A 87 17.45 -40.69 20.91
CA VAL A 87 16.19 -40.31 21.55
C VAL A 87 15.32 -41.54 21.67
N ASP A 88 14.69 -41.71 22.83
CA ASP A 88 13.76 -42.81 23.08
C ASP A 88 12.35 -42.27 22.91
N TYR A 89 11.87 -42.37 21.68
CA TYR A 89 10.58 -41.89 21.32
C TYR A 89 9.46 -42.51 22.10
N ASP A 90 9.55 -43.78 22.47
CA ASP A 90 8.44 -44.37 23.20
C ASP A 90 8.18 -43.67 24.53
N ILE A 91 9.23 -43.43 25.30
CA ILE A 91 9.08 -42.73 26.58
C ILE A 91 8.61 -41.29 26.37
N LEU A 92 9.11 -40.66 25.31
CA LEU A 92 8.73 -39.30 24.99
C LEU A 92 7.25 -39.20 24.68
N PHE A 93 6.71 -40.19 23.96
CA PHE A 93 5.32 -40.12 23.56
C PHE A 93 4.33 -40.53 24.64
N ALA A 94 4.45 -41.75 25.12
CA ALA A 94 3.53 -42.24 26.13
C ALA A 94 4.23 -42.87 27.33
N ASN A 95 5.01 -43.92 27.07
CA ASN A 95 5.47 -44.80 28.14
C ASN A 95 6.64 -44.22 28.95
N LYS A 109 5.00 -36.46 35.72
CA LYS A 109 5.58 -35.39 34.93
C LYS A 109 6.92 -35.82 34.38
N VAL A 110 7.08 -35.78 33.06
CA VAL A 110 8.32 -36.21 32.45
C VAL A 110 9.12 -35.04 31.88
N THR A 111 10.35 -34.91 32.36
CA THR A 111 11.27 -33.88 31.92
C THR A 111 11.80 -34.26 30.54
N LEU A 112 12.21 -33.26 29.78
CA LEU A 112 12.72 -33.55 28.44
C LEU A 112 13.87 -34.54 28.43
N PRO A 113 14.92 -34.29 29.24
CA PRO A 113 16.03 -35.25 29.16
C PRO A 113 15.70 -36.64 29.68
N ASP A 114 14.45 -36.91 30.05
CA ASP A 114 14.08 -38.29 30.38
C ASP A 114 14.06 -39.14 29.13
N ALA A 115 13.98 -38.52 27.96
CA ALA A 115 13.96 -39.28 26.72
C ALA A 115 15.36 -39.72 26.30
N PHE A 116 16.27 -38.77 26.23
CA PHE A 116 17.63 -39.03 25.80
C PHE A 116 18.35 -40.14 26.54
N LEU A 117 19.14 -40.89 25.79
CA LEU A 117 19.93 -41.98 26.35
C LEU A 117 21.31 -41.42 26.64
N PRO A 118 21.99 -41.97 27.63
CA PRO A 118 23.32 -41.51 28.03
C PRO A 118 24.31 -41.74 26.91
N ALA A 119 25.32 -40.88 26.79
CA ALA A 119 26.28 -40.98 25.70
C ALA A 119 27.02 -42.31 25.68
N GLN A 120 27.36 -42.86 26.83
CA GLN A 120 28.03 -44.14 26.90
C GLN A 120 27.19 -45.20 26.16
N VAL A 121 25.91 -44.92 25.97
CA VAL A 121 25.04 -45.83 25.24
C VAL A 121 24.71 -45.30 23.84
N CYS A 122 24.67 -43.98 23.68
CA CYS A 122 24.45 -43.42 22.36
C CYS A 122 25.56 -43.79 21.40
N SER A 123 26.81 -43.77 21.88
CA SER A 123 27.94 -44.13 21.01
C SER A 123 27.81 -45.56 20.51
N ALA A 124 27.47 -46.48 21.40
CA ALA A 124 27.31 -47.87 20.99
C ALA A 124 26.09 -48.05 20.09
N ARG A 125 25.03 -47.28 20.32
CA ARG A 125 23.81 -47.45 19.53
C ARG A 125 23.95 -46.85 18.14
N ILE A 126 24.78 -45.82 18.00
CA ILE A 126 25.07 -45.25 16.68
C ILE A 126 26.18 -45.99 15.97
N GLN A 127 27.06 -46.67 16.70
CA GLN A 127 28.17 -47.39 16.10
C GLN A 127 27.72 -48.72 15.51
N GLU A 128 26.76 -49.40 16.12
CA GLU A 128 26.21 -50.62 15.56
C GLU A 128 25.14 -50.34 14.52
N ASN A 129 25.48 -49.49 13.55
CA ASN A 129 24.63 -49.18 12.41
C ASN A 129 25.53 -48.98 11.21
N GLY A 130 25.74 -50.03 10.43
CA GLY A 130 26.65 -49.95 9.30
C GLY A 130 26.26 -48.88 8.31
N SER A 131 24.96 -48.79 7.99
CA SER A 131 24.49 -47.77 7.08
C SER A 131 24.70 -46.38 7.66
N LEU A 132 24.35 -46.18 8.93
CA LEU A 132 24.50 -44.87 9.55
C LEU A 132 25.97 -44.50 9.68
N ILE A 133 26.81 -45.43 10.10
CA ILE A 133 28.23 -45.14 10.23
C ILE A 133 28.85 -44.82 8.88
N THR A 134 28.41 -45.52 7.83
CA THR A 134 28.95 -45.24 6.50
C THR A 134 28.53 -43.86 6.02
N ILE A 135 27.25 -43.51 6.20
CA ILE A 135 26.80 -42.18 5.81
C ILE A 135 27.53 -41.12 6.61
N LEU A 136 27.78 -41.39 7.89
CA LEU A 136 28.49 -40.42 8.73
C LEU A 136 29.94 -40.28 8.32
N VAL A 137 30.58 -41.36 7.90
CA VAL A 137 31.98 -41.26 7.47
C VAL A 137 32.07 -40.47 6.17
N ILE A 138 31.18 -40.72 5.21
CA ILE A 138 31.19 -39.93 3.99
C ILE A 138 30.87 -38.47 4.28
N ALA A 139 29.91 -38.23 5.19
CA ALA A 139 29.55 -36.87 5.55
C ALA A 139 30.70 -36.16 6.24
N GLY A 140 31.43 -36.87 7.12
CA GLY A 140 32.55 -36.27 7.79
C GLY A 140 33.72 -36.00 6.86
N VAL A 141 33.90 -36.84 5.85
CA VAL A 141 34.96 -36.59 4.88
C VAL A 141 34.63 -35.36 4.04
N PHE A 142 33.38 -35.25 3.57
CA PHE A 142 32.99 -34.02 2.88
C PHE A 142 33.13 -32.81 3.79
N TRP A 143 32.78 -32.97 5.05
CA TRP A 143 32.92 -31.85 5.93
C TRP A 143 34.38 -31.47 6.09
N ILE A 144 35.26 -32.42 6.38
CA ILE A 144 36.66 -32.09 6.59
C ILE A 144 37.24 -31.43 5.35
N HIS A 145 36.87 -31.89 4.16
CA HIS A 145 37.30 -31.23 2.94
C HIS A 145 36.83 -29.79 2.90
N ARG A 146 35.59 -29.55 3.33
CA ARG A 146 35.07 -28.18 3.31
C ARG A 146 35.74 -27.31 4.37
N LEU A 147 36.05 -27.87 5.53
CA LEU A 147 36.74 -27.11 6.57
C LEU A 147 38.17 -26.77 6.14
N ILE A 148 38.85 -27.69 5.48
CA ILE A 148 40.20 -27.43 5.00
C ILE A 148 40.17 -26.36 3.91
N LYS A 149 39.21 -26.45 2.99
CA LYS A 149 39.07 -25.39 1.99
C LYS A 149 38.76 -24.05 2.66
N PHE A 150 38.02 -24.06 3.77
CA PHE A 150 37.70 -22.81 4.45
C PHE A 150 38.92 -22.18 5.09
N ILE A 151 39.76 -23.04 5.66
CA ILE A 151 40.96 -22.56 6.31
C ILE A 151 41.73 -21.67 5.40
N TYR A 152 42.19 -22.26 4.32
CA TYR A 152 42.99 -21.50 3.41
C TYR A 152 42.16 -20.38 2.86
N ASN A 153 40.90 -20.66 2.55
CA ASN A 153 40.06 -19.66 1.97
C ASN A 153 40.25 -18.37 2.74
N ILE A 154 40.40 -18.49 4.05
CA ILE A 154 40.57 -17.30 4.88
C ILE A 154 42.04 -16.89 4.92
N CYS A 155 42.96 -17.86 4.84
CA CYS A 155 44.37 -17.50 4.76
C CYS A 155 44.65 -16.75 3.45
N CYS A 156 43.86 -17.01 2.40
CA CYS A 156 44.04 -16.28 1.15
C CYS A 156 43.24 -14.98 1.12
N TYR A 157 42.20 -14.87 1.95
CA TYR A 157 41.37 -13.67 2.03
C TYR A 157 41.97 -12.60 2.91
N TRP A 158 42.79 -12.98 3.91
CA TRP A 158 43.53 -11.97 4.64
C TRP A 158 44.44 -11.17 3.70
N GLU A 159 44.90 -11.81 2.63
CA GLU A 159 45.70 -11.10 1.64
C GLU A 159 44.87 -10.09 0.87
N ILE A 160 43.62 -10.41 0.56
CA ILE A 160 42.75 -9.45 -0.13
C ILE A 160 42.36 -8.31 0.81
N HIS A 161 42.18 -8.65 2.09
CA HIS A 161 41.87 -7.63 3.10
C HIS A 161 43.00 -6.63 3.22
N SER A 162 44.24 -7.11 3.30
CA SER A 162 45.39 -6.22 3.28
C SER A 162 45.48 -5.46 1.97
N PHE A 163 45.12 -6.09 0.85
CA PHE A 163 45.07 -5.37 -0.43
C PHE A 163 44.17 -4.16 -0.33
N TYR A 164 42.93 -4.37 0.12
CA TYR A 164 42.00 -3.27 0.29
C TYR A 164 42.62 -2.18 1.15
N LEU A 165 42.93 -2.50 2.41
CA LEU A 165 43.35 -1.50 3.38
C LEU A 165 44.59 -0.73 2.92
N HIS A 166 45.57 -1.42 2.32
CA HIS A 166 46.86 -0.78 2.09
C HIS A 166 47.00 -0.22 0.68
N ALA A 167 46.46 -0.90 -0.34
CA ALA A 167 46.60 -0.44 -1.71
C ALA A 167 45.36 0.24 -2.25
N LEU A 168 44.15 -0.20 -1.88
CA LEU A 168 42.94 0.51 -2.27
C LEU A 168 42.54 1.57 -1.26
N ARG A 169 42.90 1.38 0.00
CA ARG A 169 42.68 2.29 1.12
C ARG A 169 41.20 2.38 1.49
N ILE A 170 40.45 1.30 1.33
CA ILE A 170 39.05 1.26 1.73
C ILE A 170 38.95 0.44 3.02
N PRO A 171 38.80 1.05 4.19
CA PRO A 171 38.66 0.27 5.42
C PRO A 171 37.41 -0.61 5.38
N MET A 172 37.42 -1.66 6.21
CA MET A 172 36.28 -2.56 6.23
C MET A 172 35.02 -1.89 6.73
N SER A 173 35.18 -0.74 7.41
CA SER A 173 34.01 0.00 7.86
C SER A 173 33.33 0.73 6.71
N ALA A 174 34.12 1.28 5.78
CA ALA A 174 33.58 1.99 4.64
C ALA A 174 33.25 1.07 3.48
N LEU A 175 33.33 -0.24 3.68
CA LEU A 175 33.13 -1.17 2.57
C LEU A 175 31.66 -1.50 2.28
N PRO A 176 30.77 -1.66 3.26
CA PRO A 176 29.36 -1.87 2.91
C PRO A 176 28.74 -0.72 2.15
N TYR A 177 29.45 0.39 2.21
CA TYR A 177 29.00 1.57 1.51
C TYR A 177 30.06 2.07 0.52
N CYS A 178 31.19 1.38 0.42
CA CYS A 178 32.23 1.91 -0.47
C CYS A 178 31.66 1.90 -1.86
N THR A 179 30.96 0.85 -2.26
CA THR A 179 30.26 0.74 -3.56
C THR A 179 31.14 0.12 -4.63
N TRP A 180 30.55 -0.56 -5.60
CA TRP A 180 31.37 -1.08 -6.70
C TRP A 180 32.03 -0.09 -7.64
N GLN A 181 31.33 0.97 -8.03
CA GLN A 181 31.92 1.83 -9.06
C GLN A 181 33.19 2.48 -8.61
N GLU A 182 33.20 2.96 -7.39
CA GLU A 182 34.40 3.57 -6.86
C GLU A 182 35.54 2.58 -6.74
N VAL A 183 35.24 1.38 -6.29
CA VAL A 183 36.30 0.42 -6.08
C VAL A 183 36.87 0.16 -7.44
N GLN A 184 36.01 0.09 -8.43
CA GLN A 184 36.47 -0.23 -9.74
C GLN A 184 37.38 0.88 -10.07
N ALA A 185 36.95 2.07 -9.70
CA ALA A 185 37.78 3.22 -9.96
C ALA A 185 39.02 3.18 -9.10
N ARG A 186 38.99 2.41 -8.01
CA ARG A 186 40.13 2.48 -7.14
C ARG A 186 41.12 1.49 -7.71
N ILE A 187 40.69 0.27 -7.98
CA ILE A 187 41.58 -0.78 -8.49
C ILE A 187 42.28 -0.32 -9.77
N VAL A 188 41.53 0.28 -10.69
CA VAL A 188 42.10 0.67 -11.98
C VAL A 188 43.09 1.82 -11.80
N GLN A 189 42.86 2.69 -10.82
CA GLN A 189 43.83 3.74 -10.54
C GLN A 189 45.05 3.20 -9.80
N THR A 190 44.83 2.18 -8.96
CA THR A 190 45.93 1.51 -8.26
C THR A 190 46.87 0.81 -9.22
N GLN A 191 46.35 0.32 -10.35
CA GLN A 191 47.17 -0.43 -11.31
C GLN A 191 48.49 0.27 -11.62
N LYS A 192 48.50 1.60 -11.56
CA LYS A 192 49.70 2.33 -12.01
C LYS A 192 50.88 2.34 -11.03
N GLU A 193 50.70 2.96 -9.89
CA GLU A 193 51.81 3.11 -8.95
C GLU A 193 52.31 1.77 -8.47
N HIS A 194 51.41 0.85 -8.20
CA HIS A 194 51.83 -0.41 -7.66
C HIS A 194 51.73 -1.41 -8.75
N GLN A 195 52.82 -2.14 -8.99
CA GLN A 195 52.81 -3.08 -10.09
C GLN A 195 51.81 -4.20 -9.88
N ILE A 196 51.06 -4.54 -10.92
CA ILE A 196 50.13 -5.65 -10.87
C ILE A 196 49.98 -6.08 -12.30
N CYS A 197 49.52 -7.28 -12.54
CA CYS A 197 49.41 -7.80 -13.90
C CYS A 197 50.77 -7.82 -14.58
N ILE A 198 50.84 -8.44 -15.74
CA ILE A 198 52.12 -8.54 -16.43
C ILE A 198 52.73 -7.17 -16.57
N HIS A 199 51.92 -6.14 -16.81
CA HIS A 199 52.39 -4.77 -17.07
C HIS A 199 52.64 -4.67 -18.53
N LYS A 200 52.41 -5.78 -19.22
CA LYS A 200 52.47 -5.71 -20.63
C LYS A 200 51.33 -4.75 -20.94
N ARG A 201 50.16 -5.02 -20.37
CA ARG A 201 48.99 -4.16 -20.63
C ARG A 201 48.31 -3.56 -19.40
N GLU A 202 48.04 -2.26 -19.42
CA GLU A 202 47.31 -1.61 -18.32
C GLU A 202 45.82 -2.02 -18.27
N LEU A 203 45.24 -2.06 -17.07
CA LEU A 203 43.84 -2.47 -16.95
C LEU A 203 42.89 -1.61 -17.77
N THR A 204 41.75 -2.16 -18.18
CA THR A 204 40.79 -1.41 -19.02
C THR A 204 39.36 -1.70 -18.57
N GLU A 205 39.18 -2.11 -17.32
CA GLU A 205 37.88 -2.09 -16.67
C GLU A 205 36.92 -3.14 -17.23
N LEU A 206 37.26 -3.71 -18.38
CA LEU A 206 36.52 -4.86 -18.91
C LEU A 206 37.33 -6.12 -18.70
N ASP A 207 38.65 -5.98 -18.61
CA ASP A 207 39.50 -7.09 -18.20
C ASP A 207 39.04 -7.65 -16.86
N ILE A 208 38.76 -6.80 -15.88
CA ILE A 208 38.32 -7.31 -14.59
C ILE A 208 37.02 -8.08 -14.75
N TYR A 209 36.14 -7.62 -15.64
CA TYR A 209 34.87 -8.29 -15.87
C TYR A 209 35.09 -9.69 -16.46
N HIS A 210 35.94 -9.78 -17.48
CA HIS A 210 36.27 -11.06 -18.08
C HIS A 210 36.89 -12.00 -17.06
N ARG A 211 37.80 -11.48 -16.23
CA ARG A 211 38.42 -12.33 -15.21
C ARG A 211 37.40 -12.90 -14.25
N ILE A 212 36.47 -12.08 -13.76
CA ILE A 212 35.53 -12.58 -12.77
C ILE A 212 34.49 -13.49 -13.43
N LEU A 213 34.16 -13.24 -14.69
CA LEU A 213 33.02 -13.90 -15.33
C LEU A 213 33.39 -14.76 -16.53
N ARG A 214 34.60 -15.29 -16.60
CA ARG A 214 34.99 -16.12 -17.74
C ARG A 214 34.07 -17.31 -17.93
N PHE A 215 33.88 -18.13 -16.88
CA PHE A 215 33.11 -19.35 -17.04
C PHE A 215 31.61 -19.07 -17.05
N GLN A 216 31.20 -17.97 -16.43
CA GLN A 216 29.79 -17.61 -16.43
C GLN A 216 29.34 -17.06 -17.78
N ASN A 217 30.22 -16.37 -18.50
CA ASN A 217 29.87 -16.02 -19.87
C ASN A 217 29.73 -17.26 -20.74
N TYR A 218 30.53 -18.29 -20.45
CA TYR A 218 30.41 -19.54 -21.19
C TYR A 218 29.08 -20.22 -20.90
N MET A 219 28.66 -20.22 -19.64
CA MET A 219 27.34 -20.77 -19.32
C MET A 219 26.23 -19.97 -19.99
N VAL A 220 26.34 -18.65 -19.98
CA VAL A 220 25.32 -17.81 -20.61
C VAL A 220 25.23 -18.12 -22.11
N ALA A 221 26.37 -18.31 -22.77
CA ALA A 221 26.36 -18.56 -24.21
C ALA A 221 25.94 -19.99 -24.52
N LEU A 222 26.23 -20.92 -23.64
CA LEU A 222 25.78 -22.30 -23.82
C LEU A 222 24.26 -22.38 -23.73
N VAL A 223 23.69 -21.82 -22.67
CA VAL A 223 22.24 -21.84 -22.51
C VAL A 223 21.56 -20.99 -23.57
N ASN A 224 22.24 -19.95 -24.05
CA ASN A 224 21.64 -19.03 -25.02
C ASN A 224 21.53 -19.67 -26.39
N LYS A 225 22.44 -20.58 -26.74
CA LYS A 225 22.43 -21.22 -28.04
C LYS A 225 21.88 -22.64 -28.01
N SER A 226 21.18 -22.99 -26.93
CA SER A 226 20.37 -24.19 -26.84
C SER A 226 21.17 -25.47 -26.81
N LEU A 227 22.49 -25.41 -26.56
CA LEU A 227 23.18 -26.59 -26.05
C LEU A 227 22.71 -26.82 -24.62
N LEU A 228 23.29 -27.81 -23.94
CA LEU A 228 22.92 -27.99 -22.54
C LEU A 228 21.44 -28.31 -22.37
N PRO A 229 21.05 -29.57 -22.51
CA PRO A 229 19.62 -29.94 -22.43
C PRO A 229 18.87 -29.41 -21.22
N LEU A 230 17.89 -28.54 -21.46
CA LEU A 230 17.02 -28.04 -20.41
C LEU A 230 15.56 -28.41 -20.65
N ARG A 231 15.09 -28.27 -21.89
CA ARG A 231 13.70 -28.58 -22.23
C ARG A 231 13.49 -30.08 -22.29
N PHE A 232 12.41 -30.53 -21.66
CA PHE A 232 12.03 -31.93 -21.69
C PHE A 232 10.55 -32.01 -22.00
N ARG A 233 10.13 -33.10 -22.62
CA ARG A 233 8.73 -33.29 -22.96
C ARG A 233 8.16 -34.38 -22.06
N LEU A 234 7.58 -33.97 -20.95
CA LEU A 234 7.00 -34.92 -20.02
C LEU A 234 5.60 -35.30 -20.47
N PRO A 235 5.20 -36.57 -20.31
CA PRO A 235 3.81 -36.92 -20.56
C PRO A 235 2.90 -36.39 -19.46
N GLY A 236 1.73 -35.90 -19.86
CA GLY A 236 0.82 -35.29 -18.93
C GLY A 236 1.12 -33.85 -18.60
N LEU A 237 2.17 -33.27 -19.18
CA LEU A 237 2.53 -31.89 -18.94
C LEU A 237 3.16 -31.33 -20.22
N GLY A 238 3.26 -30.01 -20.27
CA GLY A 238 3.94 -29.37 -21.37
C GLY A 238 5.43 -29.64 -21.34
N GLU A 239 6.17 -28.89 -22.13
CA GLU A 239 7.62 -29.02 -22.12
C GLU A 239 8.17 -28.41 -20.84
N ALA A 240 8.58 -29.26 -19.91
CA ALA A 240 9.16 -28.80 -18.67
C ALA A 240 10.59 -28.31 -18.90
N VAL A 241 11.03 -27.40 -18.04
CA VAL A 241 12.43 -26.99 -17.97
C VAL A 241 12.98 -27.45 -16.64
N PHE A 242 14.07 -28.21 -16.68
CA PHE A 242 14.69 -28.73 -15.47
C PHE A 242 16.15 -28.27 -15.45
N PHE A 243 16.38 -27.14 -14.79
CA PHE A 243 17.70 -26.58 -14.57
C PHE A 243 17.84 -26.26 -13.09
N THR A 244 18.72 -26.97 -12.41
CA THR A 244 18.88 -26.85 -10.98
C THR A 244 20.29 -26.38 -10.64
N ARG A 245 20.54 -26.32 -9.34
CA ARG A 245 21.85 -26.01 -8.78
C ARG A 245 22.88 -27.12 -8.99
N GLY A 246 22.47 -28.37 -8.76
CA GLY A 246 23.31 -29.54 -8.95
C GLY A 246 23.61 -29.81 -10.40
N LEU A 247 22.64 -29.57 -11.28
CA LEU A 247 22.86 -29.80 -12.71
C LEU A 247 23.88 -28.83 -13.27
N LYS A 248 23.77 -27.55 -12.93
CA LYS A 248 24.73 -26.57 -13.40
C LYS A 248 26.11 -26.78 -12.79
N TYR A 249 26.14 -27.23 -11.53
CA TYR A 249 27.39 -27.63 -10.91
C TYR A 249 28.06 -28.75 -11.70
N ASN A 250 27.29 -29.76 -12.09
CA ASN A 250 27.85 -30.86 -12.87
C ASN A 250 28.32 -30.38 -14.24
N PHE A 251 27.58 -29.48 -14.87
CA PHE A 251 28.00 -28.97 -16.18
C PHE A 251 29.34 -28.25 -16.07
N GLU A 252 29.52 -27.45 -15.00
CA GLU A 252 30.76 -26.72 -14.83
C GLU A 252 31.91 -27.66 -14.42
N LEU A 253 31.62 -28.65 -13.60
CA LEU A 253 32.63 -29.65 -13.25
C LEU A 253 33.06 -30.45 -14.46
N ILE A 254 32.15 -30.66 -15.42
CA ILE A 254 32.50 -31.40 -16.63
C ILE A 254 33.31 -30.52 -17.57
N LEU A 255 32.93 -29.25 -17.69
CA LEU A 255 33.48 -28.45 -18.79
C LEU A 255 34.69 -27.65 -18.36
N PHE A 256 34.68 -27.08 -17.15
CA PHE A 256 35.57 -26.00 -16.77
C PHE A 256 36.61 -26.35 -15.71
N TRP A 257 36.21 -26.84 -14.54
CA TRP A 257 37.18 -27.09 -13.47
C TRP A 257 37.14 -28.56 -13.07
N GLY A 258 38.17 -29.29 -13.45
CA GLY A 258 38.29 -30.66 -13.04
C GLY A 258 39.65 -31.22 -13.37
N PRO A 259 39.78 -32.55 -13.30
CA PRO A 259 41.07 -33.16 -13.67
C PRO A 259 41.35 -33.10 -15.15
N GLY A 260 40.37 -33.40 -15.99
CA GLY A 260 40.58 -33.45 -17.42
C GLY A 260 39.64 -32.55 -18.21
N SER A 261 39.38 -31.36 -17.70
CA SER A 261 38.39 -30.48 -18.30
C SER A 261 38.85 -29.95 -19.65
N LEU A 262 38.08 -29.00 -20.17
CA LEU A 262 38.46 -28.31 -21.39
C LEU A 262 39.60 -27.34 -21.13
N PHE A 263 39.72 -26.85 -19.90
CA PHE A 263 40.67 -25.82 -19.54
C PHE A 263 41.76 -26.40 -18.65
N LEU A 264 43.01 -25.97 -18.86
CA LEU A 264 44.13 -26.46 -18.09
C LEU A 264 44.59 -25.47 -17.03
N ASN A 265 44.44 -24.18 -17.28
CA ASN A 265 45.00 -23.13 -16.45
C ASN A 265 43.99 -22.42 -15.57
N GLU A 266 42.72 -22.37 -15.99
CA GLU A 266 41.64 -21.47 -15.59
C GLU A 266 41.63 -20.20 -16.43
N TRP A 267 42.62 -19.97 -17.28
CA TRP A 267 42.55 -18.88 -18.24
C TRP A 267 43.03 -19.26 -19.62
N SER A 268 43.20 -20.55 -19.92
CA SER A 268 43.68 -20.98 -21.21
C SER A 268 43.03 -22.31 -21.56
N LEU A 269 42.57 -22.43 -22.80
CA LEU A 269 41.97 -23.67 -23.30
C LEU A 269 43.09 -24.62 -23.70
N LYS A 270 42.86 -25.91 -23.46
CA LYS A 270 43.85 -26.92 -23.82
C LYS A 270 44.11 -26.85 -25.31
N ALA A 271 45.31 -27.26 -25.73
CA ALA A 271 45.79 -26.90 -27.06
C ALA A 271 45.08 -27.65 -28.16
N GLU A 272 44.55 -28.84 -27.87
CA GLU A 272 43.96 -29.66 -28.91
C GLU A 272 42.59 -29.13 -29.32
N TYR A 273 41.88 -28.52 -28.39
CA TYR A 273 40.51 -28.07 -28.67
C TYR A 273 40.49 -26.92 -29.67
N LYS A 274 41.63 -26.25 -29.85
CA LYS A 274 41.69 -25.19 -30.84
C LYS A 274 41.92 -25.75 -32.23
N ARG A 275 42.23 -27.04 -32.35
CA ARG A 275 42.53 -27.64 -33.65
C ARG A 275 41.26 -28.16 -34.31
N GLY A 276 41.11 -27.84 -35.61
CA GLY A 276 39.95 -28.31 -36.33
C GLY A 276 39.91 -29.81 -36.48
N GLY A 277 41.03 -30.43 -36.81
CA GLY A 277 41.09 -31.87 -36.92
C GLY A 277 40.89 -32.53 -35.57
N GLN A 278 40.96 -33.87 -35.59
CA GLN A 278 40.81 -34.71 -34.40
C GLN A 278 39.59 -34.36 -33.56
N ARG A 279 38.56 -33.76 -34.17
CA ARG A 279 37.37 -33.39 -33.43
C ARG A 279 36.60 -34.62 -32.96
N LEU A 280 36.66 -35.71 -33.71
CA LEU A 280 35.85 -36.89 -33.39
C LEU A 280 36.42 -37.65 -32.20
N GLU A 281 37.75 -37.77 -32.12
CA GLU A 281 38.35 -38.42 -30.94
C GLU A 281 38.15 -37.57 -29.69
N LEU A 282 38.23 -36.25 -29.84
CA LEU A 282 37.94 -35.37 -28.71
C LEU A 282 36.49 -35.51 -28.26
N ALA A 283 35.57 -35.63 -29.22
CA ALA A 283 34.17 -35.84 -28.88
C ALA A 283 33.97 -37.14 -28.14
N GLN A 284 34.64 -38.22 -28.58
CA GLN A 284 34.53 -39.49 -27.89
C GLN A 284 35.10 -39.40 -26.49
N ARG A 285 36.22 -38.70 -26.32
CA ARG A 285 36.81 -38.55 -25.00
C ARG A 285 35.90 -37.75 -24.07
N LEU A 286 35.32 -36.67 -24.58
CA LEU A 286 34.38 -35.89 -23.78
C LEU A 286 33.15 -36.71 -23.41
N SER A 287 32.64 -37.51 -24.35
CA SER A 287 31.49 -38.36 -24.07
C SER A 287 31.81 -39.37 -22.97
N ASN A 288 33.00 -39.96 -23.01
CA ASN A 288 33.36 -40.91 -21.96
C ASN A 288 33.53 -40.21 -20.60
N ARG A 289 34.11 -39.02 -20.62
CA ARG A 289 34.27 -38.25 -19.39
C ARG A 289 32.92 -37.94 -18.76
N ILE A 290 31.96 -37.47 -19.56
CA ILE A 290 30.65 -37.14 -19.02
C ILE A 290 29.88 -38.40 -18.65
N LEU A 291 30.12 -39.52 -19.33
CA LEU A 291 29.52 -40.78 -18.91
C LEU A 291 29.97 -41.14 -17.49
N TRP A 292 31.27 -41.03 -17.22
CA TRP A 292 31.75 -41.46 -15.92
C TRP A 292 31.40 -40.46 -14.82
N ILE A 293 31.30 -39.18 -15.15
CA ILE A 293 30.83 -38.21 -14.18
C ILE A 293 29.35 -38.43 -13.87
N GLY A 294 28.56 -38.77 -14.89
CA GLY A 294 27.18 -39.13 -14.65
C GLY A 294 27.04 -40.37 -13.80
N ILE A 295 27.94 -41.34 -13.96
CA ILE A 295 27.87 -42.55 -13.16
C ILE A 295 28.26 -42.26 -11.70
N ALA A 296 29.23 -41.38 -11.50
CA ALA A 296 29.53 -40.92 -10.14
C ALA A 296 28.33 -40.24 -9.51
N ASN A 297 27.62 -39.43 -10.29
CA ASN A 297 26.37 -38.83 -9.81
C ASN A 297 25.34 -39.89 -9.44
N PHE A 298 25.18 -40.91 -10.29
CA PHE A 298 24.19 -41.94 -10.03
C PHE A 298 24.54 -42.73 -8.77
N LEU A 299 25.84 -42.90 -8.50
CA LEU A 299 26.25 -43.64 -7.31
C LEU A 299 26.11 -42.79 -6.05
N LEU A 300 26.33 -41.49 -6.15
CA LEU A 300 26.15 -40.56 -5.03
C LEU A 300 24.70 -40.15 -4.84
N CYS A 301 23.80 -40.56 -5.74
CA CYS A 301 22.39 -40.24 -5.62
C CYS A 301 21.79 -40.42 -4.22
N PRO A 302 21.93 -41.55 -3.54
CA PRO A 302 21.26 -41.68 -2.23
C PRO A 302 21.68 -40.63 -1.22
N LEU A 303 22.96 -40.28 -1.19
CA LEU A 303 23.46 -39.38 -0.16
C LEU A 303 22.97 -37.95 -0.40
N ILE A 304 23.03 -37.48 -1.64
CA ILE A 304 22.53 -36.15 -1.95
C ILE A 304 21.02 -36.09 -1.80
N LEU A 305 20.33 -37.21 -2.09
CA LEU A 305 18.90 -37.23 -1.85
C LEU A 305 18.58 -37.07 -0.37
N ILE A 306 19.36 -37.80 0.42
CA ILE A 306 19.18 -37.73 1.85
C ILE A 306 19.31 -36.30 2.28
N TRP A 307 20.43 -35.69 1.96
CA TRP A 307 20.63 -34.35 2.43
C TRP A 307 19.57 -33.47 1.85
N GLN A 308 19.28 -33.67 0.57
CA GLN A 308 18.26 -32.87 -0.06
C GLN A 308 16.91 -33.12 0.54
N ILE A 309 16.60 -34.38 0.79
CA ILE A 309 15.33 -34.71 1.42
C ILE A 309 15.35 -34.10 2.78
N LEU A 310 16.49 -34.21 3.44
CA LEU A 310 16.57 -33.74 4.81
C LEU A 310 16.54 -32.24 4.91
N TYR A 311 17.59 -31.59 4.42
CA TYR A 311 17.68 -30.18 4.61
C TYR A 311 16.39 -29.53 4.20
N ALA A 312 15.83 -29.99 3.08
CA ALA A 312 14.64 -29.32 2.61
C ALA A 312 13.50 -29.45 3.58
N PHE A 313 13.33 -30.64 4.14
CA PHE A 313 12.17 -30.81 4.97
C PHE A 313 12.31 -29.85 6.10
N PHE A 314 13.51 -29.77 6.63
CA PHE A 314 13.73 -28.89 7.75
C PHE A 314 13.50 -27.46 7.37
N SER A 315 13.97 -27.07 6.19
CA SER A 315 13.92 -25.65 5.85
C SER A 315 12.55 -25.04 5.73
N TYR A 316 11.62 -25.76 5.15
CA TYR A 316 10.33 -25.14 4.91
C TYR A 316 9.22 -25.71 5.77
N ALA A 317 9.50 -26.80 6.47
CA ALA A 317 8.43 -27.28 7.33
C ALA A 317 8.06 -26.23 8.36
N GLU A 318 9.04 -25.51 8.90
CA GLU A 318 8.67 -24.38 9.74
C GLU A 318 7.80 -23.38 8.97
N VAL A 319 8.25 -22.99 7.77
CA VAL A 319 7.49 -22.00 7.01
C VAL A 319 6.08 -22.52 6.68
N LEU A 320 5.97 -23.82 6.39
CA LEU A 320 4.66 -24.40 6.09
C LEU A 320 3.72 -24.27 7.26
N LYS A 321 4.19 -24.59 8.47
CA LYS A 321 3.31 -24.47 9.63
C LYS A 321 2.94 -23.01 9.89
N ARG A 322 3.85 -22.08 9.60
CA ARG A 322 3.52 -20.67 9.83
C ARG A 322 2.56 -20.15 8.77
N GLU A 323 3.02 -20.01 7.53
CA GLU A 323 2.27 -19.37 6.45
C GLU A 323 2.31 -20.25 5.22
N PRO A 324 1.34 -21.15 5.07
CA PRO A 324 1.39 -22.09 3.92
C PRO A 324 1.34 -21.41 2.58
N GLY A 325 1.04 -20.12 2.52
CA GLY A 325 1.01 -19.40 1.27
C GLY A 325 2.29 -18.70 0.91
N ALA A 326 3.31 -18.80 1.76
CA ALA A 326 4.61 -18.27 1.40
C ALA A 326 5.26 -19.09 0.29
N LEU A 327 4.93 -20.38 0.24
CA LEU A 327 5.42 -21.25 -0.83
C LEU A 327 4.63 -21.07 -2.11
N GLY A 328 3.54 -20.31 -2.08
CA GLY A 328 2.84 -19.95 -3.31
C GLY A 328 3.40 -18.73 -3.98
N ALA A 329 4.24 -17.97 -3.30
CA ALA A 329 4.94 -16.87 -3.94
C ALA A 329 5.96 -17.42 -4.92
N ARG A 330 6.34 -16.60 -5.87
CA ARG A 330 7.15 -17.06 -6.98
C ARG A 330 8.53 -16.44 -6.97
N CYS A 331 9.52 -17.20 -7.43
CA CYS A 331 10.92 -16.82 -7.41
C CYS A 331 11.48 -16.89 -8.82
N TRP A 332 12.66 -16.33 -9.02
CA TRP A 332 13.10 -16.03 -10.37
C TRP A 332 13.89 -17.16 -11.03
N SER A 333 13.73 -18.42 -10.61
CA SER A 333 13.96 -19.52 -11.56
C SER A 333 15.35 -19.64 -12.16
N LEU A 334 16.26 -20.39 -11.52
CA LEU A 334 17.63 -20.56 -12.01
C LEU A 334 17.73 -20.57 -13.53
N TYR A 335 16.86 -21.29 -14.23
CA TYR A 335 16.69 -21.03 -15.65
C TYR A 335 15.83 -19.77 -15.80
N GLY A 336 16.43 -18.69 -16.27
CA GLY A 336 15.77 -17.42 -16.12
C GLY A 336 16.71 -16.41 -15.48
N ARG A 337 17.43 -16.85 -14.45
CA ARG A 337 18.63 -16.13 -14.03
C ARG A 337 19.72 -16.25 -15.08
N CYS A 338 19.71 -17.35 -15.84
CA CYS A 338 20.71 -17.54 -16.88
C CYS A 338 20.19 -17.09 -18.23
N TYR A 339 18.87 -17.02 -18.37
CA TYR A 339 18.26 -16.59 -19.63
C TYR A 339 18.20 -15.08 -19.73
N LEU A 340 17.88 -14.40 -18.64
CA LEU A 340 17.69 -12.95 -18.64
C LEU A 340 18.97 -12.19 -18.36
N ARG A 341 20.08 -12.90 -18.21
CA ARG A 341 21.35 -12.32 -17.85
C ARG A 341 22.15 -11.81 -19.04
N HIS A 342 22.66 -10.59 -18.98
CA HIS A 342 23.52 -10.07 -20.04
C HIS A 342 24.86 -10.78 -19.98
N PHE A 343 25.74 -10.54 -20.94
CA PHE A 343 26.99 -11.27 -20.97
C PHE A 343 27.89 -10.93 -19.80
N ASN A 344 28.47 -9.72 -19.77
CA ASN A 344 29.42 -9.35 -18.72
C ASN A 344 28.68 -8.63 -17.60
N GLU A 345 27.87 -9.39 -16.87
CA GLU A 345 27.00 -8.84 -15.85
C GLU A 345 27.30 -9.51 -14.52
N LEU A 346 27.85 -8.74 -13.59
CA LEU A 346 28.14 -9.28 -12.29
C LEU A 346 26.85 -9.64 -11.57
N GLU A 347 26.96 -10.47 -10.54
CA GLU A 347 25.78 -11.03 -9.94
C GLU A 347 24.87 -9.96 -9.36
N HIS A 348 25.44 -8.89 -8.81
CA HIS A 348 24.62 -7.89 -8.13
C HIS A 348 23.85 -7.05 -9.14
N GLU A 349 24.37 -6.89 -10.36
CA GLU A 349 23.63 -6.16 -11.36
C GLU A 349 22.43 -6.95 -11.87
N LEU A 350 22.63 -8.25 -12.10
CA LEU A 350 21.52 -9.12 -12.46
C LEU A 350 20.46 -9.12 -11.37
N GLN A 351 20.86 -9.26 -10.11
CA GLN A 351 19.85 -9.32 -9.05
C GLN A 351 19.15 -7.99 -8.84
N SER A 352 19.85 -6.87 -9.04
CA SER A 352 19.18 -5.58 -8.99
C SER A 352 18.11 -5.49 -10.08
N ARG A 353 18.45 -5.89 -11.30
CA ARG A 353 17.45 -5.92 -12.38
C ARG A 353 16.31 -6.88 -12.06
N LEU A 354 16.61 -7.97 -11.38
CA LEU A 354 15.62 -9.03 -11.17
C LEU A 354 14.62 -8.66 -10.08
N ASN A 355 15.04 -7.86 -9.11
CA ASN A 355 14.07 -7.48 -8.09
C ASN A 355 13.45 -6.11 -8.37
N ARG A 356 14.05 -5.33 -9.21
CA ARG A 356 13.41 -4.12 -9.61
C ARG A 356 12.16 -4.60 -10.35
N GLY A 357 12.27 -5.69 -11.10
CA GLY A 357 11.19 -6.20 -11.90
C GLY A 357 10.40 -7.36 -11.34
N TYR A 358 10.28 -7.46 -10.01
CA TYR A 358 9.64 -8.61 -9.39
C TYR A 358 8.16 -8.37 -9.15
N LYS A 359 7.82 -7.19 -8.62
CA LYS A 359 6.41 -6.90 -8.34
C LYS A 359 5.57 -6.73 -9.60
N PRO A 360 6.04 -6.10 -10.67
CA PRO A 360 5.30 -6.18 -11.94
C PRO A 360 5.01 -7.61 -12.35
N ALA A 361 5.97 -8.51 -12.17
CA ALA A 361 5.80 -9.88 -12.62
C ALA A 361 4.80 -10.62 -11.75
N SER A 362 4.75 -10.31 -10.45
CA SER A 362 3.73 -10.93 -9.61
C SER A 362 2.33 -10.39 -9.94
N LYS A 363 2.24 -9.09 -10.27
CA LYS A 363 0.98 -8.53 -10.72
C LYS A 363 0.52 -9.19 -12.01
N TYR A 364 1.46 -9.52 -12.90
CA TYR A 364 1.10 -10.24 -14.11
C TYR A 364 0.61 -11.65 -13.79
N MET A 365 1.36 -12.40 -13.00
CA MET A 365 1.01 -13.79 -12.77
C MET A 365 -0.32 -13.91 -12.04
N ASN A 366 -0.69 -12.91 -11.23
CA ASN A 366 -1.95 -13.02 -10.50
C ASN A 366 -3.15 -12.48 -11.29
N CYS A 367 -2.92 -11.86 -12.45
CA CYS A 367 -3.98 -11.18 -13.21
C CYS A 367 -4.95 -12.04 -13.98
N PHE A 368 -4.62 -13.29 -14.17
CA PHE A 368 -5.48 -14.18 -14.91
C PHE A 368 -6.04 -15.16 -13.90
N LEU A 369 -7.37 -15.28 -13.83
CA LEU A 369 -8.01 -16.21 -12.90
C LEU A 369 -9.16 -16.93 -13.56
N SER A 370 -9.48 -18.15 -13.13
CA SER A 370 -10.53 -18.85 -13.83
C SER A 370 -11.86 -18.23 -13.52
N PRO A 371 -12.62 -17.95 -14.58
CA PRO A 371 -13.97 -17.44 -14.34
C PRO A 371 -14.74 -18.50 -13.65
N LEU A 372 -14.55 -19.72 -14.08
CA LEU A 372 -15.33 -20.81 -13.54
C LEU A 372 -15.04 -20.87 -12.09
N LEU A 373 -13.77 -20.95 -11.78
CA LEU A 373 -13.45 -20.94 -10.36
C LEU A 373 -14.09 -19.73 -9.67
N THR A 374 -14.15 -18.59 -10.35
CA THR A 374 -14.81 -17.42 -9.79
C THR A 374 -16.29 -17.68 -9.55
N LEU A 375 -16.96 -18.30 -10.50
CA LEU A 375 -18.38 -18.60 -10.36
C LEU A 375 -18.62 -19.63 -9.27
N LEU A 376 -17.79 -20.68 -9.22
CA LEU A 376 -17.91 -21.67 -8.16
C LEU A 376 -17.68 -21.03 -6.80
N ALA A 377 -16.73 -20.09 -6.70
CA ALA A 377 -16.49 -19.39 -5.46
C ALA A 377 -17.68 -18.57 -5.03
N LYS A 378 -18.21 -17.76 -5.96
CA LYS A 378 -19.37 -16.93 -5.65
C LYS A 378 -20.54 -17.76 -5.13
N ASN A 379 -20.83 -18.87 -5.80
CA ASN A 379 -22.03 -19.61 -5.44
C ASN A 379 -21.82 -20.48 -4.21
N GLY A 380 -20.62 -21.04 -4.03
CA GLY A 380 -20.33 -21.71 -2.78
C GLY A 380 -20.36 -20.78 -1.60
N ALA A 381 -19.88 -19.54 -1.78
CA ALA A 381 -20.03 -18.53 -0.75
C ALA A 381 -21.49 -18.24 -0.45
N PHE A 382 -22.33 -18.13 -1.49
CA PHE A 382 -23.74 -17.89 -1.24
C PHE A 382 -24.35 -19.00 -0.39
N PHE A 383 -24.20 -20.25 -0.82
CA PHE A 383 -24.89 -21.34 -0.12
C PHE A 383 -24.34 -21.55 1.29
N ALA A 384 -23.02 -21.45 1.45
CA ALA A 384 -22.42 -21.60 2.78
C ALA A 384 -22.79 -20.44 3.69
N GLY A 385 -22.73 -19.20 3.19
CA GLY A 385 -23.12 -18.07 4.01
C GLY A 385 -24.59 -18.08 4.37
N SER A 386 -25.42 -18.68 3.52
CA SER A 386 -26.84 -18.81 3.84
C SER A 386 -27.05 -19.78 4.99
N ILE A 387 -26.47 -20.98 4.90
CA ILE A 387 -26.64 -21.94 5.99
C ILE A 387 -26.03 -21.40 7.28
N LEU A 388 -24.90 -20.70 7.16
CA LEU A 388 -24.25 -20.16 8.35
C LEU A 388 -25.04 -19.01 8.94
N ALA A 389 -25.66 -18.17 8.11
CA ALA A 389 -26.49 -17.08 8.63
C ALA A 389 -27.67 -17.64 9.39
N VAL A 390 -28.28 -18.71 8.88
CA VAL A 390 -29.37 -19.34 9.64
C VAL A 390 -28.87 -19.87 10.96
N LEU A 391 -27.75 -20.59 10.95
CA LEU A 391 -27.26 -21.21 12.19
C LEU A 391 -26.78 -20.16 13.18
N ILE A 392 -26.25 -19.04 12.67
CA ILE A 392 -25.80 -17.93 13.51
C ILE A 392 -26.99 -17.22 14.14
N ALA A 393 -28.05 -16.99 13.35
CA ALA A 393 -29.24 -16.38 13.91
C ALA A 393 -29.84 -17.26 14.99
N LEU A 394 -29.79 -18.57 14.81
CA LEU A 394 -30.27 -19.45 15.88
C LEU A 394 -29.40 -19.38 17.12
N THR A 395 -28.07 -19.46 16.97
CA THR A 395 -27.22 -19.45 18.16
C THR A 395 -27.27 -18.11 18.86
N ILE A 396 -27.55 -17.03 18.13
CA ILE A 396 -27.76 -15.73 18.75
C ILE A 396 -29.08 -15.69 19.50
N TYR A 397 -30.12 -16.27 18.90
CA TYR A 397 -31.45 -16.20 19.49
C TYR A 397 -31.51 -16.88 20.85
N ASP A 398 -31.10 -18.14 20.94
CA ASP A 398 -31.32 -18.91 22.16
C ASP A 398 -30.03 -19.23 22.91
N GLU A 399 -28.90 -19.31 22.22
CA GLU A 399 -27.54 -19.61 22.72
C GLU A 399 -27.38 -21.07 23.11
N ASP A 400 -28.45 -21.86 23.13
CA ASP A 400 -28.35 -23.30 23.32
C ASP A 400 -28.48 -24.06 22.01
N VAL A 401 -28.32 -23.34 20.92
CA VAL A 401 -28.22 -23.98 19.63
C VAL A 401 -26.71 -23.87 19.45
N LEU A 402 -26.08 -22.99 20.25
CA LEU A 402 -24.63 -22.83 20.21
C LEU A 402 -23.90 -24.02 20.77
N ALA A 403 -22.74 -24.33 20.21
CA ALA A 403 -21.93 -25.41 20.73
C ALA A 403 -22.79 -26.62 20.70
N VAL A 404 -23.60 -26.73 19.67
CA VAL A 404 -24.35 -27.94 19.53
C VAL A 404 -23.12 -28.73 19.32
N GLU A 405 -23.11 -29.94 19.80
CA GLU A 405 -21.87 -30.62 19.76
C GLU A 405 -21.54 -30.65 18.31
N HIS A 406 -22.53 -30.78 17.46
CA HIS A 406 -22.17 -30.73 16.06
C HIS A 406 -22.06 -29.33 15.49
N VAL A 407 -22.96 -28.45 15.86
CA VAL A 407 -23.01 -27.12 15.22
C VAL A 407 -21.82 -26.23 15.37
N LEU A 408 -21.23 -26.20 16.55
CA LEU A 408 -20.18 -25.22 16.73
C LEU A 408 -19.10 -25.53 15.73
N THR A 409 -18.80 -26.81 15.57
CA THR A 409 -17.72 -27.17 14.68
C THR A 409 -18.02 -26.77 13.25
N THR A 410 -19.25 -26.97 12.83
CA THR A 410 -19.57 -26.70 11.44
C THR A 410 -19.52 -25.23 11.24
N VAL A 411 -19.95 -24.49 12.24
CA VAL A 411 -20.01 -23.07 12.06
C VAL A 411 -18.65 -22.62 11.68
N THR A 412 -17.65 -23.16 12.36
CA THR A 412 -16.30 -22.83 12.00
C THR A 412 -15.98 -23.30 10.62
N LEU A 413 -16.42 -24.51 10.29
CA LEU A 413 -16.08 -25.07 9.01
C LEU A 413 -16.67 -24.18 8.00
N LEU A 414 -17.97 -24.07 8.07
CA LEU A 414 -18.64 -23.16 7.16
C LEU A 414 -17.94 -21.81 7.12
N GLY A 415 -17.43 -21.36 8.26
CA GLY A 415 -16.66 -20.13 8.26
C GLY A 415 -15.40 -20.24 7.41
N VAL A 416 -14.69 -21.38 7.54
CA VAL A 416 -13.52 -21.61 6.71
C VAL A 416 -13.90 -21.63 5.23
N THR A 417 -15.03 -22.28 4.90
CA THR A 417 -15.47 -22.35 3.51
C THR A 417 -15.77 -20.97 2.95
N VAL A 418 -16.53 -20.16 3.70
CA VAL A 418 -16.84 -18.81 3.24
C VAL A 418 -15.57 -17.99 3.06
N THR A 419 -14.60 -18.15 3.98
CA THR A 419 -13.39 -17.35 3.86
C THR A 419 -12.56 -17.77 2.65
N VAL A 420 -12.46 -19.07 2.39
CA VAL A 420 -11.74 -19.54 1.21
C VAL A 420 -12.40 -19.03 -0.07
N CYS A 421 -13.73 -19.17 -0.16
CA CYS A 421 -14.44 -18.70 -1.35
C CYS A 421 -14.27 -17.20 -1.53
N ARG A 422 -14.43 -16.42 -0.46
CA ARG A 422 -14.26 -14.97 -0.56
C ARG A 422 -12.85 -14.60 -0.97
N SER A 423 -11.87 -15.44 -0.63
CA SER A 423 -10.52 -15.19 -1.12
C SER A 423 -10.42 -15.51 -2.61
N PHE A 424 -11.21 -16.45 -3.09
CA PHE A 424 -11.16 -16.76 -4.52
C PHE A 424 -12.04 -15.82 -5.33
N ILE A 425 -13.07 -15.25 -4.71
CA ILE A 425 -13.88 -14.24 -5.39
C ILE A 425 -13.01 -13.05 -5.73
N PRO A 426 -12.87 -12.67 -6.99
CA PRO A 426 -12.08 -11.47 -7.31
C PRO A 426 -12.70 -10.25 -6.68
N ASP A 427 -11.89 -9.23 -6.45
CA ASP A 427 -12.40 -7.95 -5.98
C ASP A 427 -12.27 -7.06 -7.20
N GLN A 428 -12.72 -5.82 -7.12
CA GLN A 428 -12.72 -4.98 -8.31
C GLN A 428 -11.34 -4.65 -8.89
N HIS A 429 -11.21 -4.65 -10.22
CA HIS A 429 -9.96 -4.26 -10.91
C HIS A 429 -8.90 -5.33 -10.99
N MET A 430 -7.74 -5.00 -11.56
CA MET A 430 -6.60 -5.94 -11.63
C MET A 430 -6.82 -7.00 -12.68
N VAL A 431 -7.82 -6.80 -13.53
CA VAL A 431 -8.17 -7.81 -14.51
C VAL A 431 -7.47 -7.61 -15.84
N PHE A 432 -6.62 -6.59 -15.93
CA PHE A 432 -6.07 -6.26 -17.25
C PHE A 432 -5.22 -7.31 -17.98
N CYS A 433 -4.28 -8.00 -17.33
CA CYS A 433 -3.45 -8.93 -18.11
C CYS A 433 -2.93 -8.02 -19.18
N PRO A 434 -2.54 -6.81 -18.83
CA PRO A 434 -2.19 -5.80 -19.82
C PRO A 434 -0.95 -5.90 -20.61
N GLU A 435 -1.00 -5.28 -21.78
CA GLU A 435 0.19 -5.19 -22.57
C GLU A 435 1.04 -4.41 -21.64
N GLN A 436 0.45 -3.45 -20.94
CA GLN A 436 1.21 -2.59 -20.07
C GLN A 436 1.92 -3.29 -18.91
N LEU A 437 1.32 -4.28 -18.25
CA LEU A 437 2.08 -4.94 -17.19
C LEU A 437 3.29 -5.61 -17.78
N LEU A 438 3.12 -6.24 -18.92
CA LEU A 438 4.27 -6.80 -19.57
C LEU A 438 5.19 -5.66 -19.96
N ARG A 439 4.62 -4.56 -20.43
CA ARG A 439 5.44 -3.45 -20.91
C ARG A 439 6.29 -2.84 -19.82
N VAL A 440 6.08 -3.23 -18.57
CA VAL A 440 6.97 -2.76 -17.52
C VAL A 440 7.90 -3.88 -17.05
N ILE A 441 7.41 -5.13 -17.03
CA ILE A 441 8.27 -6.25 -16.70
C ILE A 441 9.41 -6.34 -17.68
N LEU A 442 9.13 -6.12 -18.97
CA LEU A 442 10.19 -6.11 -19.97
C LEU A 442 11.14 -4.95 -19.74
N ALA A 443 10.61 -3.78 -19.40
CA ALA A 443 11.47 -2.63 -19.17
C ALA A 443 12.48 -2.90 -18.07
N HIS A 444 12.11 -3.78 -17.16
CA HIS A 444 13.06 -4.19 -16.15
C HIS A 444 14.06 -5.19 -16.77
N ILE A 445 13.63 -6.42 -17.03
CA ILE A 445 14.50 -7.46 -17.56
C ILE A 445 15.08 -7.19 -18.96
N HIS A 446 14.28 -6.66 -19.88
CA HIS A 446 14.71 -6.30 -21.25
C HIS A 446 14.76 -7.43 -22.27
N TYR A 447 14.40 -8.65 -21.89
CA TYR A 447 14.31 -9.74 -22.88
C TYR A 447 12.99 -10.46 -22.78
N MET A 448 12.29 -10.67 -23.89
CA MET A 448 11.07 -11.50 -23.83
C MET A 448 10.96 -12.32 -25.10
N PRO A 449 10.32 -13.47 -25.04
CA PRO A 449 10.13 -14.19 -26.29
C PRO A 449 9.45 -13.27 -27.27
N ASP A 450 9.76 -13.38 -28.57
CA ASP A 450 9.17 -12.39 -29.47
C ASP A 450 7.68 -12.62 -29.67
N HIS A 451 7.21 -13.84 -29.44
CA HIS A 451 5.78 -14.11 -29.54
C HIS A 451 5.04 -13.82 -28.25
N TRP A 452 5.58 -12.94 -27.41
CA TRP A 452 4.90 -12.55 -26.18
C TRP A 452 4.26 -11.18 -26.33
N GLN A 453 4.91 -10.30 -27.07
CA GLN A 453 4.51 -8.90 -27.13
C GLN A 453 3.13 -8.65 -27.65
N GLY A 454 2.69 -9.49 -28.55
CA GLY A 454 1.33 -9.32 -29.06
C GLY A 454 0.28 -9.92 -28.14
N ASN A 455 0.41 -11.22 -27.86
CA ASN A 455 -0.57 -11.96 -27.09
C ASN A 455 -0.10 -12.12 -25.65
N ALA A 456 -0.24 -11.03 -24.90
CA ALA A 456 0.20 -11.01 -23.51
C ALA A 456 -0.78 -11.74 -22.61
N HIS A 457 -1.98 -11.99 -23.10
CA HIS A 457 -3.10 -12.44 -22.29
C HIS A 457 -3.44 -13.91 -22.46
N ARG A 458 -2.68 -14.64 -23.28
CA ARG A 458 -3.03 -16.02 -23.60
C ARG A 458 -2.40 -16.99 -22.62
N SER A 459 -2.77 -18.27 -22.77
CA SER A 459 -2.22 -19.30 -21.90
C SER A 459 -0.83 -19.72 -22.38
N GLN A 460 -0.54 -19.52 -23.66
CA GLN A 460 0.81 -19.78 -24.16
C GLN A 460 1.81 -18.83 -23.50
N THR A 461 1.45 -17.55 -23.36
CA THR A 461 2.37 -16.58 -22.77
C THR A 461 2.51 -16.79 -21.28
N ARG A 462 1.42 -17.00 -20.59
CA ARG A 462 1.51 -17.24 -19.20
C ARG A 462 2.28 -18.51 -18.90
N ASP A 463 2.12 -19.53 -19.73
CA ASP A 463 2.67 -20.85 -19.46
C ASP A 463 4.18 -20.86 -19.57
N GLU A 464 4.73 -20.10 -20.51
CA GLU A 464 6.17 -20.01 -20.64
C GLU A 464 6.75 -18.73 -20.02
N PHE A 465 5.93 -17.94 -19.34
CA PHE A 465 6.47 -16.83 -18.61
C PHE A 465 6.44 -17.51 -17.29
N ALA A 466 5.59 -18.51 -17.17
CA ALA A 466 5.47 -19.23 -15.95
C ALA A 466 6.78 -19.90 -15.66
N GLN A 467 7.40 -20.44 -16.69
CA GLN A 467 8.63 -21.15 -16.46
C GLN A 467 9.67 -20.18 -15.90
N LEU A 468 9.73 -18.95 -16.40
CA LEU A 468 10.65 -17.98 -15.82
C LEU A 468 10.26 -17.57 -14.41
N PHE A 469 8.97 -17.45 -14.13
CA PHE A 469 8.56 -16.96 -12.82
C PHE A 469 8.67 -17.98 -11.69
N GLN A 470 8.77 -19.27 -11.98
CA GLN A 470 9.15 -20.21 -10.91
C GLN A 470 8.50 -20.28 -9.52
N TYR A 471 7.22 -20.53 -9.38
CA TYR A 471 6.68 -20.49 -8.03
C TYR A 471 7.48 -21.45 -7.22
N LYS A 472 7.78 -21.06 -5.99
CA LYS A 472 8.73 -21.81 -5.19
C LYS A 472 8.42 -23.23 -4.86
N ALA A 473 7.20 -23.55 -4.54
CA ALA A 473 6.97 -24.90 -4.17
C ALA A 473 7.69 -25.77 -5.18
N VAL A 474 7.64 -25.35 -6.44
CA VAL A 474 8.21 -26.21 -7.45
C VAL A 474 9.72 -26.19 -7.29
N PHE A 475 10.30 -25.02 -7.02
CA PHE A 475 11.72 -24.95 -6.80
C PHE A 475 12.03 -26.00 -5.79
N ILE A 476 11.40 -25.90 -4.62
CA ILE A 476 11.80 -26.87 -3.61
C ILE A 476 11.60 -28.31 -4.10
N LEU A 477 10.54 -28.57 -4.84
CA LEU A 477 10.33 -29.89 -5.43
C LEU A 477 11.40 -30.21 -6.47
N GLU A 478 11.77 -29.22 -7.26
CA GLU A 478 12.71 -29.43 -8.34
C GLU A 478 14.13 -29.55 -7.82
N GLU A 479 14.41 -28.99 -6.65
CA GLU A 479 15.71 -29.20 -6.02
C GLU A 479 15.74 -30.54 -5.29
N LEU A 480 14.59 -31.04 -4.88
CA LEU A 480 14.53 -32.39 -4.31
C LEU A 480 14.73 -33.45 -5.38
N LEU A 481 14.14 -33.24 -6.56
CA LEU A 481 14.21 -34.25 -7.61
C LEU A 481 15.54 -34.29 -8.33
N SER A 482 16.42 -33.32 -8.09
CA SER A 482 17.65 -33.25 -8.88
C SER A 482 18.65 -34.36 -8.55
N PRO A 483 18.81 -34.80 -7.30
CA PRO A 483 19.66 -35.99 -7.08
C PRO A 483 19.31 -37.19 -7.92
N ILE A 484 18.01 -37.49 -8.11
CA ILE A 484 17.60 -38.66 -8.87
C ILE A 484 17.44 -38.39 -10.36
N VAL A 485 17.34 -37.13 -10.77
CA VAL A 485 17.13 -36.80 -12.18
C VAL A 485 18.41 -36.38 -12.89
N THR A 486 19.37 -35.77 -12.19
CA THR A 486 20.58 -35.25 -12.80
C THR A 486 21.46 -36.32 -13.44
N PRO A 487 21.69 -37.48 -12.81
CA PRO A 487 22.48 -38.50 -13.48
C PRO A 487 21.88 -38.98 -14.80
N LEU A 488 20.57 -39.14 -14.90
CA LEU A 488 20.02 -39.71 -16.12
C LEU A 488 19.99 -38.69 -17.26
N ILE A 489 19.67 -37.43 -16.96
CA ILE A 489 19.85 -36.40 -17.98
C ILE A 489 21.32 -36.31 -18.37
N LEU A 490 22.23 -36.39 -17.41
CA LEU A 490 23.65 -36.26 -17.71
C LEU A 490 24.16 -37.40 -18.58
N ILE A 491 23.64 -38.60 -18.38
CA ILE A 491 24.09 -39.76 -19.14
C ILE A 491 23.43 -39.80 -20.52
N PHE A 492 22.15 -39.47 -20.61
CA PHE A 492 21.37 -39.72 -21.81
C PHE A 492 21.22 -38.50 -22.71
N CYS A 493 20.97 -37.31 -22.14
CA CYS A 493 20.58 -36.18 -22.96
C CYS A 493 21.76 -35.31 -23.33
N LEU A 494 22.88 -35.40 -22.59
CA LEU A 494 24.00 -34.51 -22.88
C LEU A 494 25.10 -35.22 -23.68
N ARG A 495 25.32 -36.51 -23.43
CA ARG A 495 26.33 -37.24 -24.16
C ARG A 495 26.14 -37.21 -25.67
N PRO A 496 24.92 -37.22 -26.22
CA PRO A 496 24.78 -36.99 -27.66
C PRO A 496 25.20 -35.60 -28.10
N ARG A 497 25.23 -34.64 -27.21
CA ARG A 497 25.58 -33.31 -27.66
C ARG A 497 27.06 -33.00 -27.59
N ALA A 498 27.87 -33.98 -27.21
CA ALA A 498 29.28 -33.73 -26.96
C ALA A 498 30.00 -33.24 -28.21
N LEU A 499 29.61 -33.73 -29.38
CA LEU A 499 30.26 -33.28 -30.61
C LEU A 499 29.87 -31.86 -30.97
N GLU A 500 28.71 -31.39 -30.48
CA GLU A 500 28.34 -30.00 -30.67
C GLU A 500 29.01 -29.11 -29.63
N ILE A 501 29.21 -29.65 -28.43
CA ILE A 501 29.91 -28.90 -27.40
C ILE A 501 31.36 -28.65 -27.80
N ILE A 502 32.02 -29.69 -28.34
CA ILE A 502 33.39 -29.53 -28.82
C ILE A 502 33.46 -28.47 -29.89
N ASP A 503 32.49 -28.45 -30.80
CA ASP A 503 32.52 -27.47 -31.89
C ASP A 503 32.20 -26.07 -31.39
N PHE A 504 31.39 -25.96 -30.34
CA PHE A 504 31.17 -24.66 -29.71
C PHE A 504 32.48 -24.13 -29.14
N PHE A 505 33.16 -24.94 -28.33
CA PHE A 505 34.34 -24.46 -27.65
C PHE A 505 35.49 -24.23 -28.61
N ARG A 506 35.52 -24.94 -29.74
CA ARG A 506 36.53 -24.65 -30.75
C ARG A 506 36.18 -23.39 -31.52
N ASN A 507 34.90 -23.19 -31.84
CA ASN A 507 34.52 -22.08 -32.70
C ASN A 507 34.42 -20.78 -31.92
N PHE A 508 33.81 -20.81 -30.73
CA PHE A 508 33.59 -19.61 -29.95
C PHE A 508 34.52 -19.64 -28.74
N THR A 509 35.78 -19.26 -28.97
CA THR A 509 36.75 -19.03 -27.90
C THR A 509 37.85 -18.15 -28.48
N VAL A 510 37.84 -16.87 -28.11
CA VAL A 510 38.81 -15.91 -28.61
C VAL A 510 39.93 -15.77 -27.58
N GLU A 511 41.14 -15.51 -28.06
CA GLU A 511 42.27 -15.21 -27.21
C GLU A 511 42.49 -13.70 -27.20
N VAL A 512 42.10 -13.06 -26.10
CA VAL A 512 42.27 -11.62 -25.92
C VAL A 512 43.57 -11.40 -25.16
N VAL A 513 44.30 -10.34 -25.54
CA VAL A 513 45.74 -10.27 -25.26
C VAL A 513 46.02 -10.29 -23.76
N GLY A 514 45.21 -9.58 -22.98
CA GLY A 514 45.53 -9.46 -21.57
C GLY A 514 44.90 -10.55 -20.72
N VAL A 515 43.71 -11.01 -21.13
CA VAL A 515 42.89 -11.86 -20.28
C VAL A 515 43.07 -13.35 -20.57
N GLY A 516 43.47 -13.72 -21.78
CA GLY A 516 43.57 -15.12 -22.12
C GLY A 516 42.45 -15.60 -23.02
N ASP A 517 41.85 -16.73 -22.69
CA ASP A 517 40.83 -17.36 -23.53
C ASP A 517 39.45 -17.08 -22.96
N THR A 518 38.69 -16.25 -23.66
CA THR A 518 37.35 -15.86 -23.22
C THR A 518 36.35 -16.25 -24.29
N CYS A 519 35.08 -16.31 -23.89
CA CYS A 519 34.00 -16.58 -24.83
C CYS A 519 34.00 -15.56 -25.96
N SER A 520 33.50 -15.97 -27.12
CA SER A 520 33.56 -15.08 -28.27
C SER A 520 32.43 -14.07 -28.24
N PHE A 521 31.31 -14.42 -27.61
CA PHE A 521 30.19 -13.50 -27.51
C PHE A 521 30.42 -12.40 -26.50
N ALA A 522 31.03 -12.74 -25.35
CA ALA A 522 31.23 -11.80 -24.27
C ALA A 522 32.13 -10.63 -24.65
N GLN A 523 32.74 -10.66 -25.83
CA GLN A 523 33.42 -9.46 -26.32
C GLN A 523 32.44 -8.35 -26.63
N PRO B 36 -25.94 -20.41 -37.95
CA PRO B 36 -25.49 -19.25 -38.73
C PRO B 36 -26.21 -19.19 -40.04
N TRP B 37 -27.46 -19.65 -40.05
CA TRP B 37 -28.23 -19.60 -41.29
C TRP B 37 -28.46 -18.16 -41.67
N HIS B 38 -28.36 -17.89 -42.97
CA HIS B 38 -28.49 -16.53 -43.48
C HIS B 38 -29.83 -15.91 -43.20
N HIS B 39 -29.82 -14.78 -42.52
CA HIS B 39 -31.06 -14.08 -42.23
C HIS B 39 -31.94 -15.07 -41.50
N ILE B 40 -31.32 -15.88 -40.63
CA ILE B 40 -32.08 -16.91 -39.93
C ILE B 40 -32.79 -16.31 -38.75
N GLU B 41 -32.75 -14.99 -38.66
CA GLU B 41 -33.38 -14.32 -37.53
C GLU B 41 -33.22 -12.81 -37.56
N ASN B 42 -34.05 -12.13 -36.78
CA ASN B 42 -33.86 -10.70 -36.65
C ASN B 42 -32.49 -10.50 -36.07
N LEU B 43 -31.82 -9.41 -36.42
CA LEU B 43 -30.47 -9.22 -35.95
C LEU B 43 -30.29 -9.12 -34.44
N ASP B 44 -31.17 -8.41 -33.75
CA ASP B 44 -30.98 -8.19 -32.32
C ASP B 44 -30.98 -9.40 -31.37
N LEU B 45 -31.88 -10.36 -31.55
CA LEU B 45 -31.95 -11.49 -30.62
C LEU B 45 -30.80 -12.41 -30.88
N PHE B 46 -30.07 -12.17 -31.96
CA PHE B 46 -28.91 -12.96 -32.30
C PHE B 46 -27.67 -12.30 -31.81
N PHE B 47 -27.52 -11.01 -32.09
CA PHE B 47 -26.37 -10.23 -31.68
C PHE B 47 -26.28 -10.11 -30.17
N SER B 48 -27.42 -9.95 -29.51
CA SER B 48 -27.40 -9.83 -28.09
C SER B 48 -26.90 -11.09 -27.47
N ARG B 49 -27.34 -12.24 -27.98
CA ARG B 49 -26.93 -13.54 -27.50
C ARG B 49 -25.46 -13.74 -27.74
N VAL B 50 -24.98 -13.29 -28.88
CA VAL B 50 -23.56 -13.42 -29.18
C VAL B 50 -22.77 -12.65 -28.15
N TYR B 51 -23.19 -11.43 -27.85
CA TYR B 51 -22.53 -10.59 -26.87
C TYR B 51 -22.57 -11.21 -25.49
N ASN B 52 -23.71 -11.77 -25.12
CA ASN B 52 -23.83 -12.39 -23.83
C ASN B 52 -22.92 -13.60 -23.71
N LEU B 53 -22.79 -14.37 -24.78
CA LEU B 53 -21.90 -15.53 -24.79
C LEU B 53 -20.48 -15.04 -24.65
N HIS B 54 -20.10 -13.93 -25.26
CA HIS B 54 -18.76 -13.45 -25.00
C HIS B 54 -18.60 -13.04 -23.56
N GLN B 55 -19.60 -12.37 -22.96
CA GLN B 55 -19.47 -11.90 -21.57
C GLN B 55 -19.33 -12.99 -20.51
N LYS B 56 -20.27 -13.92 -20.46
CA LYS B 56 -20.22 -15.11 -19.60
C LYS B 56 -19.30 -16.06 -20.35
N ASN B 57 -18.03 -16.14 -19.92
CA ASN B 57 -16.98 -16.48 -20.87
C ASN B 57 -17.17 -17.91 -21.36
N GLY B 58 -17.94 -18.05 -22.42
CA GLY B 58 -18.17 -19.34 -23.01
C GLY B 58 -19.47 -20.04 -22.67
N PHE B 59 -19.85 -20.96 -23.55
CA PHE B 59 -21.09 -21.68 -23.39
C PHE B 59 -21.14 -22.46 -22.10
N THR B 60 -20.10 -23.17 -21.76
CA THR B 60 -20.13 -23.97 -20.55
C THR B 60 -20.30 -23.11 -19.32
N CYS B 61 -19.56 -22.01 -19.30
CA CYS B 61 -19.61 -21.13 -18.15
C CYS B 61 -20.99 -20.55 -18.01
N MET B 62 -21.54 -20.10 -19.13
CA MET B 62 -22.83 -19.51 -19.13
C MET B 62 -23.91 -20.47 -18.68
N LEU B 63 -23.82 -21.72 -19.14
CA LEU B 63 -24.79 -22.72 -18.79
C LEU B 63 -24.73 -22.95 -17.30
N ILE B 64 -23.52 -23.06 -16.76
CA ILE B 64 -23.38 -23.29 -15.34
C ILE B 64 -23.91 -22.11 -14.56
N GLY B 65 -23.66 -20.90 -15.02
CA GLY B 65 -24.12 -19.73 -14.32
C GLY B 65 -25.62 -19.73 -14.24
N GLU B 66 -26.28 -20.03 -15.35
CA GLU B 66 -27.75 -20.07 -15.34
C GLU B 66 -28.27 -21.16 -14.44
N ILE B 67 -27.61 -22.30 -14.43
CA ILE B 67 -28.04 -23.38 -13.56
C ILE B 67 -27.92 -22.96 -12.10
N PHE B 68 -26.84 -22.27 -11.75
CA PHE B 68 -26.62 -21.79 -10.39
C PHE B 68 -27.67 -20.77 -10.01
N GLU B 69 -28.06 -19.93 -10.97
CA GLU B 69 -29.11 -18.93 -10.77
C GLU B 69 -30.44 -19.61 -10.49
N LEU B 70 -30.71 -20.73 -11.15
CA LEU B 70 -31.95 -21.47 -10.91
C LEU B 70 -31.96 -22.21 -9.56
N MET B 71 -30.80 -22.66 -9.12
CA MET B 71 -30.62 -23.40 -7.88
C MET B 71 -30.63 -22.49 -6.67
N GLN B 72 -30.24 -21.24 -6.85
CA GLN B 72 -30.33 -20.27 -5.77
C GLN B 72 -31.78 -19.95 -5.43
N PHE B 73 -32.60 -19.67 -6.45
CA PHE B 73 -34.02 -19.47 -6.21
C PHE B 73 -34.63 -20.66 -5.49
N LEU B 74 -34.44 -21.86 -6.03
CA LEU B 74 -35.04 -23.05 -5.45
C LEU B 74 -34.53 -23.30 -4.03
N PHE B 75 -33.26 -22.97 -3.77
CA PHE B 75 -32.69 -23.19 -2.45
C PHE B 75 -33.25 -22.21 -1.44
N VAL B 76 -33.34 -20.93 -1.79
CA VAL B 76 -33.97 -19.96 -0.90
C VAL B 76 -35.37 -20.42 -0.53
N VAL B 77 -36.17 -20.77 -1.52
CA VAL B 77 -37.58 -21.13 -1.26
C VAL B 77 -37.67 -22.41 -0.44
N ALA B 78 -36.89 -23.43 -0.80
CA ALA B 78 -37.00 -24.71 -0.11
C ALA B 78 -36.40 -24.66 1.30
N PHE B 79 -35.27 -24.00 1.46
CA PHE B 79 -34.68 -23.80 2.78
C PHE B 79 -35.63 -23.03 3.68
N THR B 80 -36.28 -21.99 3.13
CA THR B 80 -37.20 -21.21 3.94
C THR B 80 -38.42 -22.03 4.35
N THR B 81 -38.99 -22.80 3.43
CA THR B 81 -40.17 -23.60 3.75
C THR B 81 -39.82 -24.78 4.65
N PHE B 82 -38.56 -25.20 4.65
CA PHE B 82 -38.10 -26.23 5.58
C PHE B 82 -37.92 -25.67 6.99
N LEU B 83 -37.34 -24.47 7.08
CA LEU B 83 -37.18 -23.79 8.37
C LEU B 83 -38.52 -23.46 8.98
N VAL B 84 -39.47 -23.00 8.16
CA VAL B 84 -40.79 -22.65 8.68
C VAL B 84 -41.53 -23.89 9.16
N SER B 85 -41.48 -24.98 8.37
CA SER B 85 -42.50 -26.01 8.46
C SER B 85 -42.05 -27.32 9.08
N CYS B 86 -40.79 -27.73 8.91
CA CYS B 86 -40.36 -29.08 9.27
C CYS B 86 -39.53 -29.14 10.54
N VAL B 87 -38.99 -28.03 11.01
CA VAL B 87 -38.05 -28.03 12.14
C VAL B 87 -38.84 -27.80 13.41
N ASP B 88 -38.49 -28.55 14.46
CA ASP B 88 -39.10 -28.41 15.77
C ASP B 88 -38.14 -27.59 16.63
N TYR B 89 -38.35 -26.30 16.59
CA TYR B 89 -37.53 -25.37 17.31
C TYR B 89 -37.50 -25.59 18.80
N ASP B 90 -38.61 -26.02 19.39
CA ASP B 90 -38.58 -26.20 20.84
C ASP B 90 -37.55 -27.24 21.27
N ILE B 91 -37.53 -28.40 20.61
CA ILE B 91 -36.57 -29.43 20.94
C ILE B 91 -35.14 -28.97 20.64
N LEU B 92 -34.98 -28.22 19.56
CA LEU B 92 -33.69 -27.70 19.16
C LEU B 92 -33.14 -26.75 20.22
N PHE B 93 -34.00 -25.92 20.79
CA PHE B 93 -33.53 -24.93 21.75
C PHE B 93 -33.31 -25.47 23.14
N ALA B 94 -34.34 -26.01 23.75
CA ALA B 94 -34.23 -26.52 25.10
C ALA B 94 -34.78 -27.93 25.26
N ASN B 95 -36.07 -28.10 24.97
CA ASN B 95 -36.81 -29.31 25.37
C ASN B 95 -36.50 -30.51 24.49
N LYS B 109 -27.36 -35.48 25.20
CA LYS B 109 -26.77 -34.99 23.97
C LYS B 109 -27.78 -35.11 22.84
N VAL B 110 -28.10 -34.01 22.19
CA VAL B 110 -29.06 -34.05 21.10
C VAL B 110 -28.42 -33.83 19.74
N THR B 111 -28.64 -34.81 18.87
CA THR B 111 -28.14 -34.79 17.49
C THR B 111 -28.97 -33.80 16.70
N LEU B 112 -28.39 -33.27 15.64
CA LEU B 112 -29.13 -32.32 14.82
C LEU B 112 -30.45 -32.88 14.29
N PRO B 113 -30.41 -34.06 13.64
CA PRO B 113 -31.70 -34.52 13.10
C PRO B 113 -32.71 -34.90 14.16
N ASP B 114 -32.44 -34.69 15.44
CA ASP B 114 -33.47 -34.88 16.45
C ASP B 114 -34.53 -33.78 16.35
N ALA B 115 -34.19 -32.67 15.69
CA ALA B 115 -35.16 -31.59 15.54
C ALA B 115 -36.15 -31.86 14.42
N PHE B 116 -35.63 -32.17 13.25
CA PHE B 116 -36.46 -32.40 12.07
C PHE B 116 -37.55 -33.43 12.25
N LEU B 117 -38.68 -33.16 11.61
CA LEU B 117 -39.82 -34.05 11.65
C LEU B 117 -39.75 -34.91 10.40
N PRO B 118 -40.27 -36.13 10.47
CA PRO B 118 -40.24 -37.05 9.33
C PRO B 118 -41.05 -36.52 8.18
N ALA B 119 -40.66 -36.82 6.95
CA ALA B 119 -41.35 -36.29 5.77
C ALA B 119 -42.82 -36.66 5.72
N GLN B 120 -43.17 -37.87 6.12
CA GLN B 120 -44.56 -38.28 6.15
C GLN B 120 -45.38 -37.29 6.98
N VAL B 121 -44.72 -36.52 7.84
CA VAL B 121 -45.41 -35.52 8.65
C VAL B 121 -45.11 -34.12 8.15
N CYS B 122 -43.93 -33.89 7.57
CA CYS B 122 -43.64 -32.58 6.99
C CYS B 122 -44.60 -32.25 5.86
N SER B 123 -44.92 -33.23 5.02
CA SER B 123 -45.83 -32.97 3.91
C SER B 123 -47.21 -32.53 4.43
N ALA B 124 -47.73 -33.22 5.44
CA ALA B 124 -49.02 -32.84 6.00
C ALA B 124 -48.94 -31.50 6.71
N ARG B 125 -47.81 -31.19 7.36
CA ARG B 125 -47.71 -29.95 8.11
C ARG B 125 -47.53 -28.75 7.21
N ILE B 126 -46.93 -28.95 6.02
CA ILE B 126 -46.80 -27.87 5.04
C ILE B 126 -48.05 -27.77 4.17
N GLN B 127 -48.80 -28.86 4.01
CA GLN B 127 -49.99 -28.84 3.18
C GLN B 127 -51.17 -28.17 3.87
N GLU B 128 -51.29 -28.32 5.18
CA GLU B 128 -52.34 -27.64 5.93
C GLU B 128 -51.94 -26.20 6.28
N ASN B 129 -51.49 -25.46 5.26
CA ASN B 129 -51.16 -24.05 5.39
C ASN B 129 -51.57 -23.36 4.09
N GLY B 130 -52.78 -22.81 4.07
CA GLY B 130 -53.29 -22.21 2.84
C GLY B 130 -52.40 -21.09 2.34
N SER B 131 -51.94 -20.24 3.23
CA SER B 131 -51.04 -19.16 2.83
C SER B 131 -49.73 -19.70 2.30
N LEU B 132 -49.14 -20.67 3.00
CA LEU B 132 -47.87 -21.25 2.57
C LEU B 132 -48.01 -22.00 1.26
N ILE B 133 -49.08 -22.79 1.13
CA ILE B 133 -49.29 -23.54 -0.11
C ILE B 133 -49.53 -22.59 -1.27
N THR B 134 -50.24 -21.48 -1.04
CA THR B 134 -50.48 -20.53 -2.11
C THR B 134 -49.18 -19.85 -2.53
N ILE B 135 -48.37 -19.42 -1.56
CA ILE B 135 -47.09 -18.81 -1.91
C ILE B 135 -46.21 -19.81 -2.64
N LEU B 136 -46.26 -21.08 -2.23
CA LEU B 136 -45.44 -22.10 -2.89
C LEU B 136 -45.93 -22.38 -4.30
N VAL B 137 -47.24 -22.34 -4.54
CA VAL B 137 -47.74 -22.56 -5.89
C VAL B 137 -47.35 -21.42 -6.81
N ILE B 138 -47.48 -20.18 -6.34
CA ILE B 138 -47.04 -19.05 -7.16
C ILE B 138 -45.54 -19.11 -7.40
N ALA B 139 -44.77 -19.48 -6.36
CA ALA B 139 -43.33 -19.58 -6.50
C ALA B 139 -42.95 -20.69 -7.47
N GLY B 140 -43.64 -21.81 -7.42
CA GLY B 140 -43.35 -22.90 -8.33
C GLY B 140 -43.75 -22.58 -9.77
N VAL B 141 -44.80 -21.79 -9.96
CA VAL B 141 -45.17 -21.39 -11.31
C VAL B 141 -44.12 -20.44 -11.89
N PHE B 142 -43.68 -19.46 -11.10
CA PHE B 142 -42.58 -18.61 -11.55
C PHE B 142 -41.33 -19.44 -11.82
N TRP B 143 -41.07 -20.41 -10.99
CA TRP B 143 -39.90 -21.22 -11.22
C TRP B 143 -40.04 -21.98 -12.52
N ILE B 144 -41.15 -22.68 -12.72
CA ILE B 144 -41.31 -23.48 -13.93
C ILE B 144 -41.20 -22.61 -15.17
N HIS B 145 -41.76 -21.40 -15.12
CA HIS B 145 -41.58 -20.47 -16.24
C HIS B 145 -40.12 -20.16 -16.47
N ARG B 146 -39.35 -19.99 -15.39
CA ARG B 146 -37.94 -19.66 -15.55
C ARG B 146 -37.15 -20.87 -16.05
N LEU B 147 -37.50 -22.08 -15.62
CA LEU B 147 -36.83 -23.28 -16.10
C LEU B 147 -37.13 -23.52 -17.58
N ILE B 148 -38.36 -23.29 -18.00
CA ILE B 148 -38.71 -23.44 -19.41
C ILE B 148 -37.98 -22.42 -20.26
N LYS B 149 -37.92 -21.17 -19.80
CA LYS B 149 -37.14 -20.17 -20.51
C LYS B 149 -35.67 -20.55 -20.56
N PHE B 150 -35.16 -21.22 -19.52
CA PHE B 150 -33.76 -21.63 -19.51
C PHE B 150 -33.48 -22.72 -20.54
N ILE B 151 -34.36 -23.71 -20.62
CA ILE B 151 -34.20 -24.76 -21.62
C ILE B 151 -34.24 -24.17 -23.02
N TYR B 152 -35.22 -23.32 -23.29
CA TYR B 152 -35.30 -22.67 -24.60
C TYR B 152 -34.05 -21.83 -24.86
N ASN B 153 -33.51 -21.20 -23.81
CA ASN B 153 -32.35 -20.33 -24.00
C ASN B 153 -31.11 -21.13 -24.34
N ILE B 154 -30.90 -22.28 -23.70
CA ILE B 154 -29.70 -23.05 -24.02
C ILE B 154 -29.85 -23.74 -25.38
N CYS B 155 -31.07 -24.12 -25.75
CA CYS B 155 -31.27 -24.64 -27.10
C CYS B 155 -30.99 -23.58 -28.15
N CYS B 156 -31.18 -22.31 -27.80
CA CYS B 156 -30.85 -21.23 -28.75
C CYS B 156 -29.39 -20.79 -28.65
N TYR B 157 -28.74 -21.06 -27.52
CA TYR B 157 -27.34 -20.70 -27.31
C TYR B 157 -26.38 -21.72 -27.92
N TRP B 158 -26.80 -22.99 -28.04
CA TRP B 158 -25.98 -23.93 -28.79
C TRP B 158 -25.79 -23.46 -30.23
N GLU B 159 -26.78 -22.74 -30.76
CA GLU B 159 -26.65 -22.19 -32.10
C GLU B 159 -25.60 -21.08 -32.15
N ILE B 160 -25.52 -20.26 -31.11
CA ILE B 160 -24.49 -19.22 -31.08
C ILE B 160 -23.11 -19.83 -30.85
N HIS B 161 -23.06 -20.90 -30.06
CA HIS B 161 -21.80 -21.61 -29.85
C HIS B 161 -21.28 -22.20 -31.16
N SER B 162 -22.15 -22.83 -31.93
CA SER B 162 -21.75 -23.30 -33.25
C SER B 162 -21.39 -22.13 -34.17
N PHE B 163 -22.08 -21.00 -34.04
CA PHE B 163 -21.70 -19.80 -34.80
C PHE B 163 -20.26 -19.43 -34.53
N TYR B 164 -19.91 -19.28 -33.25
CA TYR B 164 -18.52 -18.98 -32.88
C TYR B 164 -17.57 -19.97 -33.51
N LEU B 165 -17.70 -21.24 -33.15
CA LEU B 165 -16.72 -22.26 -33.54
C LEU B 165 -16.58 -22.36 -35.06
N HIS B 166 -17.68 -22.30 -35.80
CA HIS B 166 -17.61 -22.65 -37.21
C HIS B 166 -17.48 -21.44 -38.11
N ALA B 167 -18.14 -20.31 -37.79
CA ALA B 167 -18.08 -19.12 -38.62
C ALA B 167 -17.12 -18.05 -38.11
N LEU B 168 -17.01 -17.87 -36.80
CA LEU B 168 -16.03 -16.95 -36.25
C LEU B 168 -14.70 -17.61 -35.98
N ARG B 169 -14.71 -18.92 -35.70
CA ARG B 169 -13.56 -19.77 -35.46
C ARG B 169 -12.86 -19.44 -34.15
N ILE B 170 -13.61 -19.01 -33.13
CA ILE B 170 -13.05 -18.74 -31.82
C ILE B 170 -13.47 -19.87 -30.89
N PRO B 171 -12.60 -20.83 -30.57
CA PRO B 171 -12.98 -21.89 -29.64
C PRO B 171 -13.34 -21.34 -28.27
N MET B 172 -14.10 -22.13 -27.51
CA MET B 172 -14.52 -21.67 -26.20
C MET B 172 -13.33 -21.53 -25.25
N SER B 173 -12.19 -22.15 -25.59
CA SER B 173 -11.00 -22.01 -24.77
C SER B 173 -10.36 -20.64 -24.97
N ALA B 174 -10.35 -20.15 -26.21
CA ALA B 174 -9.78 -18.85 -26.51
C ALA B 174 -10.75 -17.71 -26.31
N LEU B 175 -11.93 -17.97 -25.74
CA LEU B 175 -12.95 -16.93 -25.62
C LEU B 175 -12.77 -16.04 -24.40
N PRO B 176 -12.38 -16.53 -23.22
CA PRO B 176 -12.15 -15.58 -22.11
C PRO B 176 -11.06 -14.57 -22.38
N TYR B 177 -10.24 -14.91 -23.38
CA TYR B 177 -9.17 -14.01 -23.74
C TYR B 177 -9.27 -13.65 -25.20
N CYS B 178 -10.27 -14.15 -25.91
CA CYS B 178 -10.36 -13.73 -27.28
C CYS B 178 -10.57 -12.25 -27.24
N THR B 179 -11.41 -11.77 -26.33
CA THR B 179 -11.70 -10.35 -26.12
C THR B 179 -12.89 -9.95 -26.97
N TRP B 180 -13.63 -8.97 -26.50
CA TRP B 180 -14.76 -8.50 -27.25
C TRP B 180 -14.22 -7.91 -28.49
N GLN B 181 -13.10 -7.24 -28.36
CA GLN B 181 -12.60 -6.52 -29.47
C GLN B 181 -12.36 -7.50 -30.54
N GLU B 182 -11.84 -8.66 -30.21
CA GLU B 182 -11.51 -9.54 -31.31
C GLU B 182 -12.76 -9.93 -32.09
N VAL B 183 -13.80 -10.32 -31.39
CA VAL B 183 -14.93 -10.80 -32.12
C VAL B 183 -15.66 -9.69 -32.85
N GLN B 184 -15.80 -8.52 -32.23
CA GLN B 184 -16.64 -7.50 -32.87
C GLN B 184 -16.04 -7.12 -34.18
N ALA B 185 -14.73 -6.94 -34.24
CA ALA B 185 -14.12 -6.70 -35.53
C ALA B 185 -14.29 -7.91 -36.40
N ARG B 186 -14.10 -9.09 -35.82
CA ARG B 186 -14.13 -10.31 -36.64
C ARG B 186 -15.44 -10.65 -37.32
N ILE B 187 -16.54 -10.48 -36.62
CA ILE B 187 -17.81 -10.89 -37.19
C ILE B 187 -17.96 -10.06 -38.42
N VAL B 188 -17.62 -8.80 -38.28
CA VAL B 188 -17.76 -7.89 -39.42
C VAL B 188 -17.03 -8.44 -40.64
N GLN B 189 -15.94 -9.18 -40.43
CA GLN B 189 -15.27 -9.82 -41.57
C GLN B 189 -16.04 -11.05 -42.04
N THR B 190 -16.70 -11.74 -41.11
CA THR B 190 -17.54 -12.89 -41.46
C THR B 190 -18.73 -12.48 -42.31
N GLN B 191 -19.24 -11.27 -42.12
CA GLN B 191 -20.43 -10.82 -42.85
C GLN B 191 -20.33 -11.09 -44.34
N LYS B 192 -19.11 -11.24 -44.86
CA LYS B 192 -18.96 -11.57 -46.28
C LYS B 192 -19.28 -13.03 -46.54
N GLU B 193 -18.64 -13.95 -45.81
CA GLU B 193 -18.74 -15.38 -46.11
C GLU B 193 -20.04 -15.99 -45.63
N HIS B 194 -20.23 -16.09 -44.31
CA HIS B 194 -21.47 -16.62 -43.78
C HIS B 194 -22.50 -15.51 -43.70
N GLN B 195 -23.25 -15.32 -44.77
CA GLN B 195 -24.15 -14.17 -44.86
C GLN B 195 -25.25 -14.03 -43.82
N ILE B 196 -25.47 -12.79 -43.39
CA ILE B 196 -26.56 -12.54 -42.47
C ILE B 196 -27.29 -11.31 -42.99
N CYS B 197 -28.59 -11.23 -42.72
CA CYS B 197 -29.44 -10.12 -43.16
C CYS B 197 -29.74 -10.32 -44.61
N ILE B 198 -30.99 -10.19 -44.97
CA ILE B 198 -31.35 -10.48 -46.35
C ILE B 198 -30.63 -9.53 -47.28
N HIS B 199 -30.55 -8.27 -46.88
CA HIS B 199 -29.93 -7.28 -47.73
C HIS B 199 -28.93 -6.54 -46.93
N LYS B 200 -27.79 -7.16 -46.63
CA LYS B 200 -26.89 -6.45 -45.74
C LYS B 200 -25.51 -6.05 -46.20
N ARG B 201 -25.19 -4.79 -45.99
CA ARG B 201 -23.85 -4.32 -46.25
C ARG B 201 -23.03 -4.88 -45.11
N GLU B 202 -21.72 -4.91 -45.24
CA GLU B 202 -20.92 -5.51 -44.21
C GLU B 202 -21.28 -4.67 -43.04
N LEU B 203 -21.40 -5.33 -41.90
CA LEU B 203 -21.81 -4.65 -40.71
C LEU B 203 -20.82 -3.64 -40.22
N THR B 204 -21.23 -2.38 -40.18
CA THR B 204 -20.38 -1.36 -39.61
C THR B 204 -20.26 -1.81 -38.20
N GLU B 205 -21.30 -2.47 -37.70
CA GLU B 205 -21.35 -2.87 -36.31
C GLU B 205 -21.68 -1.62 -35.52
N LEU B 206 -21.57 -0.45 -36.14
CA LEU B 206 -21.99 0.76 -35.46
C LEU B 206 -23.43 0.43 -35.30
N ASP B 207 -23.98 -0.12 -36.35
CA ASP B 207 -25.34 -0.57 -36.29
C ASP B 207 -25.40 -1.65 -35.27
N ILE B 208 -24.40 -2.51 -35.21
CA ILE B 208 -24.51 -3.66 -34.33
C ILE B 208 -24.67 -3.17 -32.94
N TYR B 209 -23.93 -2.13 -32.58
CA TYR B 209 -24.19 -1.58 -31.27
C TYR B 209 -25.68 -1.37 -31.15
N HIS B 210 -26.25 -0.68 -32.13
CA HIS B 210 -27.68 -0.35 -32.09
C HIS B 210 -28.52 -1.58 -31.80
N ARG B 211 -28.20 -2.71 -32.43
CA ARG B 211 -28.95 -3.94 -32.20
C ARG B 211 -28.89 -4.36 -30.74
N ILE B 212 -27.70 -4.35 -30.14
CA ILE B 212 -27.59 -4.83 -28.76
C ILE B 212 -28.19 -3.81 -27.79
N LEU B 213 -28.13 -2.52 -28.12
CA LEU B 213 -28.46 -1.47 -27.17
C LEU B 213 -29.64 -0.60 -27.57
N ARG B 214 -30.58 -1.12 -28.36
CA ARG B 214 -31.72 -0.31 -28.78
C ARG B 214 -32.52 0.22 -27.60
N PHE B 215 -32.95 -0.66 -26.69
CA PHE B 215 -33.82 -0.23 -25.60
C PHE B 215 -33.03 0.46 -24.50
N GLN B 216 -31.75 0.14 -24.39
CA GLN B 216 -30.91 0.79 -23.38
C GLN B 216 -30.56 2.22 -23.78
N ASN B 217 -30.40 2.51 -25.06
CA ASN B 217 -30.27 3.90 -25.46
C ASN B 217 -31.54 4.67 -25.17
N TYR B 218 -32.70 4.02 -25.27
CA TYR B 218 -33.96 4.68 -24.94
C TYR B 218 -34.03 4.99 -23.45
N MET B 219 -33.60 4.06 -22.60
CA MET B 219 -33.55 4.34 -21.17
C MET B 219 -32.58 5.47 -20.87
N VAL B 220 -31.41 5.47 -21.50
CA VAL B 220 -30.43 6.52 -21.28
C VAL B 220 -31.02 7.89 -21.65
N ALA B 221 -31.74 7.95 -22.76
CA ALA B 221 -32.30 9.24 -23.21
C ALA B 221 -33.51 9.64 -22.38
N LEU B 222 -34.27 8.68 -21.88
CA LEU B 222 -35.39 8.98 -21.00
C LEU B 222 -34.91 9.58 -19.69
N VAL B 223 -33.94 8.91 -19.05
CA VAL B 223 -33.40 9.42 -17.79
C VAL B 223 -32.62 10.71 -18.01
N ASN B 224 -32.04 10.88 -19.19
CA ASN B 224 -31.22 12.04 -19.46
C ASN B 224 -32.07 13.30 -19.64
N LYS B 225 -33.28 13.15 -20.14
CA LYS B 225 -34.16 14.30 -20.37
C LYS B 225 -35.22 14.46 -19.30
N SER B 226 -35.06 13.80 -18.16
CA SER B 226 -35.84 14.01 -16.96
C SER B 226 -37.28 13.57 -17.08
N LEU B 227 -37.64 12.77 -18.07
CA LEU B 227 -38.84 11.95 -17.94
C LEU B 227 -38.55 10.87 -16.90
N LEU B 228 -39.52 9.97 -16.71
CA LEU B 228 -39.23 8.87 -15.78
C LEU B 228 -38.95 9.36 -14.36
N PRO B 229 -39.99 9.61 -13.55
CA PRO B 229 -39.79 10.16 -12.20
C PRO B 229 -38.76 9.44 -11.34
N LEU B 230 -37.68 10.13 -11.01
CA LEU B 230 -36.67 9.61 -10.08
C LEU B 230 -36.55 10.46 -8.83
N ARG B 231 -36.53 11.78 -8.98
CA ARG B 231 -36.39 12.70 -7.86
C ARG B 231 -37.69 12.79 -7.07
N PHE B 232 -37.57 12.69 -5.76
CA PHE B 232 -38.70 12.82 -4.86
C PHE B 232 -38.31 13.76 -3.74
N ARG B 233 -39.28 14.45 -3.18
CA ARG B 233 -39.04 15.37 -2.08
C ARG B 233 -39.62 14.77 -0.81
N LEU B 234 -38.79 14.05 -0.07
CA LEU B 234 -39.24 13.45 1.17
C LEU B 234 -39.17 14.46 2.30
N PRO B 235 -40.14 14.43 3.23
CA PRO B 235 -40.02 15.27 4.42
C PRO B 235 -38.96 14.72 5.36
N GLY B 236 -38.20 15.63 5.95
CA GLY B 236 -37.10 15.24 6.81
C GLY B 236 -35.83 14.86 6.09
N LEU B 237 -35.82 14.94 4.76
CA LEU B 237 -34.64 14.62 3.97
C LEU B 237 -34.65 15.51 2.73
N GLY B 238 -33.49 15.57 2.07
CA GLY B 238 -33.42 16.27 0.80
C GLY B 238 -34.19 15.57 -0.28
N GLU B 239 -33.95 15.97 -1.52
CA GLU B 239 -34.59 15.31 -2.65
C GLU B 239 -33.94 13.94 -2.86
N ALA B 240 -34.64 12.90 -2.47
CA ALA B 240 -34.16 11.54 -2.65
C ALA B 240 -34.28 11.13 -4.12
N VAL B 241 -33.43 10.20 -4.53
CA VAL B 241 -33.53 9.53 -5.82
C VAL B 241 -33.85 8.08 -5.56
N PHE B 242 -34.94 7.60 -6.14
CA PHE B 242 -35.36 6.22 -5.97
C PHE B 242 -35.46 5.56 -7.34
N PHE B 243 -34.36 4.92 -7.74
CA PHE B 243 -34.29 4.16 -8.99
C PHE B 243 -33.72 2.79 -8.65
N THR B 244 -34.53 1.75 -8.82
CA THR B 244 -34.14 0.41 -8.43
C THR B 244 -34.14 -0.50 -9.64
N ARG B 245 -33.90 -1.78 -9.38
CA ARG B 245 -33.96 -2.85 -10.36
C ARG B 245 -35.37 -3.17 -10.80
N GLY B 246 -36.30 -3.26 -9.85
CA GLY B 246 -37.71 -3.51 -10.14
C GLY B 246 -38.39 -2.36 -10.84
N LEU B 247 -38.03 -1.13 -10.48
CA LEU B 247 -38.64 0.03 -11.12
C LEU B 247 -38.25 0.13 -12.59
N LYS B 248 -36.97 -0.08 -12.90
CA LYS B 248 -36.53 -0.04 -14.29
C LYS B 248 -37.09 -1.21 -15.08
N TYR B 249 -37.22 -2.38 -14.43
CA TYR B 249 -37.89 -3.51 -15.04
C TYR B 249 -39.31 -3.15 -15.43
N ASN B 250 -40.04 -2.51 -14.53
CA ASN B 250 -41.42 -2.11 -14.82
C ASN B 250 -41.46 -1.08 -15.94
N PHE B 251 -40.52 -0.14 -15.96
CA PHE B 251 -40.50 0.86 -17.03
C PHE B 251 -40.30 0.20 -18.39
N GLU B 252 -39.41 -0.79 -18.46
CA GLU B 252 -39.16 -1.48 -19.72
C GLU B 252 -40.32 -2.39 -20.10
N LEU B 253 -40.94 -3.04 -19.12
CA LEU B 253 -42.12 -3.86 -19.40
C LEU B 253 -43.28 -3.00 -19.89
N ILE B 254 -43.36 -1.76 -19.43
CA ILE B 254 -44.43 -0.87 -19.88
C ILE B 254 -44.13 -0.34 -21.28
N LEU B 255 -42.87 0.00 -21.55
CA LEU B 255 -42.59 0.77 -22.76
C LEU B 255 -42.19 -0.13 -23.92
N PHE B 256 -41.41 -1.18 -23.68
CA PHE B 256 -40.66 -1.87 -24.72
C PHE B 256 -41.12 -3.29 -25.00
N TRP B 257 -41.15 -4.18 -24.03
CA TRP B 257 -41.49 -5.59 -24.28
C TRP B 257 -42.72 -5.99 -23.48
N GLY B 258 -43.84 -6.15 -24.16
CA GLY B 258 -45.03 -6.63 -23.51
C GLY B 258 -46.10 -6.97 -24.52
N PRO B 259 -47.33 -7.15 -24.05
CA PRO B 259 -48.42 -7.42 -24.99
C PRO B 259 -48.80 -6.22 -25.82
N GLY B 260 -48.91 -5.04 -25.22
CA GLY B 260 -49.35 -3.86 -25.93
C GLY B 260 -48.38 -2.70 -25.85
N SER B 261 -47.09 -2.98 -25.94
CA SER B 261 -46.08 -1.97 -25.73
C SER B 261 -46.06 -0.94 -26.86
N LEU B 262 -45.04 -0.09 -26.84
CA LEU B 262 -44.84 0.86 -27.91
C LEU B 262 -44.30 0.17 -29.15
N PHE B 263 -43.63 -0.97 -28.97
CA PHE B 263 -42.95 -1.68 -30.06
C PHE B 263 -43.67 -2.98 -30.35
N LEU B 264 -43.77 -3.33 -31.63
CA LEU B 264 -44.45 -4.55 -32.05
C LEU B 264 -43.48 -5.66 -32.42
N ASN B 265 -42.30 -5.31 -32.94
CA ASN B 265 -41.37 -6.26 -33.53
C ASN B 265 -40.17 -6.55 -32.65
N GLU B 266 -39.76 -5.61 -31.80
CA GLU B 266 -38.47 -5.44 -31.13
C GLU B 266 -37.50 -4.64 -31.99
N TRP B 267 -37.84 -4.30 -33.23
CA TRP B 267 -37.05 -3.37 -34.00
C TRP B 267 -37.87 -2.37 -34.78
N SER B 268 -39.16 -2.24 -34.49
CA SER B 268 -40.03 -1.32 -35.20
C SER B 268 -41.07 -0.78 -34.24
N LEU B 269 -41.30 0.54 -34.30
CA LEU B 269 -42.31 1.19 -33.48
C LEU B 269 -43.67 1.01 -34.16
N LYS B 270 -44.70 0.84 -33.34
CA LYS B 270 -46.05 0.68 -33.86
C LYS B 270 -46.42 1.89 -34.69
N ALA B 271 -47.31 1.72 -35.66
CA ALA B 271 -47.46 2.70 -36.72
C ALA B 271 -48.13 3.97 -36.26
N GLU B 272 -48.95 3.88 -35.20
CA GLU B 272 -49.72 5.04 -34.78
C GLU B 272 -48.85 6.05 -34.04
N TYR B 273 -47.82 5.57 -33.34
CA TYR B 273 -47.00 6.45 -32.54
C TYR B 273 -46.17 7.39 -33.40
N LYS B 274 -46.01 7.07 -34.67
CA LYS B 274 -45.29 7.98 -35.56
C LYS B 274 -46.19 9.10 -36.06
N ARG B 275 -47.50 9.01 -35.81
CA ARG B 275 -48.44 10.01 -36.31
C ARG B 275 -48.60 11.15 -35.32
N GLY B 276 -48.56 12.38 -35.83
CA GLY B 276 -48.72 13.53 -34.96
C GLY B 276 -50.10 13.61 -34.35
N GLY B 277 -51.14 13.37 -35.15
CA GLY B 277 -52.49 13.38 -34.62
C GLY B 277 -52.73 12.24 -33.66
N GLN B 278 -53.96 12.16 -33.16
CA GLN B 278 -54.41 11.13 -32.22
C GLN B 278 -53.46 10.95 -31.04
N ARG B 279 -52.69 11.99 -30.69
CA ARG B 279 -51.76 11.87 -29.57
C ARG B 279 -52.48 11.74 -28.25
N LEU B 280 -53.68 12.34 -28.13
CA LEU B 280 -54.37 12.36 -26.86
C LEU B 280 -54.99 11.01 -26.53
N GLU B 281 -55.57 10.33 -27.54
CA GLU B 281 -56.10 8.99 -27.29
C GLU B 281 -54.98 8.00 -27.01
N LEU B 282 -53.84 8.15 -27.67
CA LEU B 282 -52.69 7.31 -27.37
C LEU B 282 -52.20 7.56 -25.95
N ALA B 283 -52.19 8.82 -25.52
CA ALA B 283 -51.79 9.13 -24.15
C ALA B 283 -52.74 8.50 -23.15
N GLN B 284 -54.05 8.55 -23.42
CA GLN B 284 -55.02 7.93 -22.52
C GLN B 284 -54.83 6.42 -22.48
N ARG B 285 -54.55 5.80 -23.63
CA ARG B 285 -54.33 4.36 -23.66
C ARG B 285 -53.08 3.98 -22.89
N LEU B 286 -51.99 4.73 -23.07
CA LEU B 286 -50.77 4.48 -22.31
C LEU B 286 -51.00 4.67 -20.81
N SER B 287 -51.74 5.70 -20.44
CA SER B 287 -52.04 5.93 -19.02
C SER B 287 -52.83 4.77 -18.43
N ASN B 288 -53.79 4.23 -19.17
CA ASN B 288 -54.55 3.10 -18.65
C ASN B 288 -53.67 1.85 -18.55
N ARG B 289 -52.79 1.65 -19.53
CA ARG B 289 -51.89 0.51 -19.52
C ARG B 289 -50.98 0.56 -18.30
N ILE B 290 -50.39 1.72 -18.03
CA ILE B 290 -49.51 1.85 -16.88
C ILE B 290 -50.28 1.81 -15.57
N LEU B 291 -51.53 2.27 -15.56
CA LEU B 291 -52.37 2.09 -14.37
C LEU B 291 -52.53 0.62 -14.03
N TRP B 292 -52.84 -0.20 -15.03
CA TRP B 292 -53.11 -1.61 -14.75
C TRP B 292 -51.83 -2.38 -14.45
N ILE B 293 -50.70 -1.98 -15.05
CA ILE B 293 -49.43 -2.61 -14.68
C ILE B 293 -49.04 -2.22 -13.25
N GLY B 294 -49.29 -0.97 -12.87
CA GLY B 294 -49.07 -0.58 -11.49
C GLY B 294 -49.95 -1.33 -10.52
N ILE B 295 -51.19 -1.63 -10.92
CA ILE B 295 -52.08 -2.38 -10.03
C ILE B 295 -51.63 -3.83 -9.91
N ALA B 296 -51.14 -4.41 -11.00
CA ALA B 296 -50.53 -5.74 -10.90
C ALA B 296 -49.34 -5.73 -9.95
N ASN B 297 -48.51 -4.68 -10.02
CA ASN B 297 -47.43 -4.53 -9.06
C ASN B 297 -47.94 -4.44 -7.63
N PHE B 298 -48.98 -3.65 -7.40
CA PHE B 298 -49.51 -3.49 -6.05
C PHE B 298 -50.06 -4.81 -5.52
N LEU B 299 -50.61 -5.64 -6.41
CA LEU B 299 -51.17 -6.93 -5.96
C LEU B 299 -50.07 -7.95 -5.71
N LEU B 300 -48.98 -7.89 -6.49
CA LEU B 300 -47.84 -8.76 -6.29
C LEU B 300 -46.90 -8.26 -5.20
N CYS B 301 -47.16 -7.08 -4.64
CA CYS B 301 -46.33 -6.54 -3.57
C CYS B 301 -45.96 -7.53 -2.47
N PRO B 302 -46.89 -8.26 -1.83
CA PRO B 302 -46.46 -9.13 -0.71
C PRO B 302 -45.44 -10.17 -1.12
N LEU B 303 -45.57 -10.76 -2.30
CA LEU B 303 -44.69 -11.85 -2.68
C LEU B 303 -43.28 -11.36 -2.98
N ILE B 304 -43.16 -10.26 -3.71
CA ILE B 304 -41.85 -9.70 -3.99
C ILE B 304 -41.23 -9.15 -2.70
N LEU B 305 -42.05 -8.63 -1.79
CA LEU B 305 -41.50 -8.21 -0.50
C LEU B 305 -40.92 -9.39 0.26
N ILE B 306 -41.63 -10.51 0.29
CA ILE B 306 -41.11 -11.70 0.95
C ILE B 306 -39.82 -12.16 0.30
N TRP B 307 -39.77 -12.15 -1.03
CA TRP B 307 -38.55 -12.55 -1.72
C TRP B 307 -37.38 -11.66 -1.34
N GLN B 308 -37.58 -10.34 -1.33
CA GLN B 308 -36.48 -9.44 -1.02
C GLN B 308 -36.02 -9.60 0.42
N ILE B 309 -36.93 -10.11 1.22
CA ILE B 309 -36.55 -10.41 2.58
C ILE B 309 -35.55 -11.55 2.68
N LEU B 310 -35.96 -12.76 2.33
CA LEU B 310 -35.08 -13.92 2.56
C LEU B 310 -33.76 -13.94 1.82
N TYR B 311 -33.75 -13.55 0.57
CA TYR B 311 -32.51 -13.64 -0.19
C TYR B 311 -31.48 -12.75 0.46
N ALA B 312 -31.93 -11.57 0.90
CA ALA B 312 -31.02 -10.65 1.53
C ALA B 312 -30.46 -11.22 2.82
N PHE B 313 -31.34 -11.83 3.61
CA PHE B 313 -30.92 -12.41 4.85
C PHE B 313 -29.69 -13.24 4.59
N PHE B 314 -29.86 -14.25 3.76
CA PHE B 314 -28.76 -15.13 3.52
C PHE B 314 -27.62 -14.36 2.89
N SER B 315 -27.97 -13.50 1.96
CA SER B 315 -26.94 -12.74 1.26
C SER B 315 -26.15 -11.80 2.15
N TYR B 316 -26.81 -11.14 3.09
CA TYR B 316 -26.12 -10.11 3.87
C TYR B 316 -25.84 -10.42 5.34
N ALA B 317 -26.80 -10.97 6.04
CA ALA B 317 -26.67 -11.28 7.45
C ALA B 317 -25.34 -11.97 7.72
N GLU B 318 -24.94 -12.87 6.82
CA GLU B 318 -23.59 -13.40 6.98
C GLU B 318 -22.54 -12.28 6.97
N VAL B 319 -22.62 -11.39 5.97
CA VAL B 319 -21.61 -10.33 5.87
C VAL B 319 -21.66 -9.43 7.12
N LEU B 320 -22.85 -9.16 7.64
CA LEU B 320 -22.99 -8.35 8.85
C LEU B 320 -22.27 -8.97 10.02
N LYS B 321 -22.45 -10.26 10.24
CA LYS B 321 -21.77 -10.90 11.35
C LYS B 321 -20.26 -10.90 11.15
N ARG B 322 -19.80 -11.01 9.90
CA ARG B 322 -18.36 -11.00 9.67
C ARG B 322 -17.78 -9.60 9.82
N GLU B 323 -18.10 -8.70 8.90
CA GLU B 323 -17.49 -7.38 8.83
C GLU B 323 -18.58 -6.33 8.68
N PRO B 324 -19.08 -5.79 9.80
CA PRO B 324 -20.20 -4.85 9.71
C PRO B 324 -19.88 -3.59 8.93
N GLY B 325 -18.61 -3.34 8.62
CA GLY B 325 -18.23 -2.19 7.85
C GLY B 325 -18.14 -2.40 6.36
N ALA B 326 -18.41 -3.63 5.90
CA ALA B 326 -18.46 -3.87 4.46
C ALA B 326 -19.69 -3.20 3.86
N LEU B 327 -20.76 -3.06 4.65
CA LEU B 327 -21.96 -2.37 4.20
C LEU B 327 -21.81 -0.86 4.27
N GLY B 328 -20.72 -0.36 4.85
CA GLY B 328 -20.42 1.06 4.80
C GLY B 328 -19.66 1.47 3.56
N ALA B 329 -19.12 0.51 2.81
CA ALA B 329 -18.52 0.81 1.53
C ALA B 329 -19.60 1.20 0.55
N ARG B 330 -19.21 1.92 -0.49
CA ARG B 330 -20.17 2.54 -1.39
C ARG B 330 -20.11 1.92 -2.78
N CYS B 331 -21.25 1.86 -3.44
CA CYS B 331 -21.40 1.24 -4.74
C CYS B 331 -21.98 2.25 -5.73
N TRP B 332 -21.94 1.90 -7.00
CA TRP B 332 -22.13 2.94 -8.01
C TRP B 332 -23.58 3.12 -8.44
N SER B 333 -24.57 2.75 -7.62
CA SER B 333 -25.86 3.46 -7.71
C SER B 333 -26.62 3.37 -9.04
N LEU B 334 -27.47 2.35 -9.21
CA LEU B 334 -28.23 2.17 -10.46
C LEU B 334 -28.62 3.48 -11.14
N TYR B 335 -29.11 4.46 -10.39
CA TYR B 335 -29.14 5.82 -10.92
C TYR B 335 -27.73 6.39 -10.80
N GLY B 336 -27.07 6.59 -11.92
CA GLY B 336 -25.65 6.81 -11.87
C GLY B 336 -24.92 5.86 -12.80
N ARG B 337 -25.34 4.60 -12.81
CA ARG B 337 -25.02 3.73 -13.93
C ARG B 337 -25.77 4.17 -15.18
N CYS B 338 -26.93 4.79 -15.00
CA CYS B 338 -27.70 5.26 -16.16
C CYS B 338 -27.40 6.73 -16.44
N TYR B 339 -26.90 7.45 -15.45
CA TYR B 339 -26.58 8.87 -15.62
C TYR B 339 -25.21 9.05 -16.24
N LEU B 340 -24.23 8.25 -15.85
CA LEU B 340 -22.85 8.40 -16.29
C LEU B 340 -22.56 7.62 -17.56
N ARG B 341 -23.63 7.12 -18.17
CA ARG B 341 -23.49 6.34 -19.39
C ARG B 341 -23.09 7.17 -20.58
N HIS B 342 -22.55 6.51 -21.59
CA HIS B 342 -22.07 7.23 -22.76
C HIS B 342 -22.64 6.61 -23.99
N PHE B 343 -22.84 7.42 -24.99
CA PHE B 343 -23.44 6.93 -26.23
C PHE B 343 -23.05 5.53 -26.63
N ASN B 344 -24.05 4.72 -26.92
CA ASN B 344 -23.81 3.37 -27.44
C ASN B 344 -22.64 2.73 -26.70
N GLU B 345 -22.88 2.41 -25.45
CA GLU B 345 -21.84 1.92 -24.57
C GLU B 345 -22.25 0.57 -24.02
N LEU B 346 -21.54 -0.47 -24.42
CA LEU B 346 -21.84 -1.80 -23.93
C LEU B 346 -21.55 -1.87 -22.43
N GLU B 347 -22.10 -2.88 -21.78
CA GLU B 347 -22.05 -2.91 -20.33
C GLU B 347 -20.62 -2.97 -19.81
N HIS B 348 -19.74 -3.68 -20.52
CA HIS B 348 -18.40 -3.86 -20.01
C HIS B 348 -17.58 -2.58 -20.12
N GLU B 349 -17.89 -1.73 -21.08
CA GLU B 349 -17.19 -0.45 -21.18
C GLU B 349 -17.60 0.49 -20.06
N LEU B 350 -18.90 0.55 -19.77
CA LEU B 350 -19.36 1.34 -18.63
C LEU B 350 -18.74 0.84 -17.33
N GLN B 351 -18.72 -0.48 -17.12
CA GLN B 351 -18.19 -0.97 -15.86
C GLN B 351 -16.68 -0.79 -15.77
N SER B 352 -15.96 -0.87 -16.88
CA SER B 352 -14.53 -0.55 -16.85
C SER B 352 -14.32 0.89 -16.44
N ARG B 353 -15.07 1.82 -17.03
CA ARG B 353 -14.99 3.23 -16.62
C ARG B 353 -15.37 3.40 -15.15
N LEU B 354 -16.32 2.62 -14.67
CA LEU B 354 -16.86 2.84 -13.35
C LEU B 354 -15.94 2.33 -12.26
N ASN B 355 -15.14 1.31 -12.55
CA ASN B 355 -14.22 0.85 -11.52
C ASN B 355 -12.82 1.43 -11.70
N ARG B 356 -12.52 1.95 -12.85
CA ARG B 356 -11.28 2.65 -12.99
C ARG B 356 -11.44 3.84 -12.05
N GLY B 357 -12.63 4.41 -11.97
CA GLY B 357 -12.89 5.61 -11.19
C GLY B 357 -13.53 5.40 -9.83
N TYR B 358 -13.28 4.26 -9.18
CA TYR B 358 -13.95 3.94 -7.93
C TYR B 358 -13.14 4.40 -6.73
N LYS B 359 -11.85 4.14 -6.73
CA LYS B 359 -11.01 4.53 -5.59
C LYS B 359 -10.84 6.04 -5.47
N PRO B 360 -10.67 6.81 -6.54
CA PRO B 360 -10.77 8.27 -6.39
C PRO B 360 -12.05 8.70 -5.71
N ALA B 361 -13.17 8.07 -6.05
CA ALA B 361 -14.45 8.48 -5.51
C ALA B 361 -14.57 8.12 -4.04
N SER B 362 -13.98 7.00 -3.62
CA SER B 362 -13.98 6.69 -2.19
C SER B 362 -13.07 7.63 -1.41
N LYS B 363 -11.94 8.01 -2.01
CA LYS B 363 -11.08 9.02 -1.38
C LYS B 363 -11.79 10.34 -1.24
N TYR B 364 -12.63 10.70 -2.22
CA TYR B 364 -13.43 11.91 -2.08
C TYR B 364 -14.45 11.78 -0.97
N MET B 365 -15.30 10.79 -1.05
CA MET B 365 -16.30 10.69 -0.04
C MET B 365 -15.53 10.77 1.25
N ASN B 366 -14.39 10.10 1.30
CA ASN B 366 -13.52 10.15 2.50
C ASN B 366 -12.89 11.49 2.92
N CYS B 367 -12.46 12.35 2.00
CA CYS B 367 -11.66 13.60 2.30
C CYS B 367 -12.03 14.84 3.14
N PHE B 368 -13.26 15.34 3.14
CA PHE B 368 -13.54 16.68 3.73
C PHE B 368 -13.18 16.95 5.20
N LEU B 369 -12.61 18.14 5.46
CA LEU B 369 -12.06 18.49 6.79
C LEU B 369 -12.75 18.65 8.16
N SER B 370 -13.93 19.26 8.29
CA SER B 370 -14.48 19.43 9.66
C SER B 370 -13.50 20.13 10.61
N PRO B 371 -12.92 21.27 10.22
CA PRO B 371 -11.81 21.86 11.00
C PRO B 371 -12.03 22.24 12.44
N LEU B 372 -13.15 22.81 12.83
CA LEU B 372 -13.25 23.27 14.21
C LEU B 372 -13.08 22.08 15.14
N LEU B 373 -13.67 20.96 14.79
CA LEU B 373 -13.50 19.79 15.59
C LEU B 373 -12.03 19.60 15.87
N THR B 374 -11.26 19.46 14.82
CA THR B 374 -9.82 19.22 14.92
C THR B 374 -9.22 19.94 16.13
N LEU B 375 -9.63 21.20 16.35
CA LEU B 375 -9.12 21.96 17.48
C LEU B 375 -9.62 21.38 18.79
N LEU B 376 -10.89 21.02 18.86
CA LEU B 376 -11.43 20.39 20.06
C LEU B 376 -10.70 19.09 20.36
N ALA B 377 -10.39 18.31 19.32
CA ALA B 377 -9.66 17.07 19.49
C ALA B 377 -8.26 17.32 20.04
N LYS B 378 -7.53 18.25 19.42
CA LYS B 378 -6.18 18.57 19.88
C LYS B 378 -6.17 18.96 21.34
N ASN B 379 -7.09 19.83 21.75
CA ASN B 379 -7.02 20.37 23.10
C ASN B 379 -7.58 19.40 24.13
N GLY B 380 -8.61 18.62 23.77
CA GLY B 380 -9.05 17.56 24.65
C GLY B 380 -7.99 16.51 24.85
N ALA B 381 -7.24 16.19 23.79
CA ALA B 381 -6.10 15.30 23.93
C ALA B 381 -5.05 15.89 24.86
N PHE B 382 -4.77 17.19 24.74
CA PHE B 382 -3.79 17.79 25.64
C PHE B 382 -4.22 17.65 27.10
N PHE B 383 -5.43 18.08 27.43
CA PHE B 383 -5.84 18.10 28.83
C PHE B 383 -5.98 16.68 29.39
N ALA B 384 -6.51 15.75 28.60
CA ALA B 384 -6.65 14.39 29.06
C ALA B 384 -5.30 13.70 29.20
N GLY B 385 -4.40 13.88 28.22
CA GLY B 385 -3.09 13.29 28.32
C GLY B 385 -2.28 13.88 29.46
N SER B 386 -2.54 15.14 29.80
CA SER B 386 -1.86 15.74 30.95
C SER B 386 -2.30 15.10 32.26
N ILE B 387 -3.61 15.00 32.48
CA ILE B 387 -4.08 14.38 33.72
C ILE B 387 -3.67 12.91 33.78
N LEU B 388 -3.68 12.23 32.63
CA LEU B 388 -3.29 10.83 32.60
C LEU B 388 -1.80 10.66 32.83
N ALA B 389 -0.97 11.56 32.29
CA ALA B 389 0.46 11.48 32.54
C ALA B 389 0.78 11.65 34.01
N VAL B 390 0.08 12.57 34.67
CA VAL B 390 0.27 12.72 36.11
C VAL B 390 -0.13 11.44 36.84
N LEU B 391 -1.31 10.89 36.52
CA LEU B 391 -1.78 9.72 37.24
C LEU B 391 -0.94 8.48 36.93
N ILE B 392 -0.39 8.41 35.72
CA ILE B 392 0.49 7.32 35.32
C ILE B 392 1.83 7.42 36.04
N ALA B 393 2.39 8.64 36.14
CA ALA B 393 3.63 8.81 36.88
C ALA B 393 3.43 8.43 38.34
N LEU B 394 2.27 8.74 38.90
CA LEU B 394 2.02 8.32 40.28
C LEU B 394 1.92 6.81 40.40
N THR B 395 1.15 6.15 39.52
CA THR B 395 0.98 4.70 39.66
C THR B 395 2.28 3.97 39.37
N ILE B 396 3.16 4.56 38.57
CA ILE B 396 4.49 3.99 38.35
C ILE B 396 5.37 4.18 39.58
N TYR B 397 5.26 5.36 40.21
CA TYR B 397 6.13 5.67 41.34
C TYR B 397 5.90 4.72 42.51
N ASP B 398 4.66 4.60 42.97
CA ASP B 398 4.40 3.87 44.21
C ASP B 398 3.64 2.57 44.01
N GLU B 399 2.85 2.45 42.94
CA GLU B 399 2.03 1.30 42.52
C GLU B 399 0.81 1.11 43.43
N ASP B 400 0.69 1.90 44.50
CA ASP B 400 -0.52 1.84 45.35
C ASP B 400 -1.56 2.85 44.89
N VAL B 401 -1.67 3.05 43.58
CA VAL B 401 -2.68 3.96 43.01
C VAL B 401 -4.06 3.45 43.36
N LEU B 402 -4.22 2.14 43.37
CA LEU B 402 -5.51 1.51 43.58
C LEU B 402 -6.08 1.68 44.97
N ALA B 403 -7.39 1.50 45.12
CA ALA B 403 -8.15 1.71 46.37
C ALA B 403 -8.74 3.06 46.32
N VAL B 404 -8.33 3.87 45.36
CA VAL B 404 -9.03 5.10 45.17
C VAL B 404 -10.28 4.54 44.56
N GLU B 405 -11.44 5.06 44.93
CA GLU B 405 -12.61 4.40 44.39
C GLU B 405 -12.75 4.47 42.86
N HIS B 406 -12.48 5.63 42.28
CA HIS B 406 -12.57 5.78 40.82
C HIS B 406 -11.27 5.81 40.03
N VAL B 407 -10.12 5.66 40.68
CA VAL B 407 -8.86 5.83 39.95
C VAL B 407 -8.73 5.02 38.66
N LEU B 408 -8.48 3.74 38.79
CA LEU B 408 -8.34 2.80 37.68
C LEU B 408 -9.38 3.09 36.58
N THR B 409 -10.63 3.31 36.99
CA THR B 409 -11.64 3.68 36.02
C THR B 409 -11.30 5.00 35.35
N THR B 410 -10.69 5.93 36.09
CA THR B 410 -10.29 7.20 35.50
C THR B 410 -9.20 7.00 34.45
N VAL B 411 -8.21 6.15 34.75
CA VAL B 411 -7.15 5.89 33.79
C VAL B 411 -7.73 5.27 32.53
N THR B 412 -8.66 4.32 32.68
CA THR B 412 -9.24 3.69 31.48
C THR B 412 -10.06 4.68 30.66
N LEU B 413 -10.92 5.46 31.32
CA LEU B 413 -11.73 6.44 30.58
C LEU B 413 -10.86 7.49 29.92
N LEU B 414 -9.79 7.92 30.59
CA LEU B 414 -8.89 8.90 30.01
C LEU B 414 -8.14 8.32 28.83
N GLY B 415 -7.76 7.04 28.90
CA GLY B 415 -7.13 6.40 27.77
C GLY B 415 -8.05 6.34 26.57
N VAL B 416 -9.32 6.00 26.80
CA VAL B 416 -10.29 6.00 25.71
C VAL B 416 -10.44 7.41 25.13
N THR B 417 -10.50 8.42 25.99
CA THR B 417 -10.64 9.79 25.51
C THR B 417 -9.45 10.21 24.66
N VAL B 418 -8.23 9.95 25.12
CA VAL B 418 -7.06 10.30 24.34
C VAL B 418 -7.06 9.57 23.00
N THR B 419 -7.48 8.30 23.00
CA THR B 419 -7.45 7.55 21.74
C THR B 419 -8.49 8.09 20.75
N VAL B 420 -9.68 8.42 21.25
CA VAL B 420 -10.70 9.01 20.37
C VAL B 420 -10.22 10.33 19.80
N CYS B 421 -9.68 11.21 20.64
CA CYS B 421 -9.20 12.49 20.17
C CYS B 421 -8.08 12.31 19.15
N ARG B 422 -7.10 11.45 19.46
CA ARG B 422 -6.00 11.22 18.51
C ARG B 422 -6.50 10.66 17.20
N SER B 423 -7.63 9.93 17.23
CA SER B 423 -8.20 9.49 15.97
C SER B 423 -8.86 10.65 15.22
N PHE B 424 -9.35 11.65 15.95
CA PHE B 424 -9.95 12.79 15.28
C PHE B 424 -8.91 13.81 14.87
N ILE B 425 -7.77 13.85 15.56
CA ILE B 425 -6.67 14.72 15.15
C ILE B 425 -6.19 14.29 13.77
N PRO B 426 -6.23 15.16 12.76
CA PRO B 426 -5.70 14.77 11.45
C PRO B 426 -4.22 14.46 11.55
N ASP B 427 -3.77 13.58 10.68
CA ASP B 427 -2.36 13.26 10.64
C ASP B 427 -1.68 14.40 9.93
N GLN B 428 -0.59 14.86 10.50
CA GLN B 428 0.09 15.98 9.93
C GLN B 428 0.68 15.50 8.66
N HIS B 429 0.89 16.43 7.76
CA HIS B 429 1.50 16.06 6.53
C HIS B 429 0.65 15.07 5.83
N MET B 430 -0.67 15.22 5.94
CA MET B 430 -1.52 14.36 5.17
C MET B 430 -1.95 15.32 4.10
N VAL B 431 -1.72 14.97 2.85
CA VAL B 431 -2.00 15.93 1.79
C VAL B 431 -3.49 16.02 1.54
N PHE B 432 -3.90 17.13 0.93
CA PHE B 432 -5.31 17.28 0.61
C PHE B 432 -5.42 17.76 -0.80
N CYS B 433 -6.28 17.14 -1.59
CA CYS B 433 -6.47 17.61 -2.96
C CYS B 433 -7.94 17.78 -3.33
N PRO B 434 -8.59 18.83 -2.80
CA PRO B 434 -9.99 18.91 -3.17
C PRO B 434 -10.06 19.09 -4.64
N GLU B 435 -9.20 19.93 -5.20
CA GLU B 435 -9.31 20.17 -6.62
C GLU B 435 -9.08 18.91 -7.41
N GLN B 436 -8.06 18.15 -7.02
CA GLN B 436 -7.74 16.92 -7.73
C GLN B 436 -8.82 15.85 -7.64
N LEU B 437 -9.40 15.70 -6.44
CA LEU B 437 -10.42 14.66 -6.27
C LEU B 437 -11.61 14.98 -7.15
N LEU B 438 -11.97 16.25 -7.22
CA LEU B 438 -13.04 16.61 -8.14
C LEU B 438 -12.42 16.86 -9.48
N ARG B 439 -11.34 16.17 -9.77
CA ARG B 439 -10.80 16.23 -11.13
C ARG B 439 -10.49 14.84 -11.67
N VAL B 440 -9.87 13.98 -10.86
CA VAL B 440 -9.52 12.65 -11.37
C VAL B 440 -10.77 11.77 -11.48
N ILE B 441 -11.71 11.91 -10.55
CA ILE B 441 -12.97 11.18 -10.65
C ILE B 441 -13.68 11.54 -11.94
N LEU B 442 -13.67 12.83 -12.29
CA LEU B 442 -14.26 13.25 -13.55
C LEU B 442 -13.50 12.67 -14.74
N ALA B 443 -12.17 12.66 -14.66
CA ALA B 443 -11.39 12.12 -15.77
C ALA B 443 -11.75 10.67 -16.04
N HIS B 444 -12.13 9.93 -15.00
CA HIS B 444 -12.56 8.55 -15.21
C HIS B 444 -14.01 8.46 -15.65
N ILE B 445 -14.83 9.43 -15.25
CA ILE B 445 -16.26 9.42 -15.58
C ILE B 445 -16.57 10.19 -16.85
N HIS B 446 -16.05 11.41 -17.00
CA HIS B 446 -16.22 12.26 -18.20
C HIS B 446 -17.55 13.02 -18.23
N TYR B 447 -18.37 12.94 -17.19
CA TYR B 447 -19.59 13.74 -17.12
C TYR B 447 -19.64 14.47 -15.79
N MET B 448 -19.95 15.77 -15.77
CA MET B 448 -20.08 16.44 -14.47
C MET B 448 -21.21 17.43 -14.31
N PRO B 449 -21.73 17.56 -13.08
CA PRO B 449 -22.71 18.61 -12.86
C PRO B 449 -21.99 19.93 -13.03
N ASP B 450 -22.61 20.95 -13.63
CA ASP B 450 -21.92 22.21 -13.90
C ASP B 450 -21.69 23.06 -12.66
N HIS B 451 -22.33 22.70 -11.55
CA HIS B 451 -22.09 23.42 -10.32
C HIS B 451 -21.26 22.61 -9.33
N TRP B 452 -20.48 21.64 -9.81
CA TRP B 452 -19.60 20.89 -8.94
C TRP B 452 -18.16 21.36 -9.04
N GLN B 453 -17.76 21.77 -10.24
CA GLN B 453 -16.36 22.06 -10.52
C GLN B 453 -15.77 23.16 -9.70
N GLY B 454 -16.56 24.13 -9.34
CA GLY B 454 -16.04 25.19 -8.50
C GLY B 454 -16.01 24.82 -7.03
N ASN B 455 -17.16 24.46 -6.48
CA ASN B 455 -17.30 24.18 -5.06
C ASN B 455 -17.30 22.67 -4.81
N ALA B 456 -16.09 22.11 -4.88
CA ALA B 456 -15.91 20.67 -4.70
C ALA B 456 -16.02 20.27 -3.24
N HIS B 457 -15.93 21.24 -2.33
CA HIS B 457 -15.76 20.99 -0.91
C HIS B 457 -17.01 21.25 -0.09
N ARG B 458 -18.12 21.60 -0.71
CA ARG B 458 -19.31 21.98 0.02
C ARG B 458 -20.20 20.77 0.30
N SER B 459 -21.26 21.02 1.09
CA SER B 459 -22.20 19.95 1.40
C SER B 459 -23.18 19.74 0.26
N GLN B 460 -23.39 20.76 -0.57
CA GLN B 460 -24.22 20.58 -1.76
C GLN B 460 -23.58 19.60 -2.72
N THR B 461 -22.26 19.69 -2.91
CA THR B 461 -21.58 18.80 -3.83
C THR B 461 -21.48 17.39 -3.29
N ARG B 462 -21.13 17.25 -2.03
CA ARG B 462 -21.06 15.95 -1.46
C ARG B 462 -22.41 15.29 -1.43
N ASP B 463 -23.48 16.06 -1.22
CA ASP B 463 -24.81 15.52 -1.00
C ASP B 463 -25.38 14.93 -2.28
N GLU B 464 -25.10 15.56 -3.41
CA GLU B 464 -25.56 15.03 -4.67
C GLU B 464 -24.48 14.28 -5.43
N PHE B 465 -23.29 14.15 -4.88
CA PHE B 465 -22.30 13.31 -5.52
C PHE B 465 -22.48 12.03 -4.77
N ALA B 466 -23.07 12.10 -3.59
CA ALA B 466 -23.38 10.91 -2.82
C ALA B 466 -24.37 9.99 -3.50
N GLN B 467 -25.40 10.55 -4.12
CA GLN B 467 -26.42 9.73 -4.73
C GLN B 467 -25.85 8.90 -5.84
N LEU B 468 -24.97 9.46 -6.64
CA LEU B 468 -24.31 8.71 -7.69
C LEU B 468 -23.46 7.58 -7.09
N PHE B 469 -22.80 7.83 -5.97
CA PHE B 469 -21.86 6.86 -5.37
C PHE B 469 -22.37 6.21 -4.10
N GLN B 470 -23.67 6.13 -3.89
CA GLN B 470 -24.20 5.71 -2.58
C GLN B 470 -23.87 4.35 -1.99
N TYR B 471 -23.73 4.33 -0.67
CA TYR B 471 -23.32 3.13 0.05
C TYR B 471 -24.21 1.94 0.05
N LYS B 472 -23.57 0.79 0.03
CA LYS B 472 -24.31 -0.47 0.01
C LYS B 472 -25.47 -0.60 0.96
N ALA B 473 -25.39 -0.04 2.14
CA ALA B 473 -26.51 -0.30 3.04
C ALA B 473 -27.78 0.35 2.55
N VAL B 474 -27.68 1.58 2.03
CA VAL B 474 -28.88 2.21 1.50
C VAL B 474 -29.28 1.55 0.19
N PHE B 475 -28.35 0.88 -0.48
CA PHE B 475 -28.72 0.07 -1.63
C PHE B 475 -29.58 -1.11 -1.22
N ILE B 476 -29.18 -1.86 -0.22
CA ILE B 476 -29.97 -3.00 0.25
C ILE B 476 -31.30 -2.53 0.82
N LEU B 477 -31.33 -1.41 1.52
CA LEU B 477 -32.59 -0.85 2.02
C LEU B 477 -33.49 -0.42 0.87
N GLU B 478 -32.91 0.17 -0.17
CA GLU B 478 -33.67 0.71 -1.27
C GLU B 478 -34.17 -0.40 -2.18
N GLU B 479 -33.50 -1.55 -2.18
CA GLU B 479 -34.02 -2.70 -2.91
C GLU B 479 -35.08 -3.43 -2.09
N LEU B 480 -35.03 -3.29 -0.77
CA LEU B 480 -36.10 -3.84 0.07
C LEU B 480 -37.38 -3.02 -0.06
N LEU B 481 -37.24 -1.70 -0.14
CA LEU B 481 -38.42 -0.83 -0.17
C LEU B 481 -39.09 -0.80 -1.53
N SER B 482 -38.48 -1.35 -2.57
CA SER B 482 -39.03 -1.20 -3.91
C SER B 482 -40.32 -1.99 -4.14
N PRO B 483 -40.50 -3.20 -3.59
CA PRO B 483 -41.82 -3.83 -3.69
C PRO B 483 -42.98 -2.96 -3.24
N ILE B 484 -42.82 -2.23 -2.12
CA ILE B 484 -43.91 -1.43 -1.59
C ILE B 484 -43.94 -0.01 -2.15
N VAL B 485 -42.86 0.46 -2.76
CA VAL B 485 -42.81 1.82 -3.28
C VAL B 485 -43.04 1.89 -4.78
N THR B 486 -42.67 0.88 -5.55
CA THR B 486 -42.77 0.91 -7.00
C THR B 486 -44.21 1.02 -7.52
N PRO B 487 -45.19 0.30 -6.97
CA PRO B 487 -46.56 0.52 -7.45
C PRO B 487 -47.07 1.93 -7.27
N LEU B 488 -46.77 2.60 -6.17
CA LEU B 488 -47.36 3.92 -5.96
C LEU B 488 -46.68 4.99 -6.80
N ILE B 489 -45.36 4.92 -6.95
CA ILE B 489 -44.73 5.80 -7.94
C ILE B 489 -45.25 5.50 -9.34
N LEU B 490 -45.44 4.23 -9.66
CA LEU B 490 -45.89 3.85 -11.01
C LEU B 490 -47.31 4.36 -11.28
N ILE B 491 -48.16 4.35 -10.26
CA ILE B 491 -49.55 4.79 -10.45
C ILE B 491 -49.66 6.31 -10.42
N PHE B 492 -48.91 6.98 -9.55
CA PHE B 492 -49.14 8.39 -9.28
C PHE B 492 -48.18 9.32 -10.02
N CYS B 493 -46.89 8.97 -10.09
CA CYS B 493 -45.91 9.93 -10.56
C CYS B 493 -45.62 9.78 -12.05
N LEU B 494 -45.94 8.61 -12.64
CA LEU B 494 -45.60 8.40 -14.04
C LEU B 494 -46.81 8.59 -14.95
N ARG B 495 -48.00 8.20 -14.49
CA ARG B 495 -49.20 8.38 -15.31
C ARG B 495 -49.44 9.81 -15.75
N PRO B 496 -49.14 10.84 -14.96
CA PRO B 496 -49.20 12.21 -15.50
C PRO B 496 -48.19 12.47 -16.60
N ARG B 497 -47.12 11.71 -16.69
CA ARG B 497 -46.15 12.01 -17.70
C ARG B 497 -46.39 11.29 -19.02
N ALA B 498 -47.49 10.56 -19.12
CA ALA B 498 -47.70 9.71 -20.29
C ALA B 498 -47.79 10.52 -21.57
N LEU B 499 -48.36 11.73 -21.50
CA LEU B 499 -48.47 12.55 -22.70
C LEU B 499 -47.11 13.10 -23.12
N GLU B 500 -46.18 13.21 -22.18
CA GLU B 500 -44.83 13.62 -22.55
C GLU B 500 -44.02 12.42 -23.05
N ILE B 501 -44.31 11.23 -22.53
CA ILE B 501 -43.66 10.02 -23.01
C ILE B 501 -44.05 9.74 -24.45
N ILE B 502 -45.33 9.88 -24.77
CA ILE B 502 -45.79 9.71 -26.15
C ILE B 502 -45.10 10.68 -27.08
N ASP B 503 -44.93 11.93 -26.64
CA ASP B 503 -44.31 12.94 -27.50
C ASP B 503 -42.80 12.69 -27.64
N PHE B 504 -42.18 12.12 -26.60
CA PHE B 504 -40.79 11.72 -26.73
C PHE B 504 -40.65 10.65 -27.80
N PHE B 505 -41.44 9.58 -27.69
CA PHE B 505 -41.28 8.46 -28.61
C PHE B 505 -41.69 8.82 -30.02
N ARG B 506 -42.60 9.78 -30.17
CA ARG B 506 -42.94 10.24 -31.52
C ARG B 506 -41.83 11.13 -32.07
N ASN B 507 -41.27 12.00 -31.23
CA ASN B 507 -40.32 13.00 -31.72
C ASN B 507 -38.93 12.40 -31.88
N PHE B 508 -38.47 11.62 -30.92
CA PHE B 508 -37.13 11.06 -30.93
C PHE B 508 -37.21 9.57 -31.20
N THR B 509 -37.38 9.23 -32.48
CA THR B 509 -37.28 7.84 -32.96
C THR B 509 -37.00 7.90 -34.46
N VAL B 510 -35.76 7.64 -34.84
CA VAL B 510 -35.36 7.69 -36.23
C VAL B 510 -35.38 6.29 -36.81
N GLU B 511 -35.69 6.18 -38.10
CA GLU B 511 -35.64 4.93 -38.82
C GLU B 511 -34.35 4.89 -39.62
N VAL B 512 -33.38 4.11 -39.16
CA VAL B 512 -32.10 3.94 -39.82
C VAL B 512 -32.19 2.69 -40.69
N VAL B 513 -31.59 2.74 -41.88
CA VAL B 513 -31.97 1.85 -42.97
C VAL B 513 -31.76 0.39 -42.61
N GLY B 514 -30.65 0.08 -41.95
CA GLY B 514 -30.32 -1.32 -41.70
C GLY B 514 -30.89 -1.84 -40.40
N VAL B 515 -30.99 -0.96 -39.39
CA VAL B 515 -31.28 -1.39 -38.03
C VAL B 515 -32.75 -1.28 -37.66
N GLY B 516 -33.50 -0.40 -38.31
CA GLY B 516 -34.88 -0.20 -37.94
C GLY B 516 -35.11 1.09 -37.17
N ASP B 517 -35.85 1.01 -36.07
CA ASP B 517 -36.24 2.19 -35.30
C ASP B 517 -35.36 2.31 -34.07
N THR B 518 -34.50 3.31 -34.06
CA THR B 518 -33.57 3.54 -32.96
C THR B 518 -33.81 4.93 -32.39
N CYS B 519 -33.30 5.14 -31.18
CA CYS B 519 -33.38 6.45 -30.55
C CYS B 519 -32.72 7.51 -31.41
N SER B 520 -33.17 8.74 -31.29
CA SER B 520 -32.65 9.79 -32.16
C SER B 520 -31.31 10.30 -31.64
N PHE B 521 -31.09 10.23 -30.34
CA PHE B 521 -29.83 10.70 -29.76
C PHE B 521 -28.69 9.73 -30.02
N ALA B 522 -28.95 8.42 -29.93
CA ALA B 522 -27.92 7.40 -30.07
C ALA B 522 -27.28 7.40 -31.44
N GLN B 523 -27.79 8.17 -32.39
CA GLN B 523 -27.07 8.36 -33.64
C GLN B 523 -25.77 9.12 -33.43
N PRO C 36 -12.99 47.54 6.61
CA PRO C 36 -12.96 47.84 5.18
C PRO C 36 -12.68 49.31 4.96
N TRP C 37 -12.30 50.02 6.00
CA TRP C 37 -12.12 51.45 5.85
C TRP C 37 -10.84 51.72 5.12
N HIS C 38 -10.34 52.94 5.22
CA HIS C 38 -9.16 53.29 4.44
C HIS C 38 -7.90 53.62 5.22
N HIS C 39 -6.91 52.73 5.17
CA HIS C 39 -5.60 52.99 5.81
C HIS C 39 -5.67 53.28 7.30
N ILE C 40 -6.56 52.60 8.01
CA ILE C 40 -6.68 52.81 9.44
C ILE C 40 -5.42 52.38 10.17
N GLU C 41 -4.84 51.28 9.75
CA GLU C 41 -3.71 50.71 10.46
C GLU C 41 -2.67 50.31 9.46
N ASN C 42 -1.46 50.09 9.98
CA ASN C 42 -0.38 49.67 9.13
C ASN C 42 -0.88 48.54 8.29
N LEU C 43 -0.42 48.50 7.05
CA LEU C 43 -0.92 47.50 6.16
C LEU C 43 -0.54 46.17 6.76
N ASP C 44 0.66 46.09 7.30
CA ASP C 44 1.06 44.84 7.87
C ASP C 44 0.12 44.55 9.00
N LEU C 45 -0.23 45.56 9.78
CA LEU C 45 -1.06 45.28 10.93
C LEU C 45 -2.47 45.07 10.45
N PHE C 46 -2.65 45.05 9.14
CA PHE C 46 -3.97 44.75 8.65
C PHE C 46 -3.94 43.53 7.77
N PHE C 47 -3.00 43.48 6.85
CA PHE C 47 -2.84 42.35 5.94
C PHE C 47 -2.46 41.09 6.67
N SER C 48 -1.60 41.22 7.67
CA SER C 48 -1.20 40.06 8.41
C SER C 48 -2.36 39.46 9.12
N ARG C 49 -3.21 40.29 9.72
CA ARG C 49 -4.39 39.86 10.43
C ARG C 49 -5.36 39.21 9.48
N VAL C 50 -5.48 39.77 8.28
CA VAL C 50 -6.37 39.19 7.30
C VAL C 50 -5.91 37.78 6.97
N TYR C 51 -4.60 37.62 6.76
CA TYR C 51 -4.03 36.33 6.45
C TYR C 51 -4.21 35.34 7.59
N ASN C 52 -4.02 35.81 8.81
CA ASN C 52 -4.18 34.95 9.95
C ASN C 52 -5.62 34.49 10.09
N LEU C 53 -6.57 35.38 9.82
CA LEU C 53 -7.99 35.03 9.86
C LEU C 53 -8.28 34.01 8.79
N HIS C 54 -7.67 34.11 7.61
CA HIS C 54 -7.90 33.04 6.67
C HIS C 54 -7.31 31.73 7.16
N GLN C 55 -6.13 31.75 7.78
CA GLN C 55 -5.49 30.51 8.24
C GLN C 55 -6.22 29.75 9.34
N LYS C 56 -6.51 30.39 10.45
CA LYS C 56 -7.34 29.86 11.53
C LYS C 56 -8.77 30.05 11.04
N ASN C 57 -9.37 28.98 10.52
CA ASN C 57 -10.41 29.15 9.51
C ASN C 57 -11.60 29.86 10.10
N GLY C 58 -11.57 31.19 10.07
CA GLY C 58 -12.67 31.98 10.57
C GLY C 58 -12.51 32.58 11.95
N PHE C 59 -13.27 33.64 12.18
CA PHE C 59 -13.21 34.35 13.43
C PHE C 59 -13.55 33.48 14.61
N THR C 60 -14.60 32.69 14.52
CA THR C 60 -14.98 31.88 15.66
C THR C 60 -13.89 30.87 16.00
N CYS C 61 -13.29 30.34 14.97
CA CYS C 61 -12.21 29.44 15.20
C CYS C 61 -11.07 30.15 15.85
N MET C 62 -10.76 31.33 15.35
CA MET C 62 -9.56 31.97 15.83
C MET C 62 -9.73 32.22 17.28
N LEU C 63 -10.91 32.66 17.64
CA LEU C 63 -11.12 33.00 19.01
C LEU C 63 -10.92 31.76 19.80
N ILE C 64 -11.66 30.74 19.45
CA ILE C 64 -11.60 29.56 20.28
C ILE C 64 -10.18 29.08 20.44
N GLY C 65 -9.40 29.12 19.37
CA GLY C 65 -8.04 28.66 19.43
C GLY C 65 -7.26 29.49 20.42
N GLU C 66 -7.43 30.80 20.37
CA GLU C 66 -6.71 31.67 21.32
C GLU C 66 -7.15 31.41 22.74
N ILE C 67 -8.43 31.19 22.94
CA ILE C 67 -8.92 30.92 24.28
C ILE C 67 -8.32 29.62 24.80
N PHE C 68 -8.21 28.61 23.96
CA PHE C 68 -7.61 27.33 24.33
C PHE C 68 -6.15 27.51 24.67
N GLU C 69 -5.46 28.36 23.92
CA GLU C 69 -4.06 28.68 24.16
C GLU C 69 -3.89 29.35 25.50
N LEU C 70 -4.84 30.20 25.91
CA LEU C 70 -4.76 30.84 27.22
C LEU C 70 -5.08 29.89 28.38
N MET C 71 -5.95 28.92 28.14
CA MET C 71 -6.37 27.94 29.13
C MET C 71 -5.34 26.85 29.34
N GLN C 72 -4.54 26.58 28.32
CA GLN C 72 -3.45 25.63 28.48
C GLN C 72 -2.37 26.18 29.41
N PHE C 73 -1.96 27.42 29.20
CA PHE C 73 -1.01 28.05 30.12
C PHE C 73 -1.53 28.01 31.55
N LEU C 74 -2.75 28.52 31.75
CA LEU C 74 -3.31 28.58 33.09
C LEU C 74 -3.46 27.18 33.70
N PHE C 75 -3.75 26.18 32.88
CA PHE C 75 -3.94 24.82 33.40
C PHE C 75 -2.62 24.20 33.80
N VAL C 76 -1.58 24.36 32.97
CA VAL C 76 -0.26 23.87 33.35
C VAL C 76 0.15 24.48 34.68
N VAL C 77 0.04 25.80 34.81
CA VAL C 77 0.52 26.46 36.03
C VAL C 77 -0.32 26.07 37.25
N ALA C 78 -1.62 25.94 37.05
CA ALA C 78 -2.51 25.55 38.15
C ALA C 78 -2.04 24.30 38.87
N PHE C 79 -2.09 23.16 38.19
CA PHE C 79 -1.73 21.91 38.84
C PHE C 79 -0.30 21.99 39.23
N THR C 80 0.50 22.57 38.34
CA THR C 80 1.90 22.73 38.64
C THR C 80 1.96 23.19 40.05
N THR C 81 0.89 23.83 40.48
CA THR C 81 0.88 24.38 41.82
C THR C 81 -0.08 23.65 42.75
N PHE C 82 -1.06 22.96 42.19
CA PHE C 82 -1.96 22.11 42.97
C PHE C 82 -1.26 20.81 43.35
N LEU C 83 -0.53 20.22 42.40
CA LEU C 83 0.23 19.00 42.66
C LEU C 83 1.33 19.25 43.68
N VAL C 84 2.00 20.40 43.57
CA VAL C 84 3.08 20.71 44.51
C VAL C 84 2.52 20.95 45.90
N SER C 85 1.42 21.71 46.01
CA SER C 85 1.10 22.39 47.25
C SER C 85 -0.08 21.83 48.02
N CYS C 86 -1.09 21.27 47.35
CA CYS C 86 -2.36 20.94 47.99
C CYS C 86 -2.55 19.45 48.24
N VAL C 87 -1.80 18.59 47.57
CA VAL C 87 -2.01 17.15 47.61
C VAL C 87 -1.14 16.55 48.71
N ASP C 88 -1.72 15.64 49.48
CA ASP C 88 -0.99 14.93 50.54
C ASP C 88 -0.61 13.57 49.99
N TYR C 89 0.57 13.54 49.40
CA TYR C 89 1.09 12.34 48.80
C TYR C 89 1.22 11.19 49.75
N ASP C 90 1.54 11.42 51.01
CA ASP C 90 1.71 10.29 51.92
C ASP C 90 0.42 9.49 52.07
N ILE C 91 -0.70 10.18 52.30
CA ILE C 91 -1.99 9.49 52.43
C ILE C 91 -2.39 8.82 51.11
N LEU C 92 -2.09 9.48 50.00
CA LEU C 92 -2.39 8.95 48.68
C LEU C 92 -1.64 7.65 48.44
N PHE C 93 -0.39 7.58 48.85
CA PHE C 93 0.41 6.40 48.57
C PHE C 93 0.16 5.23 49.51
N ALA C 94 0.37 5.46 50.80
CA ALA C 94 0.19 4.39 51.77
C ALA C 94 -0.67 4.79 52.96
N ASN C 95 -0.23 5.81 53.69
CA ASN C 95 -0.77 6.10 55.02
C ASN C 95 -2.13 6.80 54.97
N LYS C 109 -10.73 1.56 52.29
CA LYS C 109 -10.90 2.12 50.95
C LYS C 109 -10.74 3.63 51.01
N VAL C 110 -9.81 4.17 50.25
CA VAL C 110 -9.59 5.61 50.27
C VAL C 110 -10.04 6.28 48.98
N THR C 111 -10.95 7.24 49.14
CA THR C 111 -11.48 8.03 48.04
C THR C 111 -10.42 9.01 47.57
N LEU C 112 -10.49 9.43 46.32
CA LEU C 112 -9.51 10.38 45.82
C LEU C 112 -9.43 11.66 46.64
N PRO C 113 -10.58 12.32 46.88
CA PRO C 113 -10.43 13.58 47.63
C PRO C 113 -10.00 13.41 49.07
N ASP C 114 -9.67 12.18 49.51
CA ASP C 114 -9.08 12.02 50.83
C ASP C 114 -7.67 12.57 50.85
N ALA C 115 -7.05 12.73 49.68
CA ALA C 115 -5.70 13.26 49.62
C ALA C 115 -5.67 14.77 49.76
N PHE C 116 -6.45 15.44 48.94
CA PHE C 116 -6.49 16.90 48.90
C PHE C 116 -6.76 17.56 50.24
N LEU C 117 -6.09 18.69 50.46
CA LEU C 117 -6.25 19.47 51.67
C LEU C 117 -7.28 20.54 51.35
N PRO C 118 -8.02 20.98 52.38
CA PRO C 118 -9.06 22.00 52.21
C PRO C 118 -8.44 23.31 51.78
N ALA C 119 -9.18 24.09 51.00
CA ALA C 119 -8.65 25.36 50.47
C ALA C 119 -8.21 26.33 51.57
N GLN C 120 -8.96 26.39 52.66
CA GLN C 120 -8.59 27.26 53.77
C GLN C 120 -7.17 26.93 54.23
N VAL C 121 -6.68 25.74 53.89
CA VAL C 121 -5.32 25.36 54.24
C VAL C 121 -4.40 25.37 53.04
N CYS C 122 -4.94 25.11 51.84
CA CYS C 122 -4.12 25.20 50.63
C CYS C 122 -3.61 26.61 50.41
N SER C 123 -4.45 27.62 50.67
CA SER C 123 -4.03 29.00 50.47
C SER C 123 -2.85 29.33 51.38
N ALA C 124 -2.93 28.93 52.65
CA ALA C 124 -1.84 29.20 53.58
C ALA C 124 -0.60 28.39 53.23
N ARG C 125 -0.78 27.17 52.72
CA ARG C 125 0.38 26.32 52.42
C ARG C 125 1.08 26.76 51.15
N ILE C 126 0.35 27.36 50.21
CA ILE C 126 0.97 27.92 49.01
C ILE C 126 1.48 29.33 49.23
N GLN C 127 0.93 30.07 50.20
CA GLN C 127 1.35 31.43 50.47
C GLN C 127 2.67 31.47 51.24
N GLU C 128 2.90 30.53 52.14
CA GLU C 128 4.17 30.45 52.85
C GLU C 128 5.23 29.72 52.03
N ASN C 129 5.40 30.16 50.79
CA ASN C 129 6.44 29.66 49.91
C ASN C 129 6.93 30.83 49.06
N GLY C 130 8.00 31.47 49.51
CA GLY C 130 8.48 32.67 48.81
C GLY C 130 8.84 32.38 47.37
N SER C 131 9.52 31.26 47.13
CA SER C 131 9.88 30.91 45.76
C SER C 131 8.64 30.62 44.93
N LEU C 132 7.69 29.85 45.48
CA LEU C 132 6.48 29.53 44.73
C LEU C 132 5.64 30.77 44.48
N ILE C 133 5.48 31.62 45.50
CA ILE C 133 4.69 32.83 45.33
C ILE C 133 5.35 33.76 44.31
N THR C 134 6.67 33.84 44.31
CA THR C 134 7.35 34.68 43.34
C THR C 134 7.17 34.15 41.92
N ILE C 135 7.33 32.85 41.73
CA ILE C 135 7.11 32.27 40.41
C ILE C 135 5.67 32.48 39.98
N LEU C 136 4.73 32.35 40.91
CA LEU C 136 3.32 32.56 40.56
C LEU C 136 3.02 34.01 40.22
N VAL C 137 3.67 34.95 40.89
CA VAL C 137 3.43 36.36 40.56
C VAL C 137 3.98 36.68 39.18
N ILE C 138 5.18 36.20 38.87
CA ILE C 138 5.72 36.44 37.53
C ILE C 138 4.86 35.75 36.48
N ALA C 139 4.40 34.52 36.79
CA ALA C 139 3.55 33.79 35.85
C ALA C 139 2.22 34.50 35.65
N GLY C 140 1.64 35.04 36.72
CA GLY C 140 0.39 35.76 36.60
C GLY C 140 0.53 37.08 35.87
N VAL C 141 1.68 37.73 35.99
CA VAL C 141 1.90 38.96 35.24
C VAL C 141 2.04 38.66 33.75
N PHE C 142 2.80 37.63 33.40
CA PHE C 142 2.85 37.21 32.00
C PHE C 142 1.48 36.81 31.50
N TRP C 143 0.71 36.13 32.33
CA TRP C 143 -0.60 35.76 31.89
C TRP C 143 -1.46 36.98 31.65
N ILE C 144 -1.52 37.90 32.60
CA ILE C 144 -2.38 39.07 32.45
C ILE C 144 -1.98 39.86 31.21
N HIS C 145 -0.68 39.97 30.95
CA HIS C 145 -0.24 40.62 29.72
C HIS C 145 -0.77 39.88 28.50
N ARG C 146 -0.78 38.56 28.53
CA ARG C 146 -1.27 37.81 27.38
C ARG C 146 -2.78 37.91 27.24
N LEU C 147 -3.50 37.95 28.35
CA LEU C 147 -4.96 38.11 28.30
C LEU C 147 -5.34 39.49 27.77
N ILE C 148 -4.61 40.53 28.19
CA ILE C 148 -4.88 41.87 27.69
C ILE C 148 -4.58 41.97 26.20
N LYS C 149 -3.47 41.38 25.76
CA LYS C 149 -3.19 41.33 24.33
C LYS C 149 -4.27 40.56 23.58
N PHE C 150 -4.85 39.54 24.21
CA PHE C 150 -5.90 38.76 23.55
C PHE C 150 -7.17 39.57 23.38
N ILE C 151 -7.58 40.29 24.42
CA ILE C 151 -8.76 41.15 24.31
C ILE C 151 -8.56 42.19 23.22
N TYR C 152 -7.40 42.87 23.23
CA TYR C 152 -7.13 43.85 22.20
C TYR C 152 -7.11 43.20 20.81
N ASN C 153 -6.62 41.96 20.73
CA ASN C 153 -6.53 41.29 19.44
C ASN C 153 -7.90 40.95 18.89
N ILE C 154 -8.82 40.48 19.73
CA ILE C 154 -10.14 40.14 19.21
C ILE C 154 -10.94 41.41 18.89
N CYS C 155 -10.72 42.48 19.65
CA CYS C 155 -11.35 43.74 19.29
C CYS C 155 -10.85 44.25 17.96
N CYS C 156 -9.61 43.90 17.59
CA CYS C 156 -9.09 44.30 16.28
C CYS C 156 -9.43 43.30 15.18
N TYR C 157 -9.74 42.06 15.56
CA TYR C 157 -10.12 41.01 14.60
C TYR C 157 -11.58 41.07 14.21
N TRP C 158 -12.44 41.61 15.07
CA TRP C 158 -13.81 41.86 14.64
C TRP C 158 -13.84 42.82 13.46
N GLU C 159 -12.95 43.79 13.48
CA GLU C 159 -12.95 44.76 12.42
C GLU C 159 -12.62 44.02 11.16
N ILE C 160 -11.63 43.16 11.25
CA ILE C 160 -11.22 42.41 10.08
C ILE C 160 -12.37 41.48 9.62
N HIS C 161 -13.08 40.86 10.56
CA HIS C 161 -14.22 40.03 10.20
C HIS C 161 -15.07 40.83 9.31
N SER C 162 -15.55 41.92 9.86
CA SER C 162 -16.42 42.81 9.11
C SER C 162 -15.84 43.13 7.74
N PHE C 163 -14.52 43.29 7.65
CA PHE C 163 -13.88 43.48 6.34
C PHE C 163 -14.24 42.36 5.39
N TYR C 164 -14.02 41.12 5.81
CA TYR C 164 -14.38 39.96 4.99
C TYR C 164 -15.83 40.05 4.57
N LEU C 165 -16.75 40.02 5.54
CA LEU C 165 -18.16 39.90 5.24
C LEU C 165 -18.66 41.03 4.34
N HIS C 166 -18.21 42.27 4.58
CA HIS C 166 -18.85 43.39 3.92
C HIS C 166 -18.11 43.86 2.68
N ALA C 167 -16.78 43.81 2.67
CA ALA C 167 -16.00 44.27 1.53
C ALA C 167 -15.47 43.15 0.65
N LEU C 168 -15.08 42.00 1.23
CA LEU C 168 -14.70 40.85 0.43
C LEU C 168 -15.87 39.95 0.10
N ARG C 169 -16.88 39.93 0.97
CA ARG C 169 -18.13 39.19 0.83
C ARG C 169 -17.91 37.69 0.97
N ILE C 170 -16.95 37.26 1.77
CA ILE C 170 -16.72 35.85 2.03
C ILE C 170 -17.24 35.53 3.43
N PRO C 171 -18.40 34.90 3.56
CA PRO C 171 -18.90 34.54 4.90
C PRO C 171 -17.95 33.59 5.61
N MET C 172 -18.05 33.55 6.94
CA MET C 172 -17.17 32.68 7.71
C MET C 172 -17.44 31.22 7.42
N SER C 173 -18.60 30.91 6.85
CA SER C 173 -18.90 29.53 6.48
C SER C 173 -18.13 29.11 5.24
N ALA C 174 -18.00 30.01 4.26
CA ALA C 174 -17.28 29.72 3.04
C ALA C 174 -15.79 29.97 3.16
N LEU C 175 -15.29 30.24 4.36
CA LEU C 175 -13.88 30.60 4.52
C LEU C 175 -12.95 29.40 4.62
N PRO C 176 -13.24 28.47 5.57
CA PRO C 176 -12.22 27.42 5.65
C PRO C 176 -12.07 27.04 4.24
N TYR C 177 -13.16 27.24 3.54
CA TYR C 177 -13.20 26.84 2.18
C TYR C 177 -12.88 27.88 1.13
N CYS C 178 -12.58 29.10 1.52
CA CYS C 178 -12.42 30.12 0.48
C CYS C 178 -11.30 29.80 -0.46
N THR C 179 -10.18 29.33 0.06
CA THR C 179 -9.00 28.95 -0.71
C THR C 179 -8.19 30.21 -0.79
N TRP C 180 -6.87 30.08 -0.82
CA TRP C 180 -6.06 31.28 -0.78
C TRP C 180 -6.17 32.19 -1.98
N GLN C 181 -6.22 31.59 -3.15
CA GLN C 181 -6.17 32.41 -4.33
C GLN C 181 -7.34 33.33 -4.38
N GLU C 182 -8.50 32.81 -3.99
CA GLU C 182 -9.71 33.61 -4.12
C GLU C 182 -9.70 34.88 -3.29
N VAL C 183 -9.18 34.80 -2.08
CA VAL C 183 -9.11 35.99 -1.29
C VAL C 183 -8.19 36.92 -2.04
N GLN C 184 -7.14 36.37 -2.60
CA GLN C 184 -6.18 37.20 -3.28
C GLN C 184 -6.92 37.83 -4.39
N ALA C 185 -7.75 37.03 -5.03
CA ALA C 185 -8.51 37.55 -6.15
C ALA C 185 -9.62 38.44 -5.65
N ARG C 186 -9.76 38.58 -4.34
CA ARG C 186 -10.89 39.36 -3.91
C ARG C 186 -10.33 40.66 -3.41
N ILE C 187 -9.32 40.59 -2.54
CA ILE C 187 -8.72 41.80 -1.96
C ILE C 187 -8.24 42.75 -3.05
N VAL C 188 -7.55 42.21 -4.06
CA VAL C 188 -6.98 43.06 -5.11
C VAL C 188 -8.08 43.69 -5.95
N GLN C 189 -9.20 42.99 -6.14
CA GLN C 189 -10.32 43.57 -6.86
C GLN C 189 -11.06 44.58 -5.99
N THR C 190 -11.10 44.35 -4.68
CA THR C 190 -11.71 45.28 -3.74
C THR C 190 -10.96 46.60 -3.69
N GLN C 191 -9.64 46.57 -3.91
CA GLN C 191 -8.83 47.79 -3.82
C GLN C 191 -9.44 48.96 -4.58
N LYS C 192 -10.30 48.67 -5.56
CA LYS C 192 -10.96 49.75 -6.28
C LYS C 192 -12.08 50.37 -5.45
N GLU C 193 -13.00 49.54 -4.94
CA GLU C 193 -14.20 50.05 -4.30
C GLU C 193 -13.95 50.53 -2.88
N HIS C 194 -13.65 49.62 -1.97
CA HIS C 194 -13.26 50.07 -0.64
C HIS C 194 -11.80 50.27 -0.89
N GLN C 195 -11.36 51.52 -1.02
CA GLN C 195 -9.95 51.76 -1.38
C GLN C 195 -8.93 51.32 -0.33
N ILE C 196 -7.88 50.64 -0.79
CA ILE C 196 -6.93 50.04 0.15
C ILE C 196 -5.89 50.94 0.77
N CYS C 197 -6.07 51.25 2.04
CA CYS C 197 -5.06 52.03 2.74
C CYS C 197 -4.83 53.35 2.04
N ILE C 198 -3.56 53.66 1.80
CA ILE C 198 -3.25 54.88 1.13
C ILE C 198 -3.87 54.75 -0.22
N HIS C 199 -3.78 53.56 -0.81
CA HIS C 199 -4.30 53.32 -2.16
C HIS C 199 -3.25 53.86 -3.09
N LYS C 200 -2.11 54.26 -2.52
CA LYS C 200 -1.03 54.77 -3.31
C LYS C 200 -0.85 53.80 -4.43
N ARG C 201 -0.43 52.57 -4.10
CA ARG C 201 -0.39 51.58 -5.15
C ARG C 201 -1.62 50.72 -5.25
N GLU C 202 -2.01 50.36 -6.47
CA GLU C 202 -3.09 49.41 -6.61
C GLU C 202 -2.42 48.19 -6.06
N LEU C 203 -3.15 47.12 -5.84
CA LEU C 203 -2.46 46.04 -5.20
C LEU C 203 -1.35 45.61 -6.12
N THR C 204 -0.15 45.48 -5.58
CA THR C 204 0.98 45.00 -6.35
C THR C 204 0.75 43.57 -6.75
N GLU C 205 0.15 42.78 -5.86
CA GLU C 205 0.01 41.35 -6.07
C GLU C 205 1.33 40.82 -5.58
N LEU C 206 2.16 41.70 -5.03
CA LEU C 206 3.41 41.30 -4.43
C LEU C 206 3.41 42.11 -3.17
N ASP C 207 2.86 43.31 -3.25
CA ASP C 207 2.79 44.20 -2.10
C ASP C 207 2.23 43.48 -0.89
N ILE C 208 1.14 42.73 -1.06
CA ILE C 208 0.57 42.02 0.08
C ILE C 208 1.57 41.03 0.64
N TYR C 209 2.35 40.39 -0.25
CA TYR C 209 3.35 39.44 0.19
C TYR C 209 4.43 40.11 1.02
N HIS C 210 4.96 41.23 0.53
CA HIS C 210 5.96 42.00 1.27
C HIS C 210 5.42 42.45 2.61
N ARG C 211 4.18 42.92 2.65
CA ARG C 211 3.59 43.36 3.91
C ARG C 211 3.53 42.23 4.92
N ILE C 212 3.06 41.05 4.51
CA ILE C 212 2.93 39.97 5.48
C ILE C 212 4.29 39.40 5.87
N LEU C 213 5.26 39.44 4.96
CA LEU C 213 6.51 38.72 5.14
C LEU C 213 7.75 39.61 5.19
N ARG C 214 7.61 40.87 5.60
CA ARG C 214 8.78 41.75 5.65
C ARG C 214 9.88 41.21 6.55
N PHE C 215 9.57 40.87 7.80
CA PHE C 215 10.61 40.46 8.73
C PHE C 215 11.04 39.03 8.49
N GLN C 216 10.14 38.22 7.92
CA GLN C 216 10.48 36.83 7.62
C GLN C 216 11.41 36.72 6.42
N ASN C 217 11.27 37.61 5.44
CA ASN C 217 12.29 37.65 4.39
C ASN C 217 13.64 38.05 4.94
N TYR C 218 13.66 38.92 5.95
CA TYR C 218 14.91 39.29 6.59
C TYR C 218 15.54 38.12 7.31
N MET C 219 14.74 37.33 8.01
CA MET C 219 15.26 36.12 8.64
C MET C 219 15.78 35.13 7.60
N VAL C 220 15.05 34.96 6.51
CA VAL C 220 15.48 34.03 5.46
C VAL C 220 16.82 34.48 4.89
N ALA C 221 17.01 35.78 4.68
CA ALA C 221 18.25 36.27 4.09
C ALA C 221 19.39 36.27 5.10
N LEU C 222 19.08 36.47 6.38
CA LEU C 222 20.10 36.39 7.42
C LEU C 222 20.64 34.97 7.54
N VAL C 223 19.75 33.99 7.65
CA VAL C 223 20.18 32.60 7.77
C VAL C 223 20.82 32.13 6.46
N ASN C 224 20.39 32.70 5.34
CA ASN C 224 20.89 32.24 4.05
C ASN C 224 22.32 32.70 3.81
N LYS C 225 22.71 33.84 4.37
CA LYS C 225 24.05 34.37 4.17
C LYS C 225 24.95 34.13 5.37
N SER C 226 24.58 33.24 6.26
CA SER C 226 25.43 32.71 7.31
C SER C 226 25.76 33.71 8.39
N LEU C 227 25.05 34.83 8.48
CA LEU C 227 25.00 35.55 9.75
C LEU C 227 24.19 34.73 10.74
N LEU C 228 23.96 35.27 11.93
CA LEU C 228 23.12 34.53 12.86
C LEU C 228 23.70 33.17 13.23
N PRO C 229 24.61 33.11 14.20
CA PRO C 229 25.27 31.84 14.54
C PRO C 229 24.33 30.66 14.77
N LEU C 230 24.44 29.64 13.92
CA LEU C 230 23.71 28.40 14.09
C LEU C 230 24.63 27.19 14.27
N ARG C 231 25.69 27.12 13.47
CA ARG C 231 26.63 26.01 13.52
C ARG C 231 27.53 26.14 14.75
N PHE C 232 27.68 25.04 15.47
CA PHE C 232 28.57 24.97 16.61
C PHE C 232 29.41 23.72 16.50
N ARG C 233 30.60 23.75 17.07
CA ARG C 233 31.48 22.60 17.05
C ARG C 233 31.56 22.02 18.45
N LEU C 234 30.71 21.06 18.72
CA LEU C 234 30.70 20.43 20.03
C LEU C 234 31.78 19.34 20.10
N PRO C 235 32.44 19.19 21.24
CA PRO C 235 33.34 18.04 21.40
C PRO C 235 32.55 16.75 21.56
N GLY C 236 33.06 15.69 20.93
CA GLY C 236 32.36 14.42 20.93
C GLY C 236 31.25 14.30 19.93
N LEU C 237 31.01 15.34 19.13
CA LEU C 237 29.98 15.31 18.11
C LEU C 237 30.44 16.17 16.93
N GLY C 238 29.76 16.01 15.81
CA GLY C 238 30.03 16.85 14.67
C GLY C 238 29.59 18.28 14.92
N GLU C 239 29.53 19.06 13.84
CA GLU C 239 29.05 20.42 13.95
C GLU C 239 27.54 20.40 14.16
N ALA C 240 27.10 20.67 15.39
CA ALA C 240 25.69 20.73 15.69
C ALA C 240 25.09 22.03 15.15
N VAL C 241 23.80 21.98 14.89
CA VAL C 241 23.00 23.17 14.57
C VAL C 241 22.00 23.36 15.69
N PHE C 242 22.03 24.55 16.31
CA PHE C 242 21.14 24.86 17.41
C PHE C 242 20.32 26.10 17.04
N PHE C 243 19.15 25.87 16.47
CA PHE C 243 18.21 26.92 16.12
C PHE C 243 16.84 26.52 16.68
N THR C 244 16.36 27.28 17.64
CA THR C 244 15.13 26.95 18.33
C THR C 244 14.10 28.05 18.14
N ARG C 245 12.97 27.87 18.81
CA ARG C 245 11.88 28.84 18.87
C ARG C 245 12.24 30.09 19.67
N GLY C 246 12.86 29.90 20.84
CA GLY C 246 13.28 30.98 21.70
C GLY C 246 14.44 31.77 21.12
N LEU C 247 15.36 31.10 20.44
CA LEU C 247 16.49 31.79 19.83
C LEU C 247 16.04 32.70 18.71
N LYS C 248 15.16 32.24 17.84
CA LYS C 248 14.65 33.07 16.75
C LYS C 248 13.78 34.20 17.29
N TYR C 249 13.02 33.94 18.35
CA TYR C 249 12.28 34.98 19.03
C TYR C 249 13.21 36.08 19.51
N ASN C 250 14.33 35.70 20.14
CA ASN C 250 15.29 36.69 20.61
C ASN C 250 15.93 37.45 19.46
N PHE C 251 16.23 36.78 18.36
CA PHE C 251 16.80 37.46 17.21
C PHE C 251 15.85 38.52 16.67
N GLU C 252 14.56 38.19 16.60
CA GLU C 252 13.58 39.14 16.08
C GLU C 252 13.33 40.27 17.09
N LEU C 253 13.31 39.95 18.38
CA LEU C 253 13.17 40.98 19.40
C LEU C 253 14.36 41.94 19.39
N ILE C 254 15.54 41.43 19.04
CA ILE C 254 16.73 42.29 18.98
C ILE C 254 16.69 43.15 17.73
N LEU C 255 16.29 42.57 16.59
CA LEU C 255 16.51 43.25 15.33
C LEU C 255 15.30 44.07 14.89
N PHE C 256 14.09 43.57 15.10
CA PHE C 256 12.90 44.06 14.41
C PHE C 256 11.88 44.76 15.29
N TRP C 257 11.38 44.13 16.34
CA TRP C 257 10.32 44.74 17.15
C TRP C 257 10.79 44.89 18.60
N GLY C 258 11.07 46.11 19.00
CA GLY C 258 11.42 46.38 20.37
C GLY C 258 11.45 47.86 20.65
N PRO C 259 12.02 48.24 21.79
CA PRO C 259 12.15 49.67 22.09
C PRO C 259 13.15 50.38 21.20
N GLY C 260 14.33 49.79 20.99
CA GLY C 260 15.37 50.45 20.24
C GLY C 260 15.87 49.64 19.05
N SER C 261 14.96 48.99 18.34
CA SER C 261 15.34 48.06 17.29
C SER C 261 15.93 48.81 16.09
N LEU C 262 16.13 48.05 15.01
CA LEU C 262 16.58 48.65 13.76
C LEU C 262 15.46 49.42 13.09
N PHE C 263 14.21 49.05 13.37
CA PHE C 263 13.04 49.60 12.71
C PHE C 263 12.24 50.46 13.70
N LEU C 264 11.73 51.58 13.22
CA LEU C 264 10.95 52.50 14.05
C LEU C 264 9.45 52.38 13.83
N ASN C 265 9.05 52.06 12.60
CA ASN C 265 7.65 52.10 12.20
C ASN C 265 7.00 50.74 12.10
N GLU C 266 7.76 49.68 11.81
CA GLU C 266 7.39 48.36 11.30
C GLU C 266 7.38 48.36 9.77
N TRP C 267 7.55 49.49 9.11
CA TRP C 267 7.76 49.50 7.67
C TRP C 267 8.84 50.46 7.21
N SER C 268 9.66 50.96 8.12
CA SER C 268 10.72 51.91 7.77
C SER C 268 11.91 51.68 8.68
N LEU C 269 13.10 51.67 8.09
CA LEU C 269 14.35 51.52 8.84
C LEU C 269 14.73 52.89 9.40
N LYS C 270 15.29 52.87 10.61
CA LYS C 270 15.71 54.10 11.25
C LYS C 270 16.73 54.81 10.36
N ALA C 271 16.82 56.13 10.47
CA ALA C 271 17.47 56.92 9.43
C ALA C 271 18.98 56.75 9.44
N GLU C 272 19.56 56.43 10.60
CA GLU C 272 21.02 56.37 10.70
C GLU C 272 21.58 55.11 10.04
N TYR C 273 20.81 54.03 10.04
CA TYR C 273 21.31 52.76 9.51
C TYR C 273 21.47 52.82 8.01
N LYS C 274 20.85 53.79 7.36
CA LYS C 274 21.05 53.93 5.92
C LYS C 274 22.33 54.69 5.61
N ARG C 275 22.97 55.28 6.61
CA ARG C 275 24.16 56.09 6.39
C ARG C 275 25.41 55.22 6.45
N GLY C 276 26.30 55.43 5.48
CA GLY C 276 27.54 54.67 5.45
C GLY C 276 28.44 54.99 6.63
N GLY C 277 28.59 56.27 6.94
CA GLY C 277 29.39 56.65 8.08
C GLY C 277 28.78 56.18 9.39
N GLN C 278 29.44 56.54 10.49
CA GLN C 278 29.03 56.21 11.85
C GLN C 278 28.65 54.73 12.03
N ARG C 279 29.21 53.85 11.18
CA ARG C 279 28.89 52.43 11.30
C ARG C 279 29.44 51.83 12.58
N LEU C 280 30.57 52.35 13.07
CA LEU C 280 31.22 51.75 14.22
C LEU C 280 30.48 52.07 15.52
N GLU C 281 29.99 53.29 15.66
CA GLU C 281 29.20 53.62 16.85
C GLU C 281 27.87 52.88 16.84
N LEU C 282 27.27 52.71 15.66
CA LEU C 282 26.05 51.91 15.56
C LEU C 282 26.32 50.46 15.92
N ALA C 283 27.47 49.92 15.50
CA ALA C 283 27.83 48.56 15.85
C ALA C 283 28.02 48.42 17.35
N GLN C 284 28.66 49.40 18.00
CA GLN C 284 28.82 49.35 19.44
C GLN C 284 27.48 49.43 20.16
N ARG C 285 26.56 50.27 19.66
CA ARG C 285 25.25 50.37 20.27
C ARG C 285 24.47 49.08 20.13
N LEU C 286 24.51 48.46 18.94
CA LEU C 286 23.85 47.18 18.74
C LEU C 286 24.45 46.11 19.62
N SER C 287 25.78 46.09 19.76
CA SER C 287 26.43 45.11 20.62
C SER C 287 25.99 45.27 22.07
N ASN C 288 25.87 46.51 22.55
CA ASN C 288 25.42 46.71 23.93
C ASN C 288 23.95 46.31 24.09
N ARG C 289 23.13 46.60 23.09
CA ARG C 289 21.72 46.20 23.13
C ARG C 289 21.58 44.70 23.24
N ILE C 290 22.31 43.96 22.39
CA ILE C 290 22.22 42.52 22.43
C ILE C 290 22.88 41.94 23.67
N LEU C 291 23.90 42.61 24.22
CA LEU C 291 24.44 42.18 25.51
C LEU C 291 23.37 42.23 26.60
N TRP C 292 22.60 43.32 26.65
CA TRP C 292 21.65 43.46 27.74
C TRP C 292 20.41 42.58 27.52
N ILE C 293 20.05 42.34 26.26
CA ILE C 293 18.96 41.38 26.00
C ILE C 293 19.41 39.97 26.35
N GLY C 294 20.66 39.62 26.06
CA GLY C 294 21.18 38.34 26.50
C GLY C 294 21.22 38.21 28.01
N ILE C 295 21.50 39.29 28.72
CA ILE C 295 21.52 39.23 30.18
C ILE C 295 20.11 39.08 30.75
N ALA C 296 19.13 39.74 30.12
CA ALA C 296 17.74 39.50 30.50
C ALA C 296 17.36 38.04 30.29
N ASN C 297 17.80 37.45 29.18
CA ASN C 297 17.59 36.03 28.96
C ASN C 297 18.24 35.18 30.04
N PHE C 298 19.48 35.51 30.40
CA PHE C 298 20.18 34.72 31.41
C PHE C 298 19.48 34.82 32.77
N LEU C 299 18.87 35.97 33.05
CA LEU C 299 18.18 36.12 34.34
C LEU C 299 16.83 35.44 34.33
N LEU C 300 16.15 35.41 33.18
CA LEU C 300 14.89 34.69 33.05
C LEU C 300 15.07 33.20 32.80
N CYS C 301 16.31 32.74 32.65
CA CYS C 301 16.58 31.32 32.45
C CYS C 301 15.82 30.37 33.38
N PRO C 302 15.82 30.53 34.70
CA PRO C 302 15.13 29.52 35.53
C PRO C 302 13.65 29.38 35.22
N LEU C 303 12.97 30.49 34.95
CA LEU C 303 11.53 30.44 34.76
C LEU C 303 11.15 29.76 33.45
N ILE C 304 11.86 30.11 32.37
CA ILE C 304 11.59 29.46 31.09
C ILE C 304 12.02 28.00 31.13
N LEU C 305 13.06 27.69 31.88
CA LEU C 305 13.43 26.29 32.05
C LEU C 305 12.33 25.51 32.74
N ILE C 306 11.75 26.07 33.81
CA ILE C 306 10.65 25.42 34.50
C ILE C 306 9.47 25.23 33.56
N TRP C 307 9.10 26.32 32.89
CA TRP C 307 7.93 26.27 32.05
C TRP C 307 8.21 25.35 30.94
N GLN C 308 9.44 25.39 30.45
CA GLN C 308 9.77 24.45 29.44
C GLN C 308 9.63 23.10 30.12
N ILE C 309 10.08 23.00 31.35
CA ILE C 309 9.99 21.74 32.07
C ILE C 309 8.55 21.32 32.14
N LEU C 310 7.73 22.13 32.79
CA LEU C 310 6.35 21.74 32.97
C LEU C 310 5.51 21.49 31.75
N TYR C 311 5.57 22.36 30.77
CA TYR C 311 4.70 22.20 29.60
C TYR C 311 5.08 21.02 28.75
N ALA C 312 6.35 20.71 28.77
CA ALA C 312 6.83 19.63 27.94
C ALA C 312 6.60 18.37 28.69
N PHE C 313 7.06 18.33 29.93
CA PHE C 313 6.98 17.07 30.61
C PHE C 313 5.62 16.46 30.50
N PHE C 314 4.58 17.27 30.65
CA PHE C 314 3.26 16.67 30.67
C PHE C 314 2.96 16.00 29.35
N SER C 315 3.13 16.77 28.29
CA SER C 315 2.73 16.30 26.99
C SER C 315 3.40 15.07 26.49
N TYR C 316 4.68 15.18 26.22
CA TYR C 316 5.37 14.07 25.57
C TYR C 316 5.46 12.74 26.32
N ALA C 317 5.63 12.76 27.63
CA ALA C 317 5.88 11.51 28.32
C ALA C 317 4.74 10.52 28.17
N GLU C 318 3.51 11.01 28.23
CA GLU C 318 2.38 10.13 28.14
C GLU C 318 2.45 9.48 26.79
N VAL C 319 2.81 10.25 25.79
CA VAL C 319 2.84 9.71 24.45
C VAL C 319 3.86 8.61 24.40
N LEU C 320 5.00 8.84 25.04
CA LEU C 320 6.02 7.83 25.04
C LEU C 320 5.47 6.61 25.71
N LYS C 321 4.76 6.83 26.80
CA LYS C 321 4.16 5.73 27.50
C LYS C 321 3.36 4.96 26.47
N ARG C 322 2.42 5.62 25.82
CA ARG C 322 1.65 4.95 24.78
C ARG C 322 2.56 4.28 23.75
N GLU C 323 3.26 5.06 22.95
CA GLU C 323 4.05 4.57 21.82
C GLU C 323 5.43 5.17 21.86
N PRO C 324 6.38 4.50 22.53
CA PRO C 324 7.72 5.10 22.68
C PRO C 324 8.43 5.34 21.36
N GLY C 325 7.93 4.80 20.25
CA GLY C 325 8.53 5.02 18.96
C GLY C 325 7.96 6.17 18.18
N ALA C 326 6.98 6.89 18.74
CA ALA C 326 6.49 8.09 18.09
C ALA C 326 7.53 9.19 18.16
N LEU C 327 8.36 9.18 19.20
CA LEU C 327 9.45 10.14 19.33
C LEU C 327 10.65 9.76 18.47
N GLY C 328 10.64 8.60 17.86
CA GLY C 328 11.66 8.25 16.88
C GLY C 328 11.34 8.72 15.49
N ALA C 329 10.11 9.14 15.23
CA ALA C 329 9.77 9.75 13.97
C ALA C 329 10.43 11.12 13.88
N ARG C 330 10.59 11.60 12.67
CA ARG C 330 11.40 12.79 12.43
C ARG C 330 10.54 13.94 11.93
N CYS C 331 10.93 15.16 12.30
CA CYS C 331 10.19 16.37 11.99
C CYS C 331 11.10 17.33 11.26
N TRP C 332 10.58 18.36 10.62
CA TRP C 332 11.47 19.20 9.80
C TRP C 332 12.41 20.24 10.48
N SER C 333 12.14 20.70 11.70
CA SER C 333 13.03 21.60 12.49
C SER C 333 12.74 23.05 12.23
N LEU C 334 13.02 23.93 13.18
CA LEU C 334 12.85 25.34 12.93
C LEU C 334 13.80 25.65 11.83
N TYR C 335 14.98 25.07 11.94
CA TYR C 335 15.97 25.24 10.91
C TYR C 335 15.47 24.39 9.83
N GLY C 336 15.91 24.63 8.62
CA GLY C 336 15.39 23.70 7.64
C GLY C 336 14.03 24.15 7.17
N ARG C 337 13.19 24.60 8.10
CA ARG C 337 12.05 25.42 7.73
C ARG C 337 12.51 26.79 7.25
N CYS C 338 13.66 27.25 7.75
CA CYS C 338 14.19 28.55 7.32
C CYS C 338 15.20 28.38 6.20
N TYR C 339 15.77 27.19 6.06
CA TYR C 339 16.75 26.93 5.00
C TYR C 339 16.06 26.58 3.68
N LEU C 340 14.99 25.81 3.73
CA LEU C 340 14.32 25.32 2.53
C LEU C 340 13.24 26.28 2.05
N ARG C 341 13.06 27.41 2.72
CA ARG C 341 12.00 28.36 2.44
C ARG C 341 12.36 29.35 1.36
N HIS C 342 11.50 29.56 0.37
CA HIS C 342 11.73 30.58 -0.64
C HIS C 342 11.54 31.94 -0.02
N PHE C 343 11.84 33.00 -0.77
CA PHE C 343 11.76 34.33 -0.16
C PHE C 343 10.35 34.73 0.20
N ASN C 344 9.48 35.01 -0.79
CA ASN C 344 8.13 35.48 -0.51
C ASN C 344 7.17 34.30 -0.49
N GLU C 345 7.30 33.49 0.55
CA GLU C 345 6.56 32.25 0.65
C GLU C 345 5.76 32.25 1.94
N LEU C 346 4.45 32.30 1.83
CA LEU C 346 3.62 32.28 3.00
C LEU C 346 3.74 30.94 3.70
N GLU C 347 3.32 30.90 4.96
CA GLU C 347 3.59 29.73 5.77
C GLU C 347 2.94 28.48 5.19
N HIS C 348 1.75 28.62 4.62
CA HIS C 348 1.03 27.45 4.16
C HIS C 348 1.64 26.86 2.90
N GLU C 349 2.31 27.68 2.09
CA GLU C 349 2.99 27.16 0.92
C GLU C 349 4.23 26.39 1.30
N LEU C 350 5.00 26.90 2.26
CA LEU C 350 6.14 26.16 2.78
C LEU C 350 5.70 24.84 3.38
N GLN C 351 4.65 24.85 4.20
CA GLN C 351 4.24 23.60 4.84
C GLN C 351 3.66 22.61 3.85
N SER C 352 2.97 23.09 2.81
CA SER C 352 2.52 22.17 1.77
C SER C 352 3.70 21.50 1.08
N ARG C 353 4.74 22.28 0.74
CA ARG C 353 5.96 21.70 0.16
C ARG C 353 6.62 20.73 1.14
N LEU C 354 6.55 21.03 2.43
CA LEU C 354 7.30 20.27 3.42
C LEU C 354 6.66 18.94 3.72
N ASN C 355 5.33 18.85 3.59
CA ASN C 355 4.72 17.55 3.84
C ASN C 355 4.46 16.78 2.55
N ARG C 356 4.47 17.44 1.43
CA ARG C 356 4.40 16.71 0.20
C ARG C 356 5.69 15.89 0.20
N GLY C 357 6.78 16.46 0.69
CA GLY C 357 8.08 15.81 0.66
C GLY C 357 8.53 15.14 1.94
N TYR C 358 7.61 14.64 2.76
CA TYR C 358 7.96 14.09 4.06
C TYR C 358 8.20 12.59 4.00
N LYS C 359 7.32 11.86 3.31
CA LYS C 359 7.48 10.41 3.23
C LYS C 359 8.68 9.99 2.39
N PRO C 360 9.00 10.62 1.26
CA PRO C 360 10.29 10.35 0.63
C PRO C 360 11.46 10.50 1.58
N ALA C 361 11.42 11.53 2.43
CA ALA C 361 12.54 11.80 3.33
C ALA C 361 12.63 10.75 4.44
N SER C 362 11.49 10.24 4.89
CA SER C 362 11.54 9.16 5.87
C SER C 362 12.02 7.86 5.24
N LYS C 363 11.65 7.60 3.98
CA LYS C 363 12.18 6.46 3.27
C LYS C 363 13.69 6.57 3.09
N TYR C 364 14.19 7.78 2.87
CA TYR C 364 15.64 7.97 2.81
C TYR C 364 16.29 7.71 4.15
N MET C 365 15.78 8.33 5.21
CA MET C 365 16.45 8.21 6.50
C MET C 365 16.46 6.78 7.01
N ASN C 366 15.46 5.98 6.61
CA ASN C 366 15.43 4.60 7.11
C ASN C 366 16.20 3.63 6.23
N CYS C 367 16.77 4.06 5.11
CA CYS C 367 17.39 3.08 4.14
C CYS C 367 18.70 2.33 4.42
N PHE C 368 19.46 2.69 5.44
CA PHE C 368 20.77 2.06 5.62
C PHE C 368 20.74 1.07 6.78
N LEU C 369 21.13 -0.18 6.52
CA LEU C 369 21.04 -1.22 7.55
C LEU C 369 22.25 -2.15 7.61
N SER C 370 22.50 -2.72 8.79
CA SER C 370 23.73 -3.47 9.01
C SER C 370 23.83 -4.73 8.20
N PRO C 371 24.98 -4.93 7.56
CA PRO C 371 25.02 -6.19 6.86
C PRO C 371 25.13 -7.32 7.86
N LEU C 372 25.93 -7.13 8.90
CA LEU C 372 26.19 -8.23 9.83
C LEU C 372 24.97 -8.74 10.56
N LEU C 373 24.12 -7.85 11.00
CA LEU C 373 23.02 -8.32 11.79
C LEU C 373 22.20 -9.22 10.93
N THR C 374 22.01 -8.82 9.68
CA THR C 374 21.16 -9.59 8.81
C THR C 374 21.54 -11.02 8.93
N LEU C 375 22.81 -11.24 8.78
CA LEU C 375 23.33 -12.60 8.79
C LEU C 375 22.98 -13.32 10.08
N LEU C 376 23.12 -12.64 11.22
CA LEU C 376 22.74 -13.23 12.49
C LEU C 376 21.25 -13.58 12.50
N ALA C 377 20.41 -12.72 11.92
CA ALA C 377 18.99 -12.98 11.84
C ALA C 377 18.71 -14.21 10.99
N LYS C 378 19.29 -14.26 9.78
CA LYS C 378 19.08 -15.41 8.90
C LYS C 378 19.45 -16.72 9.59
N ASN C 379 20.60 -16.75 10.26
CA ASN C 379 21.06 -18.02 10.78
C ASN C 379 20.37 -18.38 12.10
N GLY C 380 20.04 -17.40 12.93
CA GLY C 380 19.22 -17.69 14.09
C GLY C 380 17.85 -18.18 13.71
N ALA C 381 17.27 -17.62 12.64
CA ALA C 381 16.02 -18.13 12.10
C ALA C 381 16.17 -19.57 11.64
N PHE C 382 17.28 -19.88 10.94
CA PHE C 382 17.47 -21.27 10.51
C PHE C 382 17.49 -22.22 11.70
N PHE C 383 18.34 -21.96 12.68
CA PHE C 383 18.51 -22.93 13.76
C PHE C 383 17.25 -23.03 14.62
N ALA C 384 16.60 -21.90 14.89
CA ALA C 384 15.37 -21.92 15.68
C ALA C 384 14.23 -22.59 14.92
N GLY C 385 14.07 -22.28 13.63
CA GLY C 385 13.03 -22.92 12.85
C GLY C 385 13.27 -24.40 12.68
N SER C 386 14.54 -24.83 12.68
CA SER C 386 14.83 -26.25 12.61
C SER C 386 14.40 -26.97 13.88
N ILE C 387 14.80 -26.46 15.04
CA ILE C 387 14.40 -27.12 16.29
C ILE C 387 12.89 -27.07 16.45
N LEU C 388 12.26 -25.98 16.03
CA LEU C 388 10.82 -25.86 16.16
C LEU C 388 10.10 -26.77 15.18
N ALA C 389 10.62 -26.95 13.98
CA ALA C 389 10.01 -27.87 13.02
C ALA C 389 10.06 -29.29 13.54
N VAL C 390 11.17 -29.68 14.16
CA VAL C 390 11.23 -31.01 14.78
C VAL C 390 10.20 -31.13 15.88
N LEU C 391 10.13 -30.15 16.78
CA LEU C 391 9.22 -30.26 17.92
C LEU C 391 7.76 -30.19 17.47
N ILE C 392 7.50 -29.45 16.40
CA ILE C 392 6.15 -29.34 15.84
C ILE C 392 5.74 -30.65 15.18
N ALA C 393 6.65 -31.26 14.42
CA ALA C 393 6.35 -32.56 13.83
C ALA C 393 6.08 -33.60 14.90
N LEU C 394 6.79 -33.53 16.02
CA LEU C 394 6.49 -34.45 17.10
C LEU C 394 5.12 -34.19 17.73
N THR C 395 4.82 -32.92 18.03
CA THR C 395 3.53 -32.65 18.69
C THR C 395 2.36 -32.93 17.75
N ILE C 396 2.59 -32.84 16.44
CA ILE C 396 1.56 -33.21 15.48
C ILE C 396 1.42 -34.74 15.43
N TYR C 397 2.53 -35.45 15.48
CA TYR C 397 2.49 -36.91 15.35
C TYR C 397 1.71 -37.55 16.48
N ASP C 398 2.07 -37.27 17.73
CA ASP C 398 1.48 -38.02 18.84
C ASP C 398 0.55 -37.19 19.72
N GLU C 399 0.74 -35.88 19.77
CA GLU C 399 -0.02 -34.87 20.53
C GLU C 399 0.27 -34.96 22.02
N ASP C 400 0.98 -35.96 22.50
CA ASP C 400 1.44 -36.02 23.88
C ASP C 400 2.90 -35.62 24.02
N VAL C 401 3.50 -35.12 22.95
CA VAL C 401 4.82 -34.52 23.05
C VAL C 401 4.75 -33.30 23.97
N LEU C 402 3.53 -32.74 23.99
CA LEU C 402 3.16 -31.60 24.82
C LEU C 402 2.94 -32.12 26.23
N ALA C 403 2.95 -31.24 27.23
CA ALA C 403 2.86 -31.73 28.60
C ALA C 403 4.10 -32.54 28.85
N VAL C 404 5.24 -31.88 28.77
CA VAL C 404 6.53 -32.50 29.00
C VAL C 404 7.09 -31.38 29.84
N GLU C 405 8.15 -31.61 30.58
CA GLU C 405 8.54 -30.56 31.53
C GLU C 405 8.85 -29.21 30.90
N HIS C 406 9.53 -29.17 29.77
CA HIS C 406 9.73 -27.87 29.11
C HIS C 406 8.82 -27.64 27.91
N VAL C 407 7.84 -28.50 27.68
CA VAL C 407 7.05 -28.42 26.44
C VAL C 407 6.23 -27.21 26.08
N LEU C 408 5.53 -26.63 27.03
CA LEU C 408 4.62 -25.55 26.67
C LEU C 408 5.27 -24.19 26.75
N THR C 409 6.59 -24.16 26.59
CA THR C 409 7.32 -22.90 26.72
C THR C 409 8.41 -22.81 25.67
N THR C 410 9.04 -23.93 25.33
CA THR C 410 10.06 -23.90 24.29
C THR C 410 9.47 -23.56 22.94
N VAL C 411 8.32 -24.14 22.60
CA VAL C 411 7.67 -23.82 21.33
C VAL C 411 7.32 -22.35 21.27
N THR C 412 6.79 -21.79 22.37
CA THR C 412 6.43 -20.37 22.34
C THR C 412 7.64 -19.48 22.21
N LEU C 413 8.70 -19.74 22.99
CA LEU C 413 9.90 -18.92 22.90
C LEU C 413 10.55 -19.03 21.54
N LEU C 414 10.55 -20.23 20.95
CA LEU C 414 11.13 -20.41 19.63
C LEU C 414 10.30 -19.71 18.58
N GLY C 415 8.98 -19.70 18.72
CA GLY C 415 8.15 -18.94 17.80
C GLY C 415 8.44 -17.46 17.87
N VAL C 416 8.60 -16.92 19.08
CA VAL C 416 8.97 -15.52 19.22
C VAL C 416 10.32 -15.24 18.59
N THR C 417 11.28 -16.15 18.78
CA THR C 417 12.61 -15.97 18.21
C THR C 417 12.55 -15.95 16.68
N VAL C 418 11.85 -16.91 16.09
CA VAL C 418 11.74 -16.94 14.63
C VAL C 418 11.06 -15.68 14.12
N THR C 419 10.04 -15.19 14.83
CA THR C 419 9.34 -14.00 14.35
C THR C 419 10.22 -12.77 14.42
N VAL C 420 10.98 -12.62 15.52
CA VAL C 420 11.90 -11.49 15.63
C VAL C 420 12.95 -11.54 14.53
N CYS C 421 13.56 -12.71 14.32
CA CYS C 421 14.57 -12.82 13.28
C CYS C 421 13.99 -12.52 11.91
N ARG C 422 12.82 -13.09 11.59
CA ARG C 422 12.20 -12.83 10.30
C ARG C 422 11.86 -11.36 10.13
N SER C 423 11.61 -10.66 11.23
CA SER C 423 11.42 -9.21 11.12
C SER C 423 12.73 -8.51 10.84
N PHE C 424 13.85 -9.06 11.32
CA PHE C 424 15.14 -8.43 11.05
C PHE C 424 15.69 -8.85 9.70
N ILE C 425 15.29 -10.02 9.20
CA ILE C 425 15.70 -10.42 7.85
C ILE C 425 15.12 -9.43 6.85
N PRO C 426 15.94 -8.76 6.04
CA PRO C 426 15.39 -7.86 5.03
C PRO C 426 14.55 -8.64 4.04
N ASP C 427 13.57 -7.96 3.46
CA ASP C 427 12.80 -8.58 2.39
C ASP C 427 13.67 -8.74 1.17
N GLN C 428 13.92 -9.99 0.78
CA GLN C 428 14.53 -10.23 -0.51
C GLN C 428 13.65 -9.61 -1.59
N HIS C 429 14.27 -9.24 -2.70
CA HIS C 429 13.60 -8.52 -3.78
C HIS C 429 13.26 -7.09 -3.40
N MET C 430 13.81 -6.62 -2.30
CA MET C 430 13.43 -5.28 -1.84
C MET C 430 14.29 -4.31 -2.54
N VAL C 431 13.71 -3.36 -3.25
CA VAL C 431 14.60 -2.52 -4.00
C VAL C 431 14.84 -1.18 -3.39
N PHE C 432 16.07 -0.95 -3.00
CA PHE C 432 16.38 0.36 -2.51
C PHE C 432 17.54 0.90 -3.22
N CYS C 433 17.38 2.05 -3.86
CA CYS C 433 18.55 2.68 -4.37
C CYS C 433 18.51 3.89 -3.48
N PRO C 434 19.49 4.02 -2.58
CA PRO C 434 19.52 5.24 -1.80
C PRO C 434 19.79 6.37 -2.72
N GLU C 435 20.69 6.17 -3.67
CA GLU C 435 21.10 7.27 -4.50
C GLU C 435 19.99 7.86 -5.32
N GLN C 436 19.16 7.00 -5.87
CA GLN C 436 18.05 7.48 -6.68
C GLN C 436 17.00 8.31 -5.95
N LEU C 437 16.62 7.92 -4.73
CA LEU C 437 15.51 8.60 -4.05
C LEU C 437 15.68 10.07 -3.73
N LEU C 438 16.84 10.47 -3.27
CA LEU C 438 17.01 11.84 -2.85
C LEU C 438 16.47 12.73 -3.94
N ARG C 439 16.40 12.20 -5.14
CA ARG C 439 15.89 12.95 -6.28
C ARG C 439 14.45 13.40 -6.03
N VAL C 440 13.60 12.52 -5.51
CA VAL C 440 12.21 12.92 -5.32
C VAL C 440 12.08 13.87 -4.13
N ILE C 441 12.88 13.66 -3.07
CA ILE C 441 12.88 14.60 -1.95
C ILE C 441 13.27 15.99 -2.44
N LEU C 442 14.25 16.07 -3.32
CA LEU C 442 14.62 17.36 -3.90
C LEU C 442 13.49 17.94 -4.73
N ALA C 443 12.82 17.09 -5.52
CA ALA C 443 11.73 17.58 -6.35
C ALA C 443 10.64 18.23 -5.50
N HIS C 444 10.51 17.81 -4.26
CA HIS C 444 9.56 18.48 -3.41
C HIS C 444 10.19 19.65 -2.62
N ILE C 445 11.27 19.39 -1.90
CA ILE C 445 11.87 20.44 -1.08
C ILE C 445 12.40 21.60 -1.93
N HIS C 446 13.02 21.32 -3.07
CA HIS C 446 13.50 22.34 -4.02
C HIS C 446 14.83 23.03 -3.68
N TYR C 447 15.49 22.65 -2.60
CA TYR C 447 16.82 23.20 -2.28
C TYR C 447 17.80 22.15 -1.80
N MET C 448 19.06 22.21 -2.20
CA MET C 448 20.02 21.25 -1.64
C MET C 448 21.48 21.67 -1.65
N PRO C 449 22.28 21.05 -0.79
CA PRO C 449 23.72 21.29 -0.83
C PRO C 449 24.26 20.66 -2.10
N ASP C 450 25.25 21.27 -2.74
CA ASP C 450 25.75 20.75 -4.01
C ASP C 450 26.41 19.40 -3.86
N HIS C 451 27.02 19.16 -2.72
CA HIS C 451 27.77 17.92 -2.56
C HIS C 451 26.90 16.76 -2.09
N TRP C 452 25.60 16.83 -2.34
CA TRP C 452 24.71 15.73 -1.99
C TRP C 452 24.36 14.89 -3.21
N GLN C 453 24.23 15.55 -4.36
CA GLN C 453 23.70 14.90 -5.55
C GLN C 453 24.49 13.73 -6.04
N GLY C 454 25.78 13.77 -5.86
CA GLY C 454 26.59 12.64 -6.27
C GLY C 454 26.59 11.51 -5.26
N ASN C 455 27.01 11.81 -4.03
CA ASN C 455 27.15 10.82 -2.98
C ASN C 455 25.95 10.83 -2.05
N ALA C 456 24.86 10.25 -2.54
CA ALA C 456 23.61 10.22 -1.79
C ALA C 456 23.66 9.19 -0.67
N HIS C 457 24.61 8.27 -0.73
CA HIS C 457 24.64 7.08 0.10
C HIS C 457 25.67 7.13 1.22
N ARG C 458 26.39 8.24 1.37
CA ARG C 458 27.47 8.30 2.33
C ARG C 458 26.99 8.78 3.68
N SER C 459 27.89 8.75 4.66
CA SER C 459 27.54 9.21 6.00
C SER C 459 27.61 10.72 6.09
N GLN C 460 28.38 11.35 5.20
CA GLN C 460 28.39 12.81 5.15
C GLN C 460 27.04 13.34 4.71
N THR C 461 26.40 12.70 3.73
CA THR C 461 25.10 13.16 3.25
C THR C 461 24.01 12.87 4.26
N ARG C 462 24.00 11.70 4.82
CA ARG C 462 23.00 11.39 5.79
C ARG C 462 23.14 12.27 7.02
N ASP C 463 24.37 12.60 7.40
CA ASP C 463 24.64 13.31 8.64
C ASP C 463 24.16 14.75 8.59
N GLU C 464 24.28 15.38 7.44
CA GLU C 464 23.80 16.74 7.29
C GLU C 464 22.46 16.82 6.58
N PHE C 465 21.86 15.68 6.28
CA PHE C 465 20.51 15.69 5.76
C PHE C 465 19.81 15.33 7.02
N ALA C 466 20.54 14.78 7.98
CA ALA C 466 19.92 14.52 9.25
C ALA C 466 19.49 15.83 9.90
N GLN C 467 20.31 16.87 9.80
CA GLN C 467 20.01 18.13 10.47
C GLN C 467 18.73 18.76 9.97
N LEU C 468 18.50 18.74 8.68
CA LEU C 468 17.25 19.24 8.14
C LEU C 468 16.11 18.39 8.64
N PHE C 469 16.30 17.09 8.77
CA PHE C 469 15.21 16.15 9.10
C PHE C 469 15.13 15.56 10.48
N GLN C 470 15.69 16.16 11.49
CA GLN C 470 15.80 15.48 12.79
C GLN C 470 14.59 14.98 13.50
N TYR C 471 14.73 13.80 14.09
CA TYR C 471 13.64 13.19 14.83
C TYR C 471 13.19 13.86 16.09
N LYS C 472 11.90 13.82 16.30
CA LYS C 472 11.30 14.47 17.43
C LYS C 472 12.03 14.53 18.71
N ALA C 473 12.67 13.45 19.09
CA ALA C 473 13.22 13.44 20.44
C ALA C 473 14.30 14.48 20.60
N VAL C 474 15.15 14.66 19.59
CA VAL C 474 16.17 15.69 19.70
C VAL C 474 15.54 17.07 19.58
N PHE C 475 14.35 17.14 18.96
CA PHE C 475 13.60 18.40 18.97
C PHE C 475 13.16 18.76 20.37
N ILE C 476 12.54 17.84 21.08
CA ILE C 476 12.10 18.10 22.46
C ILE C 476 13.29 18.37 23.37
N LEU C 477 14.40 17.65 23.19
CA LEU C 477 15.61 17.93 23.96
C LEU C 477 16.18 19.31 23.64
N GLU C 478 16.14 19.69 22.38
CA GLU C 478 16.72 20.95 21.94
C GLU C 478 15.85 22.12 22.34
N GLU C 479 14.56 21.90 22.53
CA GLU C 479 13.70 22.96 23.05
C GLU C 479 13.80 23.04 24.57
N LEU C 480 14.20 21.94 25.23
CA LEU C 480 14.47 21.99 26.65
C LEU C 480 15.76 22.73 26.94
N LEU C 481 16.78 22.51 26.12
CA LEU C 481 18.09 23.11 26.37
C LEU C 481 18.16 24.58 26.00
N SER C 482 17.15 25.12 25.33
CA SER C 482 17.27 26.49 24.83
C SER C 482 17.21 27.54 25.92
N PRO C 483 16.41 27.40 27.00
CA PRO C 483 16.53 28.36 28.10
C PRO C 483 17.94 28.55 28.63
N ILE C 484 18.72 27.46 28.78
CA ILE C 484 20.06 27.56 29.34
C ILE C 484 21.13 27.83 28.28
N VAL C 485 20.84 27.60 27.01
CA VAL C 485 21.83 27.78 25.95
C VAL C 485 21.68 29.09 25.20
N THR C 486 20.47 29.63 25.08
CA THR C 486 20.22 30.84 24.30
C THR C 486 20.93 32.08 24.85
N PRO C 487 20.96 32.33 26.16
CA PRO C 487 21.72 33.50 26.64
C PRO C 487 23.20 33.45 26.30
N LEU C 488 23.85 32.29 26.38
CA LEU C 488 25.29 32.28 26.17
C LEU C 488 25.64 32.39 24.70
N ILE C 489 24.89 31.73 23.82
CA ILE C 489 25.08 32.02 22.39
C ILE C 489 24.79 33.48 22.09
N LEU C 490 23.76 34.04 22.70
CA LEU C 490 23.38 35.43 22.42
C LEU C 490 24.44 36.40 22.88
N ILE C 491 25.11 36.10 24.01
CA ILE C 491 26.13 37.01 24.54
C ILE C 491 27.45 36.83 23.81
N PHE C 492 27.83 35.60 23.48
CA PHE C 492 29.18 35.31 23.02
C PHE C 492 29.30 35.19 21.50
N CYS C 493 28.34 34.55 20.84
CA CYS C 493 28.54 34.19 19.44
C CYS C 493 27.92 35.22 18.50
N LEU C 494 27.00 36.04 18.99
CA LEU C 494 26.34 36.99 18.10
C LEU C 494 26.90 38.40 18.24
N ARG C 495 27.29 38.80 19.45
CA ARG C 495 27.86 40.13 19.64
C ARG C 495 29.07 40.41 18.78
N PRO C 496 29.96 39.45 18.49
CA PRO C 496 31.00 39.72 17.49
C PRO C 496 30.47 39.96 16.10
N ARG C 497 29.28 39.50 15.79
CA ARG C 497 28.81 39.69 14.43
C ARG C 497 28.04 40.98 14.22
N ALA C 498 27.96 41.82 15.25
CA ALA C 498 27.10 43.00 15.17
C ALA C 498 27.54 43.95 14.07
N LEU C 499 28.84 44.05 13.83
CA LEU C 499 29.32 44.94 12.77
C LEU C 499 28.99 44.39 11.39
N GLU C 500 28.82 43.07 11.28
CA GLU C 500 28.39 42.50 10.00
C GLU C 500 26.89 42.61 9.85
N ILE C 501 26.16 42.54 10.96
CA ILE C 501 24.71 42.71 10.92
C ILE C 501 24.35 44.13 10.49
N ILE C 502 25.05 45.12 11.05
CA ILE C 502 24.83 46.50 10.65
C ILE C 502 25.08 46.69 9.16
N ASP C 503 26.13 46.06 8.64
CA ASP C 503 26.46 46.23 7.22
C ASP C 503 25.47 45.49 6.35
N PHE C 504 24.91 44.38 6.84
CA PHE C 504 23.84 43.72 6.10
C PHE C 504 22.64 44.64 5.98
N PHE C 505 22.18 45.19 7.11
CA PHE C 505 20.95 45.98 7.08
C PHE C 505 21.15 47.30 6.35
N ARG C 506 22.38 47.80 6.32
CA ARG C 506 22.63 49.00 5.52
C ARG C 506 22.70 48.66 4.04
N ASN C 507 23.32 47.53 3.70
CA ASN C 507 23.55 47.20 2.30
C ASN C 507 22.33 46.60 1.65
N PHE C 508 21.65 45.68 2.33
CA PHE C 508 20.51 44.98 1.77
C PHE C 508 19.24 45.47 2.46
N THR C 509 18.76 46.63 2.03
CA THR C 509 17.45 47.15 2.44
C THR C 509 17.04 48.17 1.38
N VAL C 510 16.10 47.78 0.52
CA VAL C 510 15.62 48.63 -0.55
C VAL C 510 14.34 49.31 -0.11
N GLU C 511 14.13 50.54 -0.59
CA GLU C 511 12.89 51.27 -0.37
C GLU C 511 12.02 51.15 -1.62
N VAL C 512 10.99 50.31 -1.54
CA VAL C 512 10.05 50.11 -2.63
C VAL C 512 8.86 51.03 -2.40
N VAL C 513 8.34 51.62 -3.48
CA VAL C 513 7.54 52.84 -3.39
C VAL C 513 6.30 52.64 -2.54
N GLY C 514 5.62 51.51 -2.70
CA GLY C 514 4.35 51.33 -2.02
C GLY C 514 4.50 50.70 -0.64
N VAL C 515 5.50 49.84 -0.47
CA VAL C 515 5.59 48.99 0.72
C VAL C 515 6.51 49.55 1.78
N GLY C 516 7.48 50.38 1.41
CA GLY C 516 8.43 50.87 2.38
C GLY C 516 9.79 50.21 2.28
N ASP C 517 10.35 49.79 3.41
CA ASP C 517 11.70 49.23 3.46
C ASP C 517 11.63 47.71 3.55
N THR C 518 12.02 47.05 2.47
CA THR C 518 11.98 45.60 2.39
C THR C 518 13.38 45.08 2.13
N CYS C 519 13.59 43.79 2.39
CA CYS C 519 14.86 43.14 2.09
C CYS C 519 15.20 43.28 0.62
N SER C 520 16.49 43.26 0.32
CA SER C 520 16.90 43.49 -1.06
C SER C 520 16.77 42.21 -1.88
N PHE C 521 16.89 41.05 -1.24
CA PHE C 521 16.76 39.79 -1.95
C PHE C 521 15.33 39.47 -2.30
N ALA C 522 14.39 39.75 -1.38
CA ALA C 522 12.99 39.39 -1.57
C ALA C 522 12.35 40.10 -2.75
N GLN C 523 13.05 41.04 -3.38
CA GLN C 523 12.55 41.58 -4.64
C GLN C 523 12.58 40.54 -5.74
#